data_1Z12
# 
_entry.id   1Z12 
# 
_audit_conform.dict_name       mmcif_pdbx.dic 
_audit_conform.dict_version    5.376 
_audit_conform.dict_location   http://mmcif.pdb.org/dictionaries/ascii/mmcif_pdbx.dic 
# 
loop_
_database_2.database_id 
_database_2.database_code 
_database_2.pdbx_database_accession 
_database_2.pdbx_DOI 
PDB   1Z12         pdb_00001z12 10.2210/pdb1z12/pdb 
RCSB  RCSB032163   ?            ?                   
WWPDB D_1000032163 ?            ?                   
# 
loop_
_pdbx_database_related.db_name 
_pdbx_database_related.db_id 
_pdbx_database_related.details 
_pdbx_database_related.content_type 
PDB 1DG9 'Same protein complexed with HEPES'                 unspecified 
PDB 3PNT 'This is the ID code used in the primary citation.' unspecified 
PDB 1Z13 'Same protein complexed with Molybdate'             unspecified 
# 
_pdbx_database_status.status_code                     REL 
_pdbx_database_status.entry_id                        1Z12 
_pdbx_database_status.recvd_initial_deposition_date   2005-03-03 
_pdbx_database_status.deposit_site                    RCSB 
_pdbx_database_status.process_site                    RCSB 
_pdbx_database_status.status_code_sf                  ? 
_pdbx_database_status.status_code_mr                  ? 
_pdbx_database_status.SG_entry                        ? 
_pdbx_database_status.pdb_format_compatible           Y 
_pdbx_database_status.status_code_cs                  ? 
_pdbx_database_status.status_code_nmr_data            ? 
_pdbx_database_status.methods_development_category    ? 
# 
loop_
_audit_author.name 
_audit_author.pdbx_ordinal 
'Zhang, M.'         1 
'Zhou, M.'          2 
'Van Etten, R.L.'   3 
'Stauffacher, C.V.' 4 
# 
_citation.id                        primary 
_citation.title                     
'Crystal Structure of Bovine Low Molecular Weight Phosphotyrosyl Phosphatase Complexed with the Transition State Analog Vanadate' 
_citation.journal_abbrev            Biochemistry 
_citation.journal_volume            36 
_citation.page_first                15 
_citation.page_last                 23 
_citation.year                      1997 
_citation.journal_id_ASTM           BICHAW 
_citation.country                   US 
_citation.journal_id_ISSN           0006-2960 
_citation.journal_id_CSD            0033 
_citation.book_publisher            ? 
_citation.pdbx_database_id_PubMed   8993313 
_citation.pdbx_database_id_DOI      10.1021/bi961804n 
# 
loop_
_citation_author.citation_id 
_citation_author.name 
_citation_author.ordinal 
_citation_author.identifier_ORCID 
primary 'Zhang, M.'         1 ? 
primary 'Zhou, M.'          2 ? 
primary 'Van Etten, R.L.'   3 ? 
primary 'Stauffacher, C.V.' 4 ? 
# 
_cell.entry_id           1Z12 
_cell.length_a           95.300 
_cell.length_b           43.400 
_cell.length_c           41.200 
_cell.angle_alpha        90.00 
_cell.angle_beta         113.40 
_cell.angle_gamma        90.00 
_cell.Z_PDB              4 
_cell.pdbx_unique_axis   ? 
# 
_symmetry.entry_id                         1Z12 
_symmetry.space_group_name_H-M             'C 1 2 1' 
_symmetry.pdbx_full_space_group_name_H-M   ? 
_symmetry.cell_setting                     ? 
_symmetry.Int_Tables_number                5 
_symmetry.space_group_name_Hall            ? 
# 
loop_
_entity.id 
_entity.type 
_entity.src_method 
_entity.pdbx_description 
_entity.formula_weight 
_entity.pdbx_number_of_molecules 
_entity.pdbx_ec 
_entity.pdbx_mutation 
_entity.pdbx_fragment 
_entity.details 
1 polymer     man 'Low molecular weight phosphotyrosine protein phosphatase' 17946.326 1 '3.1.3.48, 3.1.3.2' ? ? ? 
2 non-polymer syn 'VANADATE ION'                                             114.939   1 ?                   ? ? ? 
# 
_entity_keywords.entity_id   1 
_entity_keywords.text        'VO4 bound at Cys 12' 
# 
_entity_name_com.entity_id   1 
_entity_name_com.name        'Low molecular weight cytosolic acid phosphatase, PTPase' 
# 
_entity_poly.entity_id                      1 
_entity_poly.type                           'polypeptide(L)' 
_entity_poly.nstd_linkage                   no 
_entity_poly.nstd_monomer                   no 
_entity_poly.pdbx_seq_one_letter_code       
;AEQVTKSVLFVCLGNICRSPIAEAVFRKLVTDQNISDNWVIDSGAVSDWNVGRSPDPRAVSCLRNHGINTAHKARQVTKE
DFVTFDYILCMDESNLRDLNRKSNQVKNCRAKIELLGSYDPQKQLIIEDPYYGNDADFETVYQQCVRCCRAFLEKVR
;
_entity_poly.pdbx_seq_one_letter_code_can   
;AEQVTKSVLFVCLGNICRSPIAEAVFRKLVTDQNISDNWVIDSGAVSDWNVGRSPDPRAVSCLRNHGINTAHKARQVTKE
DFVTFDYILCMDESNLRDLNRKSNQVKNCRAKIELLGSYDPQKQLIIEDPYYGNDADFETVYQQCVRCCRAFLEKVR
;
_entity_poly.pdbx_strand_id                 A 
_entity_poly.pdbx_target_identifier         ? 
# 
loop_
_entity_poly_seq.entity_id 
_entity_poly_seq.num 
_entity_poly_seq.mon_id 
_entity_poly_seq.hetero 
1 1   ALA n 
1 2   GLU n 
1 3   GLN n 
1 4   VAL n 
1 5   THR n 
1 6   LYS n 
1 7   SER n 
1 8   VAL n 
1 9   LEU n 
1 10  PHE n 
1 11  VAL n 
1 12  CYS n 
1 13  LEU n 
1 14  GLY n 
1 15  ASN n 
1 16  ILE n 
1 17  CYS n 
1 18  ARG n 
1 19  SER n 
1 20  PRO n 
1 21  ILE n 
1 22  ALA n 
1 23  GLU n 
1 24  ALA n 
1 25  VAL n 
1 26  PHE n 
1 27  ARG n 
1 28  LYS n 
1 29  LEU n 
1 30  VAL n 
1 31  THR n 
1 32  ASP n 
1 33  GLN n 
1 34  ASN n 
1 35  ILE n 
1 36  SER n 
1 37  ASP n 
1 38  ASN n 
1 39  TRP n 
1 40  VAL n 
1 41  ILE n 
1 42  ASP n 
1 43  SER n 
1 44  GLY n 
1 45  ALA n 
1 46  VAL n 
1 47  SER n 
1 48  ASP n 
1 49  TRP n 
1 50  ASN n 
1 51  VAL n 
1 52  GLY n 
1 53  ARG n 
1 54  SER n 
1 55  PRO n 
1 56  ASP n 
1 57  PRO n 
1 58  ARG n 
1 59  ALA n 
1 60  VAL n 
1 61  SER n 
1 62  CYS n 
1 63  LEU n 
1 64  ARG n 
1 65  ASN n 
1 66  HIS n 
1 67  GLY n 
1 68  ILE n 
1 69  ASN n 
1 70  THR n 
1 71  ALA n 
1 72  HIS n 
1 73  LYS n 
1 74  ALA n 
1 75  ARG n 
1 76  GLN n 
1 77  VAL n 
1 78  THR n 
1 79  LYS n 
1 80  GLU n 
1 81  ASP n 
1 82  PHE n 
1 83  VAL n 
1 84  THR n 
1 85  PHE n 
1 86  ASP n 
1 87  TYR n 
1 88  ILE n 
1 89  LEU n 
1 90  CYS n 
1 91  MET n 
1 92  ASP n 
1 93  GLU n 
1 94  SER n 
1 95  ASN n 
1 96  LEU n 
1 97  ARG n 
1 98  ASP n 
1 99  LEU n 
1 100 ASN n 
1 101 ARG n 
1 102 LYS n 
1 103 SER n 
1 104 ASN n 
1 105 GLN n 
1 106 VAL n 
1 107 LYS n 
1 108 ASN n 
1 109 CYS n 
1 110 ARG n 
1 111 ALA n 
1 112 LYS n 
1 113 ILE n 
1 114 GLU n 
1 115 LEU n 
1 116 LEU n 
1 117 GLY n 
1 118 SER n 
1 119 TYR n 
1 120 ASP n 
1 121 PRO n 
1 122 GLN n 
1 123 LYS n 
1 124 GLN n 
1 125 LEU n 
1 126 ILE n 
1 127 ILE n 
1 128 GLU n 
1 129 ASP n 
1 130 PRO n 
1 131 TYR n 
1 132 TYR n 
1 133 GLY n 
1 134 ASN n 
1 135 ASP n 
1 136 ALA n 
1 137 ASP n 
1 138 PHE n 
1 139 GLU n 
1 140 THR n 
1 141 VAL n 
1 142 TYR n 
1 143 GLN n 
1 144 GLN n 
1 145 CYS n 
1 146 VAL n 
1 147 ARG n 
1 148 CYS n 
1 149 CYS n 
1 150 ARG n 
1 151 ALA n 
1 152 PHE n 
1 153 LEU n 
1 154 GLU n 
1 155 LYS n 
1 156 VAL n 
1 157 ARG n 
# 
_entity_src_gen.entity_id                          1 
_entity_src_gen.pdbx_src_id                        1 
_entity_src_gen.pdbx_alt_source_flag               sample 
_entity_src_gen.pdbx_seq_type                      ? 
_entity_src_gen.pdbx_beg_seq_num                   ? 
_entity_src_gen.pdbx_end_seq_num                   ? 
_entity_src_gen.gene_src_common_name               cattle 
_entity_src_gen.gene_src_genus                     Bos 
_entity_src_gen.pdbx_gene_src_gene                 ACP1 
_entity_src_gen.gene_src_species                   ? 
_entity_src_gen.gene_src_strain                    ? 
_entity_src_gen.gene_src_tissue                    ? 
_entity_src_gen.gene_src_tissue_fraction           ? 
_entity_src_gen.gene_src_details                   ? 
_entity_src_gen.pdbx_gene_src_fragment             ? 
_entity_src_gen.pdbx_gene_src_scientific_name      'Bos taurus' 
_entity_src_gen.pdbx_gene_src_ncbi_taxonomy_id     9913 
_entity_src_gen.pdbx_gene_src_variant              ? 
_entity_src_gen.pdbx_gene_src_cell_line            ? 
_entity_src_gen.pdbx_gene_src_atcc                 ? 
_entity_src_gen.pdbx_gene_src_organ                ? 
_entity_src_gen.pdbx_gene_src_organelle            ? 
_entity_src_gen.pdbx_gene_src_cell                 ? 
_entity_src_gen.pdbx_gene_src_cellular_location    ? 
_entity_src_gen.host_org_common_name               ? 
_entity_src_gen.pdbx_host_org_scientific_name      'Escherichia coli' 
_entity_src_gen.pdbx_host_org_ncbi_taxonomy_id     562 
_entity_src_gen.host_org_genus                     Escherichia 
_entity_src_gen.pdbx_host_org_gene                 ? 
_entity_src_gen.pdbx_host_org_organ                ? 
_entity_src_gen.host_org_species                   ? 
_entity_src_gen.pdbx_host_org_tissue               ? 
_entity_src_gen.pdbx_host_org_tissue_fraction      ? 
_entity_src_gen.pdbx_host_org_strain               ? 
_entity_src_gen.pdbx_host_org_variant              ? 
_entity_src_gen.pdbx_host_org_cell_line            ? 
_entity_src_gen.pdbx_host_org_atcc                 ? 
_entity_src_gen.pdbx_host_org_culture_collection   ? 
_entity_src_gen.pdbx_host_org_cell                 ? 
_entity_src_gen.pdbx_host_org_organelle            ? 
_entity_src_gen.pdbx_host_org_cellular_location    ? 
_entity_src_gen.pdbx_host_org_vector_type          ? 
_entity_src_gen.pdbx_host_org_vector               ? 
_entity_src_gen.host_org_details                   ? 
_entity_src_gen.expression_system_id               ? 
_entity_src_gen.plasmid_name                       ? 
_entity_src_gen.plasmid_details                    ? 
_entity_src_gen.pdbx_description                   ? 
# 
_struct_ref.id                         1 
_struct_ref.db_name                    UNP 
_struct_ref.db_code                    PPAC_BOVIN 
_struct_ref.pdbx_db_accession          P11064 
_struct_ref.entity_id                  1 
_struct_ref.pdbx_seq_one_letter_code   
;AEQVTKSVLFVCLGNICRSPIAEAVFRKLVTDQNISDNWVIDSGAVSDWNVGRSPDPRAVSCLRNHGINTAHKARQVTKE
DFVTFDYILCMDESNLRDLNRKSNQVKNCRAKIELLGSYDPQKQLIIEDPYYGNDADFETVYQQCVRCCRAFLEKVR
;
_struct_ref.pdbx_align_begin           1 
_struct_ref.pdbx_db_isoform            ? 
# 
_struct_ref_seq.align_id                      1 
_struct_ref_seq.ref_id                        1 
_struct_ref_seq.pdbx_PDB_id_code              1Z12 
_struct_ref_seq.pdbx_strand_id                A 
_struct_ref_seq.seq_align_beg                 1 
_struct_ref_seq.pdbx_seq_align_beg_ins_code   ? 
_struct_ref_seq.seq_align_end                 157 
_struct_ref_seq.pdbx_seq_align_end_ins_code   ? 
_struct_ref_seq.pdbx_db_accession             P11064 
_struct_ref_seq.db_align_beg                  1 
_struct_ref_seq.pdbx_db_align_beg_ins_code    ? 
_struct_ref_seq.db_align_end                  157 
_struct_ref_seq.pdbx_db_align_end_ins_code    ? 
_struct_ref_seq.pdbx_auth_seq_align_beg       1 
_struct_ref_seq.pdbx_auth_seq_align_end       157 
# 
loop_
_chem_comp.id 
_chem_comp.type 
_chem_comp.mon_nstd_flag 
_chem_comp.name 
_chem_comp.pdbx_synonyms 
_chem_comp.formula 
_chem_comp.formula_weight 
ALA 'L-peptide linking' y ALANINE         ? 'C3 H7 N O2'     89.093  
ARG 'L-peptide linking' y ARGININE        ? 'C6 H15 N4 O2 1' 175.209 
ASN 'L-peptide linking' y ASPARAGINE      ? 'C4 H8 N2 O3'    132.118 
ASP 'L-peptide linking' y 'ASPARTIC ACID' ? 'C4 H7 N O4'     133.103 
CYS 'L-peptide linking' y CYSTEINE        ? 'C3 H7 N O2 S'   121.158 
GLN 'L-peptide linking' y GLUTAMINE       ? 'C5 H10 N2 O3'   146.144 
GLU 'L-peptide linking' y 'GLUTAMIC ACID' ? 'C5 H9 N O4'     147.129 
GLY 'peptide linking'   y GLYCINE         ? 'C2 H5 N O2'     75.067  
HIS 'L-peptide linking' y HISTIDINE       ? 'C6 H10 N3 O2 1' 156.162 
ILE 'L-peptide linking' y ISOLEUCINE      ? 'C6 H13 N O2'    131.173 
LEU 'L-peptide linking' y LEUCINE         ? 'C6 H13 N O2'    131.173 
LYS 'L-peptide linking' y LYSINE          ? 'C6 H15 N2 O2 1' 147.195 
MET 'L-peptide linking' y METHIONINE      ? 'C5 H11 N O2 S'  149.211 
PHE 'L-peptide linking' y PHENYLALANINE   ? 'C9 H11 N O2'    165.189 
PRO 'L-peptide linking' y PROLINE         ? 'C5 H9 N O2'     115.130 
SER 'L-peptide linking' y SERINE          ? 'C3 H7 N O3'     105.093 
THR 'L-peptide linking' y THREONINE       ? 'C4 H9 N O3'     119.119 
TRP 'L-peptide linking' y TRYPTOPHAN      ? 'C11 H12 N2 O2'  204.225 
TYR 'L-peptide linking' y TYROSINE        ? 'C9 H11 N O3'    181.189 
VAL 'L-peptide linking' y VALINE          ? 'C5 H11 N O2'    117.146 
VO4 non-polymer         . 'VANADATE ION'  ? 'O4 V -3'        114.939 
# 
_exptl.entry_id          1Z12 
_exptl.method            'X-RAY DIFFRACTION' 
_exptl.crystals_number   3 
# 
_exptl_crystal.id                    1 
_exptl_crystal.density_meas          ? 
_exptl_crystal.density_Matthews      2.17 
_exptl_crystal.density_percent_sol   43.08 
_exptl_crystal.description           ? 
_exptl_crystal.F_000                 ? 
_exptl_crystal.preparation           ? 
# 
_exptl_crystal_grow.crystal_id      1 
_exptl_crystal_grow.method          'VAPOR DIFFUSION, SITTING DROP' 
_exptl_crystal_grow.temp            295 
_exptl_crystal_grow.temp_details    ? 
_exptl_crystal_grow.pH              7.5 
_exptl_crystal_grow.pdbx_details    'PEG 4000, HEPES, Isopropanol, Na2VO4, pH 7.5, VAPOR DIFFUSION, SITTING DROP, temperature 295K' 
_exptl_crystal_grow.pdbx_pH_range   . 
# 
loop_
_diffrn.id 
_diffrn.ambient_temp 
_diffrn.ambient_temp_details 
_diffrn.crystal_id 
1 298 ? 1 
2 298 ? 1 
3 298 ? 1 
# 
loop_
_diffrn_detector.diffrn_id 
_diffrn_detector.detector 
_diffrn_detector.type 
_diffrn_detector.pdbx_collection_date 
_diffrn_detector.details 
1 'IMAGE PLATE' 'RIGAKU RAXIS II' 1995-01-01 ? 
2 'IMAGE PLATE' 'RIGAKU RAXIS II' 1995-01-01 ? 
3 'IMAGE PLATE' 'RIGAKU RAXIS II' 1995-01-01 ? 
# 
loop_
_diffrn_radiation.diffrn_id 
_diffrn_radiation.wavelength_id 
_diffrn_radiation.pdbx_monochromatic_or_laue_m_l 
_diffrn_radiation.monochromator 
_diffrn_radiation.pdbx_diffrn_protocol 
_diffrn_radiation.pdbx_scattering_type 
1 1 M 'Yale Mirrors' 'SINGLE WAVELENGTH' x-ray 
2 1 M 'Yale Mirrors' 'SINGLE WAVELENGTH' x-ray 
3 1 M 'Yale Mirrors' 'SINGLE WAVELENGTH' x-ray 
# 
_diffrn_radiation_wavelength.id           1 
_diffrn_radiation_wavelength.wavelength   1.54 
_diffrn_radiation_wavelength.wt           1.0 
# 
loop_
_diffrn_source.diffrn_id 
_diffrn_source.source 
_diffrn_source.type 
_diffrn_source.pdbx_synchrotron_site 
_diffrn_source.pdbx_synchrotron_beamline 
_diffrn_source.pdbx_wavelength 
_diffrn_source.pdbx_wavelength_list 
1 'ROTATING ANODE' 'RIGAKU RU200' ? ? ? 1.54 
2 'ROTATING ANODE' 'RIGAKU RU200' ? ? ? 1.54 
3 'ROTATING ANODE' 'RIGAKU RU200' ? ? ? 1.54 
# 
_reflns.entry_id                     1Z12 
_reflns.observed_criterion_sigma_F   ? 
_reflns.observed_criterion_sigma_I   ? 
_reflns.d_resolution_high            2.2 
_reflns.d_resolution_low             50 
_reflns.number_all                   ? 
_reflns.number_obs                   6260 
_reflns.percent_possible_obs         80.1 
_reflns.pdbx_Rmerge_I_obs            ? 
_reflns.pdbx_Rsym_value              0.066 
_reflns.pdbx_netI_over_sigmaI        ? 
_reflns.B_iso_Wilson_estimate        ? 
_reflns.pdbx_redundancy              ? 
_reflns.R_free_details               ? 
_reflns.limit_h_max                  ? 
_reflns.limit_h_min                  ? 
_reflns.limit_k_max                  ? 
_reflns.limit_k_min                  ? 
_reflns.limit_l_max                  ? 
_reflns.limit_l_min                  ? 
_reflns.observed_criterion_F_max     ? 
_reflns.observed_criterion_F_min     ? 
_reflns.pdbx_chi_squared             ? 
_reflns.pdbx_scaling_rejects         ? 
_reflns.pdbx_diffrn_id               1,2,3 
_reflns.pdbx_ordinal                 1 
# 
_refine.entry_id                                 1Z12 
_refine.ls_d_res_high                            2.2 
_refine.ls_d_res_low                             20 
_refine.pdbx_ls_sigma_F                          0 
_refine.pdbx_ls_sigma_I                          ? 
_refine.ls_number_reflns_all                     ? 
_refine.ls_number_reflns_obs                     6260 
_refine.ls_number_reflns_R_free                  ? 
_refine.ls_percent_reflns_obs                    ? 
_refine.ls_R_factor_all                          ? 
_refine.ls_R_factor_obs                          0.173 
_refine.ls_R_factor_R_work                       ? 
_refine.ls_R_factor_R_free                       ? 
_refine.ls_redundancy_reflns_obs                 ? 
_refine.pdbx_data_cutoff_high_absF               ? 
_refine.pdbx_data_cutoff_low_absF                ? 
_refine.ls_number_parameters                     ? 
_refine.ls_number_restraints                     ? 
_refine.ls_percent_reflns_R_free                 ? 
_refine.ls_R_factor_R_free_error                 ? 
_refine.ls_R_factor_R_free_error_details         ? 
_refine.pdbx_method_to_determine_struct          'MOLECULAR REPLACEMENT' 
_refine.pdbx_starting_model                      'PDB entry 1DG9' 
_refine.pdbx_ls_cross_valid_method               ? 
_refine.pdbx_R_Free_selection_details            Random 
_refine.pdbx_stereochem_target_val_spec_case     ? 
_refine.pdbx_stereochemistry_target_values       'Engh & Huber' 
_refine.solvent_model_details                    ? 
_refine.solvent_model_param_bsol                 ? 
_refine.solvent_model_param_ksol                 ? 
_refine.occupancy_max                            ? 
_refine.occupancy_min                            ? 
_refine.pdbx_isotropic_thermal_model             ? 
_refine.B_iso_mean                               ? 
_refine.aniso_B[1][1]                            ? 
_refine.aniso_B[1][2]                            ? 
_refine.aniso_B[1][3]                            ? 
_refine.aniso_B[2][2]                            ? 
_refine.aniso_B[2][3]                            ? 
_refine.aniso_B[3][3]                            ? 
_refine.details                                  ? 
_refine.B_iso_min                                ? 
_refine.B_iso_max                                ? 
_refine.correlation_coeff_Fo_to_Fc               ? 
_refine.correlation_coeff_Fo_to_Fc_free          ? 
_refine.pdbx_solvent_vdw_probe_radii             ? 
_refine.pdbx_solvent_ion_probe_radii             ? 
_refine.pdbx_solvent_shrinkage_radii             ? 
_refine.overall_SU_R_Cruickshank_DPI             ? 
_refine.overall_SU_R_free                        ? 
_refine.overall_SU_B                             ? 
_refine.overall_SU_ML                            ? 
_refine.pdbx_overall_ESU_R                       ? 
_refine.pdbx_overall_ESU_R_Free                  ? 
_refine.pdbx_data_cutoff_high_rms_absF           ? 
_refine.ls_wR_factor_R_free                      ? 
_refine.ls_wR_factor_R_work                      ? 
_refine.overall_FOM_free_R_set                   ? 
_refine.overall_FOM_work_R_set                   ? 
_refine.pdbx_refine_id                           'X-RAY DIFFRACTION' 
_refine.pdbx_diffrn_id                           1 
_refine.pdbx_TLS_residual_ADP_flag               ? 
_refine.pdbx_overall_phase_error                 ? 
_refine.pdbx_overall_SU_R_free_Cruickshank_DPI   ? 
_refine.pdbx_overall_SU_R_Blow_DPI               ? 
_refine.pdbx_overall_SU_R_free_Blow_DPI          ? 
# 
_refine_hist.pdbx_refine_id                   'X-RAY DIFFRACTION' 
_refine_hist.cycle_id                         LAST 
_refine_hist.pdbx_number_atoms_protein        1255 
_refine_hist.pdbx_number_atoms_nucleic_acid   0 
_refine_hist.pdbx_number_atoms_ligand         5 
_refine_hist.number_atoms_solvent             0 
_refine_hist.number_atoms_total               1260 
_refine_hist.d_res_high                       2.2 
_refine_hist.d_res_low                        20 
# 
loop_
_refine_ls_restr.type 
_refine_ls_restr.dev_ideal 
_refine_ls_restr.dev_ideal_target 
_refine_ls_restr.weight 
_refine_ls_restr.number 
_refine_ls_restr.pdbx_refine_id 
_refine_ls_restr.pdbx_restraint_function 
t_angle_deg        2.32  ? ? ? 'X-RAY DIFFRACTION' ? 
t_bond_d           0.010 ? ? ? 'X-RAY DIFFRACTION' ? 
t_dihedral_angle_d 14.1  ? ? ? 'X-RAY DIFFRACTION' ? 
# 
_struct.entry_id                  1Z12 
_struct.title                     'Crystal Structure of Bovine Low Molecular Weight PTPase Complexed with Vanadate' 
_struct.pdbx_model_details        ? 
_struct.pdbx_CASP_flag            ? 
_struct.pdbx_model_type_details   ? 
# 
_struct_keywords.entry_id        1Z12 
_struct_keywords.pdbx_keywords   HYDROLASE 
_struct_keywords.text            'PTPase, Vanadate Complex, Hydrolase' 
# 
loop_
_struct_asym.id 
_struct_asym.pdbx_blank_PDB_chainid_flag 
_struct_asym.pdbx_modified 
_struct_asym.entity_id 
_struct_asym.details 
A N N 1 ? 
B N N 2 ? 
# 
_struct_biol.id                    1 
_struct_biol.pdbx_parent_biol_id   ? 
_struct_biol.details               ? 
# 
loop_
_struct_conf.conf_type_id 
_struct_conf.id 
_struct_conf.pdbx_PDB_helix_id 
_struct_conf.beg_label_comp_id 
_struct_conf.beg_label_asym_id 
_struct_conf.beg_label_seq_id 
_struct_conf.pdbx_beg_PDB_ins_code 
_struct_conf.end_label_comp_id 
_struct_conf.end_label_asym_id 
_struct_conf.end_label_seq_id 
_struct_conf.pdbx_end_PDB_ins_code 
_struct_conf.beg_auth_comp_id 
_struct_conf.beg_auth_asym_id 
_struct_conf.beg_auth_seq_id 
_struct_conf.end_auth_comp_id 
_struct_conf.end_auth_asym_id 
_struct_conf.end_auth_seq_id 
_struct_conf.pdbx_PDB_helix_class 
_struct_conf.details 
_struct_conf.pdbx_PDB_helix_length 
HELX_P HELX_P1 1 ARG A 18  ? GLN A 33  ? ARG A 18  GLN A 33  1 ? 16 
HELX_P HELX_P2 2 ILE A 35  ? ASP A 37  ? ILE A 35  ASP A 37  5 ? 3  
HELX_P HELX_P3 3 ASP A 56  ? HIS A 66  ? ASP A 56  HIS A 66  1 ? 11 
HELX_P HELX_P4 4 GLU A 80  ? PHE A 85  ? GLU A 80  PHE A 85  1 ? 6  
HELX_P HELX_P5 5 ASP A 92  ? GLN A 105 ? ASP A 92  GLN A 105 1 ? 14 
HELX_P HELX_P6 6 GLY A 117 ? ASP A 120 ? GLY A 117 ASP A 120 5 ? 4  
HELX_P HELX_P7 7 ASN A 134 ? ARG A 157 ? ASN A 134 ARG A 157 1 ? 24 
# 
_struct_conf_type.id          HELX_P 
_struct_conf_type.criteria    ? 
_struct_conf_type.reference   ? 
# 
_struct_conn.id                            metalc1 
_struct_conn.conn_type_id                  metalc 
_struct_conn.pdbx_leaving_atom_flag        ? 
_struct_conn.pdbx_PDB_id                   ? 
_struct_conn.ptnr1_label_asym_id           A 
_struct_conn.ptnr1_label_comp_id           CYS 
_struct_conn.ptnr1_label_seq_id            12 
_struct_conn.ptnr1_label_atom_id           SG 
_struct_conn.pdbx_ptnr1_label_alt_id       ? 
_struct_conn.pdbx_ptnr1_PDB_ins_code       ? 
_struct_conn.pdbx_ptnr1_standard_comp_id   ? 
_struct_conn.ptnr1_symmetry                1_555 
_struct_conn.ptnr2_label_asym_id           B 
_struct_conn.ptnr2_label_comp_id           VO4 
_struct_conn.ptnr2_label_seq_id            . 
_struct_conn.ptnr2_label_atom_id           V 
_struct_conn.pdbx_ptnr2_label_alt_id       ? 
_struct_conn.pdbx_ptnr2_PDB_ins_code       ? 
_struct_conn.ptnr1_auth_asym_id            A 
_struct_conn.ptnr1_auth_comp_id            CYS 
_struct_conn.ptnr1_auth_seq_id             12 
_struct_conn.ptnr2_auth_asym_id            A 
_struct_conn.ptnr2_auth_comp_id            VO4 
_struct_conn.ptnr2_auth_seq_id             158 
_struct_conn.ptnr2_symmetry                1_555 
_struct_conn.pdbx_ptnr3_label_atom_id      ? 
_struct_conn.pdbx_ptnr3_label_seq_id       ? 
_struct_conn.pdbx_ptnr3_label_comp_id      ? 
_struct_conn.pdbx_ptnr3_label_asym_id      ? 
_struct_conn.pdbx_ptnr3_label_alt_id       ? 
_struct_conn.pdbx_ptnr3_PDB_ins_code       ? 
_struct_conn.details                       ? 
_struct_conn.pdbx_dist_value               2.158 
_struct_conn.pdbx_value_order              ? 
_struct_conn.pdbx_role                     ? 
# 
_struct_conn_type.id          metalc 
_struct_conn_type.criteria    ? 
_struct_conn_type.reference   ? 
# 
_struct_sheet.id               A 
_struct_sheet.type             ? 
_struct_sheet.number_strands   4 
_struct_sheet.details          ? 
# 
loop_
_struct_sheet_order.sheet_id 
_struct_sheet_order.range_id_1 
_struct_sheet_order.range_id_2 
_struct_sheet_order.offset 
_struct_sheet_order.sense 
A 1 2 ? parallel 
A 2 3 ? parallel 
A 3 4 ? parallel 
# 
loop_
_struct_sheet_range.sheet_id 
_struct_sheet_range.id 
_struct_sheet_range.beg_label_comp_id 
_struct_sheet_range.beg_label_asym_id 
_struct_sheet_range.beg_label_seq_id 
_struct_sheet_range.pdbx_beg_PDB_ins_code 
_struct_sheet_range.end_label_comp_id 
_struct_sheet_range.end_label_asym_id 
_struct_sheet_range.end_label_seq_id 
_struct_sheet_range.pdbx_end_PDB_ins_code 
_struct_sheet_range.beg_auth_comp_id 
_struct_sheet_range.beg_auth_asym_id 
_struct_sheet_range.beg_auth_seq_id 
_struct_sheet_range.end_auth_comp_id 
_struct_sheet_range.end_auth_asym_id 
_struct_sheet_range.end_auth_seq_id 
A 1 TRP A 39  ? ALA A 45  ? TRP A 39  ALA A 45  
A 2 LYS A 6   ? CYS A 12  ? LYS A 6   CYS A 12  
A 3 TYR A 87  ? CYS A 90  ? TYR A 87  CYS A 90  
A 4 LYS A 112 ? LEU A 115 ? LYS A 112 LEU A 115 
# 
loop_
_pdbx_struct_sheet_hbond.sheet_id 
_pdbx_struct_sheet_hbond.range_id_1 
_pdbx_struct_sheet_hbond.range_id_2 
_pdbx_struct_sheet_hbond.range_1_label_atom_id 
_pdbx_struct_sheet_hbond.range_1_label_comp_id 
_pdbx_struct_sheet_hbond.range_1_label_asym_id 
_pdbx_struct_sheet_hbond.range_1_label_seq_id 
_pdbx_struct_sheet_hbond.range_1_PDB_ins_code 
_pdbx_struct_sheet_hbond.range_1_auth_atom_id 
_pdbx_struct_sheet_hbond.range_1_auth_comp_id 
_pdbx_struct_sheet_hbond.range_1_auth_asym_id 
_pdbx_struct_sheet_hbond.range_1_auth_seq_id 
_pdbx_struct_sheet_hbond.range_2_label_atom_id 
_pdbx_struct_sheet_hbond.range_2_label_comp_id 
_pdbx_struct_sheet_hbond.range_2_label_asym_id 
_pdbx_struct_sheet_hbond.range_2_label_seq_id 
_pdbx_struct_sheet_hbond.range_2_PDB_ins_code 
_pdbx_struct_sheet_hbond.range_2_auth_atom_id 
_pdbx_struct_sheet_hbond.range_2_auth_comp_id 
_pdbx_struct_sheet_hbond.range_2_auth_asym_id 
_pdbx_struct_sheet_hbond.range_2_auth_seq_id 
A 1 2 O ASP A 42 ? O ASP A 42 N PHE A 10  ? N PHE A 10  
A 2 3 N LEU A 9  ? N LEU A 9  O TYR A 87  ? O TYR A 87  
A 3 4 N ILE A 88 ? N ILE A 88 O GLU A 114 ? O GLU A 114 
# 
_struct_site.id                   AC1 
_struct_site.pdbx_evidence_code   Software 
_struct_site.pdbx_auth_asym_id    A 
_struct_site.pdbx_auth_comp_id    VO4 
_struct_site.pdbx_auth_seq_id     158 
_struct_site.pdbx_auth_ins_code   ? 
_struct_site.pdbx_num_residues    7 
_struct_site.details              'BINDING SITE FOR RESIDUE VO4 A 158' 
# 
loop_
_struct_site_gen.id 
_struct_site_gen.site_id 
_struct_site_gen.pdbx_num_res 
_struct_site_gen.label_comp_id 
_struct_site_gen.label_asym_id 
_struct_site_gen.label_seq_id 
_struct_site_gen.pdbx_auth_ins_code 
_struct_site_gen.auth_comp_id 
_struct_site_gen.auth_asym_id 
_struct_site_gen.auth_seq_id 
_struct_site_gen.label_atom_id 
_struct_site_gen.label_alt_id 
_struct_site_gen.symmetry 
_struct_site_gen.details 
1 AC1 7 CYS A 12 ? CYS A 12 . ? 1_555 ? 
2 AC1 7 LEU A 13 ? LEU A 13 . ? 1_555 ? 
3 AC1 7 GLY A 14 ? GLY A 14 . ? 1_555 ? 
4 AC1 7 ASN A 15 ? ASN A 15 . ? 1_555 ? 
5 AC1 7 ILE A 16 ? ILE A 16 . ? 1_555 ? 
6 AC1 7 CYS A 17 ? CYS A 17 . ? 1_555 ? 
7 AC1 7 ARG A 18 ? ARG A 18 . ? 1_555 ? 
# 
_atom_sites.entry_id                    1Z12 
_atom_sites.fract_transf_matrix[1][1]   0.00936324 
_atom_sites.fract_transf_matrix[1][2]   -0.00554911 
_atom_sites.fract_transf_matrix[1][3]   0.00350156 
_atom_sites.fract_transf_matrix[2][1]   0.00817207 
_atom_sites.fract_transf_matrix[2][2]   0.01952869 
_atom_sites.fract_transf_matrix[2][3]   0.00909590 
_atom_sites.fract_transf_matrix[3][1]   -0.00234860 
_atom_sites.fract_transf_matrix[3][2]   -0.01030833 
_atom_sites.fract_transf_matrix[3][3]   0.02424183 
_atom_sites.fract_transf_vector[1]      0.320016 
_atom_sites.fract_transf_vector[2]      0.727511 
_atom_sites.fract_transf_vector[3]      0.837152 
# 
loop_
_atom_type.symbol 
C 
N 
O 
S 
V 
# 
loop_
_atom_site.group_PDB 
_atom_site.id 
_atom_site.type_symbol 
_atom_site.label_atom_id 
_atom_site.label_alt_id 
_atom_site.label_comp_id 
_atom_site.label_asym_id 
_atom_site.label_entity_id 
_atom_site.label_seq_id 
_atom_site.pdbx_PDB_ins_code 
_atom_site.Cartn_x 
_atom_site.Cartn_y 
_atom_site.Cartn_z 
_atom_site.occupancy 
_atom_site.B_iso_or_equiv 
_atom_site.pdbx_formal_charge 
_atom_site.auth_seq_id 
_atom_site.auth_comp_id 
_atom_site.auth_asym_id 
_atom_site.auth_atom_id 
_atom_site.pdbx_PDB_model_num 
ATOM   1    N N   . ALA A 1 1   ? -2.495  -27.793 1.683   1.00 92.53  ? 1   ALA A N   1 
ATOM   2    C CA  . ALA A 1 1   ? -1.901  -26.507 1.362   1.00 96.14  ? 1   ALA A CA  1 
ATOM   3    C C   . ALA A 1 1   ? -1.400  -25.804 2.624   1.00 99.06  ? 1   ALA A C   1 
ATOM   4    O O   . ALA A 1 1   ? -2.216  -25.518 3.505   1.00 100.00 ? 1   ALA A O   1 
ATOM   5    C CB  . ALA A 1 1   ? -2.904  -25.647 0.604   1.00 97.07  ? 1   ALA A CB  1 
ATOM   6    N N   . GLU A 1 2   ? -0.070  -25.548 2.727   1.00 100.00 ? 2   GLU A N   1 
ATOM   7    C CA  . GLU A 1 2   ? 0.525   -24.915 3.922   1.00 100.00 ? 2   GLU A CA  1 
ATOM   8    C C   . GLU A 1 2   ? 1.908   -24.213 3.789   1.00 100.00 ? 2   GLU A C   1 
ATOM   9    O O   . GLU A 1 2   ? 2.933   -24.804 3.405   1.00 100.00 ? 2   GLU A O   1 
ATOM   10   C CB  . GLU A 1 2   ? 0.577   -25.925 5.095   1.00 100.00 ? 2   GLU A CB  1 
ATOM   11   C CG  . GLU A 1 2   ? 0.507   -25.280 6.497   1.00 100.00 ? 2   GLU A CG  1 
ATOM   12   C CD  . GLU A 1 2   ? -0.861  -24.720 6.805   1.00 100.00 ? 2   GLU A CD  1 
ATOM   13   O OE1 . GLU A 1 2   ? -1.446  -23.941 6.065   1.00 100.00 ? 2   GLU A OE1 1 
ATOM   14   O OE2 . GLU A 1 2   ? -1.381  -25.227 7.905   1.00 100.00 ? 2   GLU A OE2 1 
ATOM   15   N N   . GLN A 1 3   ? 1.957   -22.938 4.211   1.00 97.46  ? 3   GLN A N   1 
ATOM   16   C CA  . GLN A 1 3   ? 3.152   -22.098 4.205   1.00 91.95  ? 3   GLN A CA  1 
ATOM   17   C C   . GLN A 1 3   ? 3.173   -21.157 5.410   1.00 86.85  ? 3   GLN A C   1 
ATOM   18   O O   . GLN A 1 3   ? 2.498   -21.400 6.411   1.00 89.12  ? 3   GLN A O   1 
ATOM   19   C CB  . GLN A 1 3   ? 3.308   -21.414 2.835   1.00 91.53  ? 3   GLN A CB  1 
ATOM   20   C CG  . GLN A 1 3   ? 1.958   -20.837 2.360   1.00 91.75  ? 3   GLN A CG  1 
ATOM   21   C CD  . GLN A 1 3   ? 1.731   -20.941 0.859   1.00 92.03  ? 3   GLN A CD  1 
ATOM   22   O OE1 . GLN A 1 3   ? 0.698   -20.501 0.339   1.00 92.23  ? 3   GLN A OE1 1 
ATOM   23   N NE2 . GLN A 1 3   ? 2.642   -21.622 0.168   1.00 92.10  ? 3   GLN A NE2 1 
ATOM   24   N N   . VAL A 1 4   ? 3.973   -20.102 5.385   1.00 78.56  ? 4   VAL A N   1 
ATOM   25   C CA  . VAL A 1 4   ? 3.980   -19.200 6.529   1.00 68.73  ? 4   VAL A CA  1 
ATOM   26   C C   . VAL A 1 4   ? 3.002   -18.059 6.280   1.00 60.69  ? 4   VAL A C   1 
ATOM   27   O O   . VAL A 1 4   ? 2.595   -17.848 5.143   1.00 60.98  ? 4   VAL A O   1 
ATOM   28   C CB  . VAL A 1 4   ? 5.379   -18.664 6.856   1.00 65.34  ? 4   VAL A CB  1 
ATOM   29   C CG1 . VAL A 1 4   ? 5.890   -17.697 5.786   1.00 63.31  ? 4   VAL A CG1 1 
ATOM   30   C CG2 . VAL A 1 4   ? 5.394   -17.996 8.225   1.00 63.84  ? 4   VAL A CG2 1 
ATOM   31   N N   . THR A 1 5   ? 2.606   -17.331 7.320   1.00 53.53  ? 5   THR A N   1 
ATOM   32   C CA  . THR A 1 5   ? 1.714   -16.201 7.105   1.00 49.07  ? 5   THR A CA  1 
ATOM   33   C C   . THR A 1 5   ? 2.549   -14.909 7.011   1.00 38.26  ? 5   THR A C   1 
ATOM   34   O O   . THR A 1 5   ? 3.366   -14.618 7.872   1.00 35.94  ? 5   THR A O   1 
ATOM   35   C CB  . THR A 1 5   ? 0.578   -16.180 8.151   1.00 54.54  ? 5   THR A CB  1 
ATOM   36   O OG1 . THR A 1 5   ? -0.362  -15.136 7.924   1.00 54.57  ? 5   THR A OG1 1 
ATOM   37   C CG2 . THR A 1 5   ? 1.207   -16.097 9.541   1.00 57.13  ? 5   THR A CG2 1 
ATOM   38   N N   . LYS A 1 6   ? 2.416   -14.174 5.902   1.00 32.48  ? 6   LYS A N   1 
ATOM   39   C CA  . LYS A 1 6   ? 3.169   -12.965 5.563   1.00 22.23  ? 6   LYS A CA  1 
ATOM   40   C C   . LYS A 1 6   ? 2.280   -11.755 5.623   1.00 15.63  ? 6   LYS A C   1 
ATOM   41   O O   . LYS A 1 6   ? 1.074   -11.831 5.351   1.00 14.64  ? 6   LYS A O   1 
ATOM   42   C CB  . LYS A 1 6   ? 3.778   -13.120 4.183   1.00 19.60  ? 6   LYS A CB  1 
ATOM   43   C CG  . LYS A 1 6   ? 4.846   -14.197 4.131   1.00 23.74  ? 6   LYS A CG  1 
ATOM   44   C CD  . LYS A 1 6   ? 5.512   -14.284 2.761   1.00 32.17  ? 6   LYS A CD  1 
ATOM   45   C CE  . LYS A 1 6   ? 6.808   -15.086 2.776   1.00 39.81  ? 6   LYS A CE  1 
ATOM   46   N NZ  . LYS A 1 6   ? 6.665   -16.480 3.238   1.00 42.12  ? 6   LYS A NZ  1 
ATOM   47   N N   . SER A 1 7   ? 2.874   -10.639 6.002   1.00 16.66  ? 7   SER A N   1 
ATOM   48   C CA  . SER A 1 7   ? 2.075   -9.412  6.198   1.00 20.10  ? 7   SER A CA  1 
ATOM   49   C C   . SER A 1 7   ? 2.600   -8.118  5.539   1.00 16.50  ? 7   SER A C   1 
ATOM   50   O O   . SER A 1 7   ? 3.772   -7.748  5.643   1.00 19.42  ? 7   SER A O   1 
ATOM   51   C CB  . SER A 1 7   ? 1.850   -9.236  7.693   1.00 19.28  ? 7   SER A CB  1 
ATOM   52   O OG  . SER A 1 7   ? 3.107   -9.001  8.333   1.00 24.67  ? 7   SER A OG  1 
ATOM   53   N N   . VAL A 1 8   ? 1.734   -7.378  4.861   1.00 11.53  ? 8   VAL A N   1 
ATOM   54   C CA  . VAL A 1 8   ? 2.194   -6.163  4.272   1.00 12.77  ? 8   VAL A CA  1 
ATOM   55   C C   . VAL A 1 8   ? 1.228   -5.029  4.557   1.00 13.52  ? 8   VAL A C   1 
ATOM   56   O O   . VAL A 1 8   ? 0.000   -5.213  4.541   1.00 12.42  ? 8   VAL A O   1 
ATOM   57   C CB  . VAL A 1 8   ? 2.441   -6.361  2.785   1.00 19.82  ? 8   VAL A CB  1 
ATOM   58   C CG1 . VAL A 1 8   ? 1.123   -6.668  2.080   1.00 19.02  ? 8   VAL A CG1 1 
ATOM   59   C CG2 . VAL A 1 8   ? 3.153   -5.177  2.131   1.00 17.27  ? 8   VAL A CG2 1 
ATOM   60   N N   . LEU A 1 9   ? 1.804   -3.872  4.903   1.00 10.46  ? 9   LEU A N   1 
ATOM   61   C CA  . LEU A 1 9   ? 1.046   -2.666  5.174   1.00 11.95  ? 9   LEU A CA  1 
ATOM   62   C C   . LEU A 1 9   ? 1.434   -1.636  4.147   1.00 9.02   ? 9   LEU A C   1 
ATOM   63   O O   . LEU A 1 9   ? 2.605   -1.344  4.019   1.00 10.99  ? 9   LEU A O   1 
ATOM   64   C CB  . LEU A 1 9   ? 1.447   -2.124  6.576   1.00 14.23  ? 9   LEU A CB  1 
ATOM   65   C CG  . LEU A 1 9   ? 0.774   -0.797  6.989   1.00 13.38  ? 9   LEU A CG  1 
ATOM   66   C CD1 . LEU A 1 9   ? -0.737  -0.966  7.041   1.00 13.29  ? 9   LEU A CD1 1 
ATOM   67   C CD2 . LEU A 1 9   ? 1.202   -0.343  8.402   1.00 12.92  ? 9   LEU A CD2 1 
ATOM   68   N N   . PHE A 1 10  ? 0.493   -1.120  3.376   1.00 6.37   ? 10  PHE A N   1 
ATOM   69   C CA  . PHE A 1 10  ? 0.767   -0.128  2.372   1.00 10.98  ? 10  PHE A CA  1 
ATOM   70   C C   . PHE A 1 10  ? 0.529   1.266   2.940   1.00 15.15  ? 10  PHE A C   1 
ATOM   71   O O   . PHE A 1 10  ? -0.570  1.520   3.401   1.00 16.42  ? 10  PHE A O   1 
ATOM   72   C CB  . PHE A 1 10  ? -0.107  -0.359  1.108   1.00 16.44  ? 10  PHE A CB  1 
ATOM   73   C CG  . PHE A 1 10  ? 0.181   -1.653  0.337   1.00 18.20  ? 10  PHE A CG  1 
ATOM   74   C CD1 . PHE A 1 10  ? -0.597  -2.795  0.534   1.00 15.04  ? 10  PHE A CD1 1 
ATOM   75   C CD2 . PHE A 1 10  ? 1.249   -1.742  -0.562  1.00 16.95  ? 10  PHE A CD2 1 
ATOM   76   C CE1 . PHE A 1 10  ? -0.310  -3.967  -0.166  1.00 11.62  ? 10  PHE A CE1 1 
ATOM   77   C CE2 . PHE A 1 10  ? 1.562   -2.915  -1.257  1.00 19.21  ? 10  PHE A CE2 1 
ATOM   78   C CZ  . PHE A 1 10  ? 0.778   -4.045  -1.034  1.00 14.16  ? 10  PHE A CZ  1 
ATOM   79   N N   . VAL A 1 11  ? 1.507   2.182   2.836   1.00 12.68  ? 11  VAL A N   1 
ATOM   80   C CA  . VAL A 1 11  ? 1.434   3.549   3.391   1.00 14.64  ? 11  VAL A CA  1 
ATOM   81   C C   . VAL A 1 11  ? 1.516   4.788   2.486   1.00 18.72  ? 11  VAL A C   1 
ATOM   82   O O   . VAL A 1 11  ? 2.375   4.915   1.633   1.00 21.48  ? 11  VAL A O   1 
ATOM   83   C CB  . VAL A 1 11  ? 2.343   3.751   4.594   1.00 12.13  ? 11  VAL A CB  1 
ATOM   84   C CG1 . VAL A 1 11  ? 1.912   5.039   5.261   1.00 16.15  ? 11  VAL A CG1 1 
ATOM   85   C CG2 . VAL A 1 11  ? 2.183   2.618   5.592   1.00 11.53  ? 11  VAL A CG2 1 
ATOM   86   N N   . CYS A 1 12  ? 0.616   5.748   2.725   1.00 19.47  ? 12  CYS A N   1 
ATOM   87   C CA  . CYS A 1 12  ? 0.594   7.026   2.048   1.00 22.64  ? 12  CYS A CA  1 
ATOM   88   C C   . CYS A 1 12  ? 0.364   8.100   3.119   1.00 26.25  ? 12  CYS A C   1 
ATOM   89   O O   . CYS A 1 12  ? 0.184   7.816   4.322   1.00 25.53  ? 12  CYS A O   1 
ATOM   90   C CB  . CYS A 1 12  ? -0.192  7.174   0.701   1.00 23.63  ? 12  CYS A CB  1 
ATOM   91   S SG  . CYS A 1 12  ? -1.944  7.676   0.663   1.00 29.29  ? 12  CYS A SG  1 
ATOM   92   N N   . LEU A 1 13  ? 0.378   9.349   2.700   1.00 22.07  ? 13  LEU A N   1 
ATOM   93   C CA  . LEU A 1 13  ? 0.184   10.395  3.666   1.00 27.85  ? 13  LEU A CA  1 
ATOM   94   C C   . LEU A 1 13  ? -1.191  10.396  4.313   1.00 26.57  ? 13  LEU A C   1 
ATOM   95   O O   . LEU A 1 13  ? -1.317  10.497  5.545   1.00 21.69  ? 13  LEU A O   1 
ATOM   96   C CB  . LEU A 1 13  ? 0.348   11.757  2.993   1.00 26.71  ? 13  LEU A CB  1 
ATOM   97   C CG  . LEU A 1 13  ? 0.141   12.864  4.023   1.00 28.82  ? 13  LEU A CG  1 
ATOM   98   C CD1 . LEU A 1 13  ? 1.097   12.700  5.203   1.00 26.30  ? 13  LEU A CD1 1 
ATOM   99   C CD2 . LEU A 1 13  ? 0.309   14.216  3.335   1.00 31.00  ? 13  LEU A CD2 1 
ATOM   100  N N   . GLY A 1 14  ? -2.176  10.367  3.411   1.00 21.30  ? 14  GLY A N   1 
ATOM   101  C CA  . GLY A 1 14  ? -3.552  10.395  3.782   1.00 20.47  ? 14  GLY A CA  1 
ATOM   102  C C   . GLY A 1 14  ? -4.258  9.042   3.730   1.00 25.46  ? 14  GLY A C   1 
ATOM   103  O O   . GLY A 1 14  ? -5.361  8.932   4.275   1.00 26.97  ? 14  GLY A O   1 
ATOM   104  N N   . ASN A 1 15  ? -3.706  8.010   3.081   1.00 21.00  ? 15  ASN A N   1 
ATOM   105  C CA  . ASN A 1 15  ? -4.480  6.769   3.029   1.00 19.46  ? 15  ASN A CA  1 
ATOM   106  C C   . ASN A 1 15  ? -5.896  6.918   2.407   1.00 17.91  ? 15  ASN A C   1 
ATOM   107  O O   . ASN A 1 15  ? -6.871  6.332   2.915   1.00 15.20  ? 15  ASN A O   1 
ATOM   108  C CB  . ASN A 1 15  ? -4.544  6.037   4.385   1.00 19.91  ? 15  ASN A CB  1 
ATOM   109  C CG  . ASN A 1 15  ? -5.096  4.595   4.299   1.00 23.61  ? 15  ASN A CG  1 
ATOM   110  O OD1 . ASN A 1 15  ? -5.777  4.080   5.217   1.00 22.50  ? 15  ASN A OD1 1 
ATOM   111  N ND2 . ASN A 1 15  ? -4.655  3.850   3.288   1.00 19.67  ? 15  ASN A ND2 1 
ATOM   112  N N   . ILE A 1 16  ? -6.037  7.778   1.371   1.00 16.04  ? 16  ILE A N   1 
ATOM   113  C CA  . ILE A 1 16  ? -7.242  8.025   0.606   1.00 20.14  ? 16  ILE A CA  1 
ATOM   114  C C   . ILE A 1 16  ? -7.049  7.840   -0.900  1.00 23.69  ? 16  ILE A C   1 
ATOM   115  O O   . ILE A 1 16  ? -7.950  7.421   -1.639  1.00 27.94  ? 16  ILE A O   1 
ATOM   116  C CB  . ILE A 1 16  ? -7.992  9.344   0.815   1.00 25.53  ? 16  ILE A CB  1 
ATOM   117  C CG1 . ILE A 1 16  ? -7.148  10.551  0.462   1.00 27.47  ? 16  ILE A CG1 1 
ATOM   118  C CG2 . ILE A 1 16  ? -8.590  9.456   2.207   1.00 29.71  ? 16  ILE A CG2 1 
ATOM   119  C CD1 . ILE A 1 16  ? -7.984  11.814  0.303   1.00 26.06  ? 16  ILE A CD1 1 
ATOM   120  N N   . CYS A 1 17  ? -5.917  8.217   -1.419  1.00 21.04  ? 17  CYS A N   1 
ATOM   121  C CA  . CYS A 1 17  ? -5.822  8.028   -2.825  1.00 23.97  ? 17  CYS A CA  1 
ATOM   122  C C   . CYS A 1 17  ? -5.027  6.806   -3.241  1.00 26.41  ? 17  CYS A C   1 
ATOM   123  O O   . CYS A 1 17  ? -5.602  5.897   -3.837  1.00 26.01  ? 17  CYS A O   1 
ATOM   124  C CB  . CYS A 1 17  ? -5.321  9.296   -3.509  1.00 26.53  ? 17  CYS A CB  1 
ATOM   125  S SG  . CYS A 1 17  ? -6.526  10.586  -3.225  1.00 30.39  ? 17  CYS A SG  1 
ATOM   126  N N   . ARG A 1 18  ? -3.742  6.770   -2.850  1.00 25.32  ? 18  ARG A N   1 
ATOM   127  C CA  . ARG A 1 18  ? -2.773  5.747   -3.251  1.00 22.45  ? 18  ARG A CA  1 
ATOM   128  C C   . ARG A 1 18  ? -2.682  4.402   -2.501  1.00 21.93  ? 18  ARG A C   1 
ATOM   129  O O   . ARG A 1 18  ? -2.676  3.330   -3.134  1.00 16.34  ? 18  ARG A O   1 
ATOM   130  C CB  . ARG A 1 18  ? -1.404  6.393   -3.468  1.00 19.82  ? 18  ARG A CB  1 
ATOM   131  C CG  . ARG A 1 18  ? -1.381  7.447   -4.590  1.00 23.24  ? 18  ARG A CG  1 
ATOM   132  C CD  . ARG A 1 18  ? -0.122  8.312   -4.542  1.00 25.52  ? 18  ARG A CD  1 
ATOM   133  N NE  . ARG A 1 18  ? -0.079  8.977   -3.246  1.00 27.40  ? 18  ARG A NE  1 
ATOM   134  C CZ  . ARG A 1 18  ? 0.906   9.712   -2.722  1.00 27.25  ? 18  ARG A CZ  1 
ATOM   135  N NH1 . ARG A 1 18  ? 2.049   9.954   -3.366  1.00 26.62  ? 18  ARG A NH1 1 
ATOM   136  N NH2 . ARG A 1 18  ? 0.745   10.158  -1.473  1.00 23.13  ? 18  ARG A NH2 1 
ATOM   137  N N   . SER A 1 19  ? -2.563  4.442   -1.169  1.00 21.83  ? 19  SER A N   1 
ATOM   138  C CA  . SER A 1 19  ? -2.426  3.207   -0.390  1.00 19.17  ? 19  SER A CA  1 
ATOM   139  C C   . SER A 1 19  ? -3.652  2.307   -0.539  1.00 15.15  ? 19  SER A C   1 
ATOM   140  O O   . SER A 1 19  ? -3.510  1.111   -0.599  1.00 16.06  ? 19  SER A O   1 
ATOM   141  C CB  . SER A 1 19  ? -1.973  3.404   1.064   1.00 13.47  ? 19  SER A CB  1 
ATOM   142  O OG  . SER A 1 19  ? -2.838  4.290   1.728   1.00 13.72  ? 19  SER A OG  1 
ATOM   143  N N   . PRO A 1 20  ? -4.864  2.853   -0.681  1.00 17.64  ? 20  PRO A N   1 
ATOM   144  C CA  . PRO A 1 20  ? -6.023  1.986   -0.927  1.00 20.56  ? 20  PRO A CA  1 
ATOM   145  C C   . PRO A 1 20  ? -5.955  1.372   -2.338  1.00 21.56  ? 20  PRO A C   1 
ATOM   146  O O   . PRO A 1 20  ? -6.447  0.273   -2.551  1.00 26.06  ? 20  PRO A O   1 
ATOM   147  C CB  . PRO A 1 20  ? -7.308  2.840   -0.833  1.00 18.23  ? 20  PRO A CB  1 
ATOM   148  C CG  . PRO A 1 20  ? -6.851  4.252   -0.490  1.00 22.59  ? 20  PRO A CG  1 
ATOM   149  C CD  . PRO A 1 20  ? -5.342  4.201   -0.255  1.00 18.50  ? 20  PRO A CD  1 
ATOM   150  N N   . ILE A 1 21  ? -5.376  2.069   -3.325  1.00 21.21  ? 21  ILE A N   1 
ATOM   151  C CA  . ILE A 1 21  ? -5.244  1.501   -4.663  1.00 17.51  ? 21  ILE A CA  1 
ATOM   152  C C   . ILE A 1 21  ? -4.202  0.423   -4.588  1.00 20.21  ? 21  ILE A C   1 
ATOM   153  O O   . ILE A 1 21  ? -4.453  -0.702  -4.966  1.00 20.66  ? 21  ILE A O   1 
ATOM   154  C CB  . ILE A 1 21  ? -4.929  2.466   -5.803  1.00 11.73  ? 21  ILE A CB  1 
ATOM   155  C CG1 . ILE A 1 21  ? -6.158  3.278   -6.138  1.00 11.44  ? 21  ILE A CG1 1 
ATOM   156  C CG2 . ILE A 1 21  ? -4.569  1.663   -7.061  1.00 14.83  ? 21  ILE A CG2 1 
ATOM   157  C CD1 . ILE A 1 21  ? -5.832  4.562   -6.900  1.00 11.63  ? 21  ILE A CD1 1 
ATOM   158  N N   . ALA A 1 22  ? -3.056  0.731   -4.016  1.00 16.17  ? 22  ALA A N   1 
ATOM   159  C CA  . ALA A 1 22  ? -2.092  -0.320  -3.914  1.00 13.67  ? 22  ALA A CA  1 
ATOM   160  C C   . ALA A 1 22  ? -2.591  -1.489  -3.040  1.00 16.13  ? 22  ALA A C   1 
ATOM   161  O O   . ALA A 1 22  ? -2.263  -2.665  -3.188  1.00 15.67  ? 22  ALA A O   1 
ATOM   162  C CB  . ALA A 1 22  ? -0.860  0.286   -3.287  1.00 11.71  ? 22  ALA A CB  1 
ATOM   163  N N   . GLU A 1 23  ? -3.352  -1.208  -2.004  1.00 14.00  ? 23  GLU A N   1 
ATOM   164  C CA  . GLU A 1 23  ? -3.786  -2.313  -1.168  1.00 13.23  ? 23  GLU A CA  1 
ATOM   165  C C   . GLU A 1 23  ? -4.767  -3.245  -1.892  1.00 15.17  ? 23  GLU A C   1 
ATOM   166  O O   . GLU A 1 23  ? -4.734  -4.456  -1.781  1.00 13.89  ? 23  GLU A O   1 
ATOM   167  C CB  . GLU A 1 23  ? -4.541  -1.733  0.043   1.00 16.23  ? 23  GLU A CB  1 
ATOM   168  C CG  . GLU A 1 23  ? -5.214  -2.818  0.906   1.00 18.27  ? 23  GLU A CG  1 
ATOM   169  C CD  . GLU A 1 23  ? -6.182  -2.319  1.950   1.00 24.86  ? 23  GLU A CD  1 
ATOM   170  O OE1 . GLU A 1 23  ? -6.627  -3.069  2.771   1.00 26.05  ? 23  GLU A OE1 1 
ATOM   171  O OE2 . GLU A 1 23  ? -6.563  -1.059  1.876   1.00 23.74  ? 23  GLU A OE2 1 
ATOM   172  N N   . ALA A 1 24  ? -5.729  -2.664  -2.592  1.00 12.93  ? 24  ALA A N   1 
ATOM   173  C CA  . ALA A 1 24  ? -6.764  -3.425  -3.252  1.00 17.75  ? 24  ALA A CA  1 
ATOM   174  C C   . ALA A 1 24  ? -6.223  -4.252  -4.422  1.00 21.37  ? 24  ALA A C   1 
ATOM   175  O O   . ALA A 1 24  ? -6.674  -5.360  -4.711  1.00 19.28  ? 24  ALA A O   1 
ATOM   176  C CB  . ALA A 1 24  ? -7.895  -2.479  -3.649  1.00 13.08  ? 24  ALA A CB  1 
ATOM   177  N N   . VAL A 1 25  ? -5.215  -3.691  -5.071  1.00 18.80  ? 25  VAL A N   1 
ATOM   178  C CA  . VAL A 1 25  ? -4.604  -4.351  -6.177  1.00 16.50  ? 25  VAL A CA  1 
ATOM   179  C C   . VAL A 1 25  ? -3.899  -5.546  -5.635  1.00 16.96  ? 25  VAL A C   1 
ATOM   180  O O   . VAL A 1 25  ? -4.068  -6.684  -6.076  1.00 15.39  ? 25  VAL A O   1 
ATOM   181  C CB  . VAL A 1 25  ? -3.609  -3.424  -6.846  1.00 15.17  ? 25  VAL A CB  1 
ATOM   182  C CG1 . VAL A 1 25  ? -2.590  -4.240  -7.622  1.00 12.11  ? 25  VAL A CG1 1 
ATOM   183  C CG2 . VAL A 1 25  ? -4.340  -2.471  -7.780  1.00 9.03   ? 25  VAL A CG2 1 
ATOM   184  N N   . PHE A 1 26  ? -3.150  -5.286  -4.596  1.00 16.41  ? 26  PHE A N   1 
ATOM   185  C CA  . PHE A 1 26  ? -2.411  -6.384  -4.022  1.00 16.90  ? 26  PHE A CA  1 
ATOM   186  C C   . PHE A 1 26  ? -3.311  -7.527  -3.523  1.00 21.51  ? 26  PHE A C   1 
ATOM   187  O O   . PHE A 1 26  ? -2.941  -8.706  -3.614  1.00 17.62  ? 26  PHE A O   1 
ATOM   188  C CB  . PHE A 1 26  ? -1.482  -5.863  -2.947  1.00 14.33  ? 26  PHE A CB  1 
ATOM   189  C CG  . PHE A 1 26  ? -0.570  -6.920  -2.459  1.00 14.25  ? 26  PHE A CG  1 
ATOM   190  C CD1 . PHE A 1 26  ? 0.592   -7.205  -3.167  1.00 18.32  ? 26  PHE A CD1 1 
ATOM   191  C CD2 . PHE A 1 26  ? -0.846  -7.598  -1.271  1.00 16.11  ? 26  PHE A CD2 1 
ATOM   192  C CE1 . PHE A 1 26  ? 1.458   -8.200  -2.715  1.00 19.89  ? 26  PHE A CE1 1 
ATOM   193  C CE2 . PHE A 1 26  ? 0.022   -8.581  -0.795  1.00 18.52  ? 26  PHE A CE2 1 
ATOM   194  C CZ  . PHE A 1 26  ? 1.162   -8.888  -1.537  1.00 19.93  ? 26  PHE A CZ  1 
ATOM   195  N N   . ARG A 1 27  ? -4.508  -7.179  -3.004  1.00 16.82  ? 27  ARG A N   1 
ATOM   196  C CA  . ARG A 1 27  ? -5.420  -8.193  -2.537  1.00 18.44  ? 27  ARG A CA  1 
ATOM   197  C C   . ARG A 1 27  ? -5.914  -9.056  -3.682  1.00 22.41  ? 27  ARG A C   1 
ATOM   198  O O   . ARG A 1 27  ? -6.132  -10.266 -3.523  1.00 27.82  ? 27  ARG A O   1 
ATOM   199  C CB  . ARG A 1 27  ? -6.702  -7.624  -1.909  1.00 18.55  ? 27  ARG A CB  1 
ATOM   200  C CG  . ARG A 1 27  ? -6.721  -7.509  -0.403  1.00 17.87  ? 27  ARG A CG  1 
ATOM   201  C CD  . ARG A 1 27  ? -8.094  -7.176  0.179   1.00 11.92  ? 27  ARG A CD  1 
ATOM   202  N NE  . ARG A 1 27  ? -7.840  -6.393  1.364   1.00 18.76  ? 27  ARG A NE  1 
ATOM   203  C CZ  . ARG A 1 27  ? -7.330  -6.843  2.525   1.00 21.36  ? 27  ARG A CZ  1 
ATOM   204  N NH1 . ARG A 1 27  ? -7.036  -8.123  2.698   1.00 18.61  ? 27  ARG A NH1 1 
ATOM   205  N NH2 . ARG A 1 27  ? -7.124  -5.976  3.544   1.00 18.67  ? 27  ARG A NH2 1 
ATOM   206  N N   . LYS A 1 28  ? -6.246  -8.392  -4.794  1.00 19.31  ? 28  LYS A N   1 
ATOM   207  C CA  . LYS A 1 28  ? -6.726  -9.074  -5.987  1.00 18.63  ? 28  LYS A CA  1 
ATOM   208  C C   . LYS A 1 28  ? -5.641  -10.023 -6.516  1.00 21.55  ? 28  LYS A C   1 
ATOM   209  O O   . LYS A 1 28  ? -5.902  -11.100 -7.038  1.00 23.81  ? 28  LYS A O   1 
ATOM   210  C CB  . LYS A 1 28  ? -7.027  -8.007  -7.012  1.00 23.16  ? 28  LYS A CB  1 
ATOM   211  C CG  . LYS A 1 28  ? -7.411  -8.520  -8.387  1.00 29.92  ? 28  LYS A CG  1 
ATOM   212  C CD  . LYS A 1 28  ? -8.850  -8.981  -8.518  1.00 36.99  ? 28  LYS A CD  1 
ATOM   213  C CE  . LYS A 1 28  ? -9.151  -9.545  -9.907  1.00 42.95  ? 28  LYS A CE  1 
ATOM   214  N NZ  . LYS A 1 28  ? -10.594 -9.684  -10.188 1.00 45.79  ? 28  LYS A NZ  1 
ATOM   215  N N   . LEU A 1 29  ? -4.372  -9.662  -6.360  1.00 18.21  ? 29  LEU A N   1 
ATOM   216  C CA  . LEU A 1 29  ? -3.326  -10.521 -6.842  1.00 20.45  ? 29  LEU A CA  1 
ATOM   217  C C   . LEU A 1 29  ? -3.231  -11.782 -6.012  1.00 26.02  ? 29  LEU A C   1 
ATOM   218  O O   . LEU A 1 29  ? -3.132  -12.915 -6.506  1.00 24.84  ? 29  LEU A O   1 
ATOM   219  C CB  . LEU A 1 29  ? -1.963  -9.806  -6.799  1.00 19.52  ? 29  LEU A CB  1 
ATOM   220  C CG  . LEU A 1 29  ? -1.799  -8.720  -7.872  1.00 20.97  ? 29  LEU A CG  1 
ATOM   221  C CD1 . LEU A 1 29  ? -0.413  -8.062  -7.711  1.00 20.39  ? 29  LEU A CD1 1 
ATOM   222  C CD2 . LEU A 1 29  ? -1.920  -9.390  -9.250  1.00 20.77  ? 29  LEU A CD2 1 
ATOM   223  N N   . VAL A 1 30  ? -3.195  -11.559 -4.709  1.00 22.87  ? 30  VAL A N   1 
ATOM   224  C CA  . VAL A 1 30  ? -3.122  -12.677 -3.817  1.00 22.66  ? 30  VAL A CA  1 
ATOM   225  C C   . VAL A 1 30  ? -4.342  -13.569 -3.955  1.00 23.70  ? 30  VAL A C   1 
ATOM   226  O O   . VAL A 1 30  ? -4.283  -14.789 -4.012  1.00 22.24  ? 30  VAL A O   1 
ATOM   227  C CB  . VAL A 1 30  ? -3.007  -12.184 -2.401  1.00 24.74  ? 30  VAL A CB  1 
ATOM   228  C CG1 . VAL A 1 30  ? -3.344  -13.356 -1.499  1.00 26.12  ? 30  VAL A CG1 1 
ATOM   229  C CG2 . VAL A 1 30  ? -1.538  -11.825 -2.228  1.00 25.07  ? 30  VAL A CG2 1 
ATOM   230  N N   . THR A 1 31  ? -5.489  -12.952 -4.009  1.00 23.33  ? 31  THR A N   1 
ATOM   231  C CA  . THR A 1 31  ? -6.638  -13.776 -4.165  1.00 26.03  ? 31  THR A CA  1 
ATOM   232  C C   . THR A 1 31  ? -6.510  -14.591 -5.442  1.00 31.87  ? 31  THR A C   1 
ATOM   233  O O   . THR A 1 31  ? -6.767  -15.788 -5.415  1.00 32.67  ? 31  THR A O   1 
ATOM   234  C CB  . THR A 1 31  ? -7.865  -12.889 -4.233  1.00 23.53  ? 31  THR A CB  1 
ATOM   235  O OG1 . THR A 1 31  ? -8.034  -12.337 -2.956  1.00 25.05  ? 31  THR A OG1 1 
ATOM   236  C CG2 . THR A 1 31  ? -9.069  -13.719 -4.652  1.00 26.78  ? 31  THR A CG2 1 
ATOM   237  N N   . ASP A 1 32  ? -6.100  -13.940 -6.538  1.00 31.97  ? 32  ASP A N   1 
ATOM   238  C CA  . ASP A 1 32  ? -5.924  -14.597 -7.821  1.00 31.91  ? 32  ASP A CA  1 
ATOM   239  C C   . ASP A 1 32  ? -4.848  -15.669 -7.756  1.00 33.11  ? 32  ASP A C   1 
ATOM   240  O O   . ASP A 1 32  ? -4.903  -16.618 -8.515  1.00 36.70  ? 32  ASP A O   1 
ATOM   241  C CB  . ASP A 1 32  ? -5.639  -13.669 -9.022  1.00 32.23  ? 32  ASP A CB  1 
ATOM   242  C CG  . ASP A 1 32  ? -6.791  -12.909 -9.605  1.00 34.93  ? 32  ASP A CG  1 
ATOM   243  O OD1 . ASP A 1 32  ? -6.621  -12.104 -10.481 1.00 40.45  ? 32  ASP A OD1 1 
ATOM   244  O OD2 . ASP A 1 32  ? -7.972  -13.147 -9.109  1.00 35.94  ? 32  ASP A OD2 1 
ATOM   245  N N   . GLN A 1 33  ? -3.879  -15.565 -6.866  1.00 29.51  ? 33  GLN A N   1 
ATOM   246  C CA  . GLN A 1 33  ? -2.905  -16.632 -6.806  1.00 26.95  ? 33  GLN A CA  1 
ATOM   247  C C   . GLN A 1 33  ? -3.312  -17.730 -5.828  1.00 24.67  ? 33  GLN A C   1 
ATOM   248  O O   . GLN A 1 33  ? -2.548  -18.595 -5.413  1.00 26.61  ? 33  GLN A O   1 
ATOM   249  C CB  . GLN A 1 33  ? -1.461  -16.121 -6.697  1.00 31.43  ? 33  GLN A CB  1 
ATOM   250  C CG  . GLN A 1 33  ? -1.147  -15.334 -7.993  1.00 40.51  ? 33  GLN A CG  1 
ATOM   251  C CD  . GLN A 1 33  ? 0.238   -14.712 -8.171  1.00 48.94  ? 33  GLN A CD  1 
ATOM   252  O OE1 . GLN A 1 33  ? 1.254   -15.122 -7.573  1.00 51.12  ? 33  GLN A OE1 1 
ATOM   253  N NE2 . GLN A 1 33  ? 0.272   -13.651 -8.989  1.00 52.48  ? 33  GLN A NE2 1 
ATOM   254  N N   . ASN A 1 34  ? -4.536  -17.660 -5.352  1.00 20.90  ? 34  ASN A N   1 
ATOM   255  C CA  . ASN A 1 34  ? -4.895  -18.692 -4.421  1.00 22.69  ? 34  ASN A CA  1 
ATOM   256  C C   . ASN A 1 34  ? -4.029  -18.705 -3.211  1.00 20.40  ? 34  ASN A C   1 
ATOM   257  O O   . ASN A 1 34  ? -3.842  -19.762 -2.627  1.00 27.04  ? 34  ASN A O   1 
ATOM   258  C CB  . ASN A 1 34  ? -4.958  -20.096 -5.050  1.00 26.05  ? 34  ASN A CB  1 
ATOM   259  C CG  . ASN A 1 34  ? -6.313  -20.306 -5.672  1.00 32.55  ? 34  ASN A CG  1 
ATOM   260  O OD1 . ASN A 1 34  ? -7.312  -20.251 -4.967  1.00 38.67  ? 34  ASN A OD1 1 
ATOM   261  N ND2 . ASN A 1 34  ? -6.399  -20.423 -6.992  1.00 36.26  ? 34  ASN A ND2 1 
ATOM   262  N N   . ILE A 1 35  ? -3.465  -17.557 -2.859  1.00 18.70  ? 35  ILE A N   1 
ATOM   263  C CA  . ILE A 1 35  ? -2.624  -17.482 -1.674  1.00 20.97  ? 35  ILE A CA  1 
ATOM   264  C C   . ILE A 1 35  ? -3.132  -16.540 -0.551  1.00 20.49  ? 35  ILE A C   1 
ATOM   265  O O   . ILE A 1 35  ? -2.390  -16.215 0.358   1.00 19.15  ? 35  ILE A O   1 
ATOM   266  C CB  . ILE A 1 35  ? -1.153  -17.283 -2.032  1.00 22.71  ? 35  ILE A CB  1 
ATOM   267  C CG1 . ILE A 1 35  ? -1.007  -15.981 -2.821  1.00 20.78  ? 35  ILE A CG1 1 
ATOM   268  C CG2 . ILE A 1 35  ? -0.712  -18.433 -2.938  1.00 24.64  ? 35  ILE A CG2 1 
ATOM   269  C CD1 . ILE A 1 35  ? 0.428   -15.686 -3.216  1.00 16.52  ? 35  ILE A CD1 1 
ATOM   270  N N   . SER A 1 36  ? -4.401  -16.130 -0.578  1.00 18.72  ? 36  SER A N   1 
ATOM   271  C CA  . SER A 1 36  ? -4.928  -15.244 0.434   1.00 18.99  ? 36  SER A CA  1 
ATOM   272  C C   . SER A 1 36  ? -4.742  -15.699 1.847   1.00 19.73  ? 36  SER A C   1 
ATOM   273  O O   . SER A 1 36  ? -4.491  -14.877 2.748   1.00 19.06  ? 36  SER A O   1 
ATOM   274  C CB  . SER A 1 36  ? -6.423  -14.991 0.310   1.00 27.08  ? 36  SER A CB  1 
ATOM   275  O OG  . SER A 1 36  ? -6.759  -14.378 -0.911  1.00 34.27  ? 36  SER A OG  1 
ATOM   276  N N   . ASP A 1 37  ? -4.950  -16.991 2.090   1.00 23.27  ? 37  ASP A N   1 
ATOM   277  C CA  . ASP A 1 37  ? -4.907  -17.467 3.475   1.00 25.22  ? 37  ASP A CA  1 
ATOM   278  C C   . ASP A 1 37  ? -3.575  -17.363 4.137   1.00 24.84  ? 37  ASP A C   1 
ATOM   279  O O   . ASP A 1 37  ? -3.487  -17.731 5.296   1.00 24.43  ? 37  ASP A O   1 
ATOM   280  C CB  . ASP A 1 37  ? -5.482  -18.858 3.762   1.00 23.70  ? 37  ASP A CB  1 
ATOM   281  C CG  . ASP A 1 37  ? -6.897  -19.012 3.294   1.00 33.05  ? 37  ASP A CG  1 
ATOM   282  O OD1 . ASP A 1 37  ? -7.872  -18.369 3.684   1.00 35.19  ? 37  ASP A OD1 1 
ATOM   283  O OD2 . ASP A 1 37  ? -6.940  -19.897 2.331   1.00 36.96  ? 37  ASP A OD2 1 
ATOM   284  N N   . ASN A 1 38  ? -2.570  -16.967 3.367   1.00 26.83  ? 38  ASN A N   1 
ATOM   285  C CA  . ASN A 1 38  ? -1.197  -16.874 3.852   1.00 31.46  ? 38  ASN A CA  1 
ATOM   286  C C   . ASN A 1 38  ? -0.742  -15.441 3.999   1.00 26.19  ? 38  ASN A C   1 
ATOM   287  O O   . ASN A 1 38  ? 0.434   -15.175 4.263   1.00 20.32  ? 38  ASN A O   1 
ATOM   288  C CB  . ASN A 1 38  ? -0.248  -17.551 2.839   1.00 37.32  ? 38  ASN A CB  1 
ATOM   289  C CG  . ASN A 1 38  ? -0.620  -19.001 2.599   1.00 44.78  ? 38  ASN A CG  1 
ATOM   290  O OD1 . ASN A 1 38  ? -0.709  -19.802 3.550   1.00 47.01  ? 38  ASN A OD1 1 
ATOM   291  N ND2 . ASN A 1 38  ? -0.947  -19.302 1.342   1.00 46.54  ? 38  ASN A ND2 1 
ATOM   292  N N   . TRP A 1 39  ? -1.674  -14.543 3.691   1.00 22.95  ? 39  TRP A N   1 
ATOM   293  C CA  . TRP A 1 39  ? -1.370  -13.142 3.698   1.00 24.04  ? 39  TRP A CA  1 
ATOM   294  C C   . TRP A 1 39  ? -2.285  -12.332 4.575   1.00 25.17  ? 39  TRP A C   1 
ATOM   295  O O   . TRP A 1 39  ? -3.499  -12.569 4.564   1.00 19.39  ? 39  TRP A O   1 
ATOM   296  C CB  . TRP A 1 39  ? -1.451  -12.613 2.237   1.00 26.13  ? 39  TRP A CB  1 
ATOM   297  C CG  . TRP A 1 39  ? -0.197  -12.870 1.437   1.00 24.72  ? 39  TRP A CG  1 
ATOM   298  C CD1 . TRP A 1 39  ? 0.062   -13.919 0.595   1.00 20.92  ? 39  TRP A CD1 1 
ATOM   299  C CD2 . TRP A 1 39  ? 0.983   -12.050 1.467   1.00 20.34  ? 39  TRP A CD2 1 
ATOM   300  N NE1 . TRP A 1 39  ? 1.343   -13.818 0.114   1.00 19.34  ? 39  TRP A NE1 1 
ATOM   301  C CE2 . TRP A 1 39  ? 1.928   -12.669 0.623   1.00 19.43  ? 39  TRP A CE2 1 
ATOM   302  C CE3 . TRP A 1 39  ? 1.309   -10.862 2.131   1.00 16.11  ? 39  TRP A CE3 1 
ATOM   303  C CZ2 . TRP A 1 39  ? 3.209   -12.135 0.489   1.00 19.73  ? 39  TRP A CZ2 1 
ATOM   304  C CZ3 . TRP A 1 39  ? 2.543   -10.293 1.921   1.00 14.67  ? 39  TRP A CZ3 1 
ATOM   305  C CH2 . TRP A 1 39  ? 3.481   -10.931 1.112   1.00 19.23  ? 39  TRP A CH2 1 
ATOM   306  N N   . VAL A 1 40  ? -1.666  -11.322 5.218   1.00 22.59  ? 40  VAL A N   1 
ATOM   307  C CA  . VAL A 1 40  ? -2.344  -10.280 5.986   1.00 18.08  ? 40  VAL A CA  1 
ATOM   308  C C   . VAL A 1 40  ? -2.039  -8.936  5.298   1.00 18.94  ? 40  VAL A C   1 
ATOM   309  O O   . VAL A 1 40  ? -0.883  -8.596  5.003   1.00 18.77  ? 40  VAL A O   1 
ATOM   310  C CB  . VAL A 1 40  ? -2.052  -10.301 7.484   1.00 22.11  ? 40  VAL A CB  1 
ATOM   311  C CG1 . VAL A 1 40  ? -2.682  -9.089  8.159   1.00 19.83  ? 40  VAL A CG1 1 
ATOM   312  C CG2 . VAL A 1 40  ? -2.540  -11.590 8.140   1.00 18.91  ? 40  VAL A CG2 1 
ATOM   313  N N   . ILE A 1 41  ? -3.057  -8.205  4.888   1.00 16.14  ? 41  ILE A N   1 
ATOM   314  C CA  . ILE A 1 41  ? -2.799  -6.990  4.146   1.00 19.94  ? 41  ILE A CA  1 
ATOM   315  C C   . ILE A 1 41  ? -3.554  -5.809  4.700   1.00 21.68  ? 41  ILE A C   1 
ATOM   316  O O   . ILE A 1 41  ? -4.724  -5.932  5.053   1.00 20.36  ? 41  ILE A O   1 
ATOM   317  C CB  . ILE A 1 41  ? -3.318  -7.160  2.719   1.00 19.31  ? 41  ILE A CB  1 
ATOM   318  C CG1 . ILE A 1 41  ? -2.620  -8.361  2.055   1.00 21.65  ? 41  ILE A CG1 1 
ATOM   319  C CG2 . ILE A 1 41  ? -3.121  -5.855  1.934   1.00 16.82  ? 41  ILE A CG2 1 
ATOM   320  C CD1 . ILE A 1 41  ? -3.123  -8.819  0.671   1.00 22.67  ? 41  ILE A CD1 1 
ATOM   321  N N   . ASP A 1 42  ? -2.939  -4.639  4.666   1.00 17.18  ? 42  ASP A N   1 
ATOM   322  C CA  . ASP A 1 42  ? -3.692  -3.489  5.143   1.00 15.06  ? 42  ASP A CA  1 
ATOM   323  C C   . ASP A 1 42  ? -3.098  -2.197  4.628   1.00 16.11  ? 42  ASP A C   1 
ATOM   324  O O   . ASP A 1 42  ? -1.982  -2.203  4.138   1.00 16.58  ? 42  ASP A O   1 
ATOM   325  C CB  . ASP A 1 42  ? -3.626  -3.474  6.671   1.00 15.47  ? 42  ASP A CB  1 
ATOM   326  C CG  . ASP A 1 42  ? -4.737  -2.658  7.273   1.00 18.87  ? 42  ASP A CG  1 
ATOM   327  O OD1 . ASP A 1 42  ? -5.609  -2.144  6.608   1.00 19.50  ? 42  ASP A OD1 1 
ATOM   328  O OD2 . ASP A 1 42  ? -4.631  -2.545  8.575   1.00 19.38  ? 42  ASP A OD2 1 
ATOM   329  N N   . SER A 1 43  ? -3.802  -1.090  4.762   1.00 14.26  ? 43  SER A N   1 
ATOM   330  C CA  . SER A 1 43  ? -3.243  0.169   4.376   1.00 11.82  ? 43  SER A CA  1 
ATOM   331  C C   . SER A 1 43  ? -3.480  1.158   5.503   1.00 16.73  ? 43  SER A C   1 
ATOM   332  O O   . SER A 1 43  ? -4.407  0.987   6.310   1.00 14.01  ? 43  SER A O   1 
ATOM   333  C CB  . SER A 1 43  ? -3.736  0.704   3.050   1.00 16.50  ? 43  SER A CB  1 
ATOM   334  O OG  . SER A 1 43  ? -5.120  0.970   3.101   1.00 22.33  ? 43  SER A OG  1 
ATOM   335  N N   . GLY A 1 44  ? -2.583  2.154   5.596   1.00 18.25  ? 44  GLY A N   1 
ATOM   336  C CA  . GLY A 1 44  ? -2.660  3.172   6.626   1.00 15.78  ? 44  GLY A CA  1 
ATOM   337  C C   . GLY A 1 44  ? -2.016  4.481   6.195   1.00 19.49  ? 44  GLY A C   1 
ATOM   338  O O   . GLY A 1 44  ? -1.283  4.553   5.197   1.00 19.64  ? 44  GLY A O   1 
ATOM   339  N N   . ALA A 1 45  ? -2.265  5.495   7.015   1.00 18.37  ? 45  ALA A N   1 
ATOM   340  C CA  . ALA A 1 45  ? -1.766  6.839   6.768   1.00 19.26  ? 45  ALA A CA  1 
ATOM   341  C C   . ALA A 1 45  ? -0.741  7.277   7.792   1.00 17.41  ? 45  ALA A C   1 
ATOM   342  O O   . ALA A 1 45  ? -0.780  6.881   8.975   1.00 14.40  ? 45  ALA A O   1 
ATOM   343  C CB  . ALA A 1 45  ? -2.926  7.825   6.839   1.00 14.69  ? 45  ALA A CB  1 
ATOM   344  N N   . VAL A 1 46  ? 0.149   8.120   7.285   1.00 18.42  ? 46  VAL A N   1 
ATOM   345  C CA  . VAL A 1 46  ? 1.158   8.780   8.121   1.00 21.25  ? 46  VAL A CA  1 
ATOM   346  C C   . VAL A 1 46  ? 0.415   9.781   8.996   1.00 20.35  ? 46  VAL A C   1 
ATOM   347  O O   . VAL A 1 46  ? 0.555   9.773   10.191  1.00 11.21  ? 46  VAL A O   1 
ATOM   348  C CB  . VAL A 1 46  ? 2.182   9.534   7.287   1.00 27.12  ? 46  VAL A CB  1 
ATOM   349  C CG1 . VAL A 1 46  ? 2.951   10.458  8.212   1.00 28.21  ? 46  VAL A CG1 1 
ATOM   350  C CG2 . VAL A 1 46  ? 3.133   8.554   6.584   1.00 25.75  ? 46  VAL A CG2 1 
ATOM   351  N N   . SER A 1 47  ? -0.548  10.460  8.366   1.00 23.36  ? 47  SER A N   1 
ATOM   352  C CA  . SER A 1 47  ? -1.393  11.471  8.945   1.00 23.91  ? 47  SER A CA  1 
ATOM   353  C C   . SER A 1 47  ? -2.752  10.980  9.447   1.00 20.77  ? 47  SER A C   1 
ATOM   354  O O   . SER A 1 47  ? -3.353  10.042  8.912   1.00 17.04  ? 47  SER A O   1 
ATOM   355  C CB  . SER A 1 47  ? -1.495  12.616  7.954   1.00 23.72  ? 47  SER A CB  1 
ATOM   356  O OG  . SER A 1 47  ? -2.505  13.523  8.323   1.00 23.63  ? 47  SER A OG  1 
ATOM   357  N N   . ASP A 1 48  ? -3.250  11.690  10.462  1.00 18.23  ? 48  ASP A N   1 
ATOM   358  C CA  . ASP A 1 48  ? -4.514  11.383  11.112  1.00 22.87  ? 48  ASP A CA  1 
ATOM   359  C C   . ASP A 1 48  ? -5.685  12.155  10.550  1.00 23.89  ? 48  ASP A C   1 
ATOM   360  O O   . ASP A 1 48  ? -6.836  11.913  10.890  1.00 26.35  ? 48  ASP A O   1 
ATOM   361  C CB  . ASP A 1 48  ? -4.461  11.476  12.665  1.00 26.06  ? 48  ASP A CB  1 
ATOM   362  C CG  . ASP A 1 48  ? -4.162  12.823  13.291  1.00 28.48  ? 48  ASP A CG  1 
ATOM   363  O OD1 . ASP A 1 48  ? -3.933  13.864  12.691  1.00 28.03  ? 48  ASP A OD1 1 
ATOM   364  O OD2 . ASP A 1 48  ? -4.001  12.707  14.588  1.00 32.43  ? 48  ASP A OD2 1 
ATOM   365  N N   . TRP A 1 49  ? -5.350  13.083  9.677   1.00 21.91  ? 49  TRP A N   1 
ATOM   366  C CA  . TRP A 1 49  ? -6.301  13.996  9.062   1.00 20.95  ? 49  TRP A CA  1 
ATOM   367  C C   . TRP A 1 49  ? -7.529  13.366  8.407   1.00 23.46  ? 49  TRP A C   1 
ATOM   368  O O   . TRP A 1 49  ? -8.620  13.952  8.398   1.00 24.65  ? 49  TRP A O   1 
ATOM   369  C CB  . TRP A 1 49  ? -5.575  14.957  8.103   1.00 17.69  ? 49  TRP A CB  1 
ATOM   370  C CG  . TRP A 1 49  ? -6.444  16.063  7.629   1.00 25.77  ? 49  TRP A CG  1 
ATOM   371  C CD1 . TRP A 1 49  ? -7.039  16.118  6.414   1.00 33.52  ? 49  TRP A CD1 1 
ATOM   372  C CD2 . TRP A 1 49  ? -6.804  17.288  8.299   1.00 31.54  ? 49  TRP A CD2 1 
ATOM   373  N NE1 . TRP A 1 49  ? -7.775  17.275  6.276   1.00 33.67  ? 49  TRP A NE1 1 
ATOM   374  C CE2 . TRP A 1 49  ? -7.647  18.025  7.416   1.00 34.69  ? 49  TRP A CE2 1 
ATOM   375  C CE3 . TRP A 1 49  ? -6.550  17.821  9.562   1.00 32.56  ? 49  TRP A CE3 1 
ATOM   376  C CZ2 . TRP A 1 49  ? -8.200  19.277  7.747   1.00 34.27  ? 49  TRP A CZ2 1 
ATOM   377  C CZ3 . TRP A 1 49  ? -7.103  19.045  9.886   1.00 32.69  ? 49  TRP A CZ3 1 
ATOM   378  C CH2 . TRP A 1 49  ? -7.918  19.766  8.998   1.00 32.11  ? 49  TRP A CH2 1 
ATOM   379  N N   . ASN A 1 50  ? -7.391  12.184  7.823   1.00 21.76  ? 50  ASN A N   1 
ATOM   380  C CA  . ASN A 1 50  ? -8.536  11.580  7.158   1.00 23.72  ? 50  ASN A CA  1 
ATOM   381  C C   . ASN A 1 50  ? -9.011  10.272  7.773   1.00 21.41  ? 50  ASN A C   1 
ATOM   382  O O   . ASN A 1 50  ? -9.695  9.536   7.074   1.00 28.77  ? 50  ASN A O   1 
ATOM   383  C CB  . ASN A 1 50  ? -8.279  11.303  5.654   1.00 26.29  ? 50  ASN A CB  1 
ATOM   384  C CG  . ASN A 1 50  ? -7.942  12.495  4.782   1.00 25.58  ? 50  ASN A CG  1 
ATOM   385  O OD1 . ASN A 1 50  ? -6.843  12.558  4.223   1.00 26.46  ? 50  ASN A OD1 1 
ATOM   386  N ND2 . ASN A 1 50  ? -8.895  13.380  4.556   1.00 24.60  ? 50  ASN A ND2 1 
ATOM   387  N N   . VAL A 1 51  ? -8.622  9.934   9.001   1.00 19.02  ? 51  VAL A N   1 
ATOM   388  C CA  . VAL A 1 51  ? -9.010  8.665   9.597   1.00 23.52  ? 51  VAL A CA  1 
ATOM   389  C C   . VAL A 1 51  ? -10.509 8.481   9.536   1.00 24.57  ? 51  VAL A C   1 
ATOM   390  O O   . VAL A 1 51  ? -11.280 9.417   9.790   1.00 19.56  ? 51  VAL A O   1 
ATOM   391  C CB  . VAL A 1 51  ? -8.494  8.435   11.015  1.00 22.38  ? 51  VAL A CB  1 
ATOM   392  C CG1 . VAL A 1 51  ? -7.065  8.917   11.082  1.00 23.37  ? 51  VAL A CG1 1 
ATOM   393  C CG2 . VAL A 1 51  ? -9.280  9.273   11.994  1.00 25.62  ? 51  VAL A CG2 1 
ATOM   394  N N   . GLY A 1 52  ? -10.905 7.283   9.103   1.00 26.62  ? 52  GLY A N   1 
ATOM   395  C CA  . GLY A 1 52  ? -12.316 6.979   9.003   1.00 28.24  ? 52  GLY A CA  1 
ATOM   396  C C   . GLY A 1 52  ? -12.956 7.310   7.654   1.00 28.02  ? 52  GLY A C   1 
ATOM   397  O O   . GLY A 1 52  ? -13.994 6.755   7.309   1.00 26.53  ? 52  GLY A O   1 
ATOM   398  N N   . ARG A 1 53  ? -12.356 8.216   6.895   1.00 23.49  ? 53  ARG A N   1 
ATOM   399  C CA  . ARG A 1 53  ? -12.906 8.568   5.609   1.00 21.28  ? 53  ARG A CA  1 
ATOM   400  C C   . ARG A 1 53  ? -12.751 7.406   4.647   1.00 25.57  ? 53  ARG A C   1 
ATOM   401  O O   . ARG A 1 53  ? -11.878 6.564   4.799   1.00 22.69  ? 53  ARG A O   1 
ATOM   402  C CB  . ARG A 1 53  ? -12.220 9.829   5.081   1.00 20.23  ? 53  ARG A CB  1 
ATOM   403  C CG  . ARG A 1 53  ? -12.685 11.055  5.866   1.00 24.02  ? 53  ARG A CG  1 
ATOM   404  C CD  . ARG A 1 53  ? -12.082 12.389  5.436   1.00 28.88  ? 53  ARG A CD  1 
ATOM   405  N NE  . ARG A 1 53  ? -12.717 13.548  6.066   1.00 31.29  ? 53  ARG A NE  1 
ATOM   406  C CZ  . ARG A 1 53  ? -13.541 14.345  5.405   1.00 36.34  ? 53  ARG A CZ  1 
ATOM   407  N NH1 . ARG A 1 53  ? -13.790 14.134  4.113   1.00 42.10  ? 53  ARG A NH1 1 
ATOM   408  N NH2 . ARG A 1 53  ? -14.121 15.370  6.022   1.00 35.27  ? 53  ARG A NH2 1 
ATOM   409  N N   . SER A 1 54  ? -13.600 7.389   3.639   1.00 30.69  ? 54  SER A N   1 
ATOM   410  C CA  . SER A 1 54  ? -13.558 6.388   2.589   1.00 32.16  ? 54  SER A CA  1 
ATOM   411  C C   . SER A 1 54  ? -12.568 6.838   1.519   1.00 31.09  ? 54  SER A C   1 
ATOM   412  O O   . SER A 1 54  ? -12.315 8.026   1.310   1.00 31.29  ? 54  SER A O   1 
ATOM   413  C CB  . SER A 1 54  ? -14.892 6.320   1.851   1.00 32.33  ? 54  SER A CB  1 
ATOM   414  O OG  . SER A 1 54  ? -15.958 6.031   2.710   1.00 32.31  ? 54  SER A OG  1 
ATOM   415  N N   . PRO A 1 55  ? -12.112 5.892   0.723   1.00 28.47  ? 55  PRO A N   1 
ATOM   416  C CA  . PRO A 1 55  ? -11.176 6.210   -0.347  1.00 22.14  ? 55  PRO A CA  1 
ATOM   417  C C   . PRO A 1 55  ? -11.722 7.268   -1.275  1.00 16.29  ? 55  PRO A C   1 
ATOM   418  O O   . PRO A 1 55  ? -12.927 7.413   -1.443  1.00 14.52  ? 55  PRO A O   1 
ATOM   419  C CB  . PRO A 1 55  ? -10.944 4.880   -1.094  1.00 23.99  ? 55  PRO A CB  1 
ATOM   420  C CG  . PRO A 1 55  ? -11.581 3.763   -0.258  1.00 23.96  ? 55  PRO A CG  1 
ATOM   421  C CD  . PRO A 1 55  ? -12.425 4.428   0.821   1.00 26.32  ? 55  PRO A CD  1 
ATOM   422  N N   . ASP A 1 56  ? -10.855 8.021   -1.949  1.00 19.44  ? 56  ASP A N   1 
ATOM   423  C CA  . ASP A 1 56  ? -11.364 9.056   -2.862  1.00 18.20  ? 56  ASP A CA  1 
ATOM   424  C C   . ASP A 1 56  ? -12.305 8.446   -3.870  1.00 20.58  ? 56  ASP A C   1 
ATOM   425  O O   . ASP A 1 56  ? -12.033 7.354   -4.353  1.00 26.32  ? 56  ASP A O   1 
ATOM   426  C CB  . ASP A 1 56  ? -10.230 9.720   -3.690  1.00 16.79  ? 56  ASP A CB  1 
ATOM   427  C CG  . ASP A 1 56  ? -10.678 10.883  -4.570  1.00 24.24  ? 56  ASP A CG  1 
ATOM   428  O OD1 . ASP A 1 56  ? -11.166 10.796  -5.683  1.00 25.12  ? 56  ASP A OD1 1 
ATOM   429  O OD2 . ASP A 1 56  ? -10.561 12.046  -3.961  1.00 28.24  ? 56  ASP A OD2 1 
ATOM   430  N N   . PRO A 1 57  ? -13.279 9.198   -4.344  1.00 20.82  ? 57  PRO A N   1 
ATOM   431  C CA  . PRO A 1 57  ? -14.202 8.698   -5.349  1.00 22.89  ? 57  PRO A CA  1 
ATOM   432  C C   . PRO A 1 57  ? -13.553 8.295   -6.673  1.00 24.46  ? 57  PRO A C   1 
ATOM   433  O O   . PRO A 1 57  ? -14.062 7.414   -7.382  1.00 20.57  ? 57  PRO A O   1 
ATOM   434  C CB  . PRO A 1 57  ? -15.262 9.783   -5.558  1.00 22.66  ? 57  PRO A CB  1 
ATOM   435  C CG  . PRO A 1 57  ? -15.018 10.810  -4.462  1.00 23.67  ? 57  PRO A CG  1 
ATOM   436  C CD  . PRO A 1 57  ? -13.896 10.290  -3.569  1.00 22.85  ? 57  PRO A CD  1 
ATOM   437  N N   . ARG A 1 58  ? -12.437 8.955   -6.982  1.00 24.50  ? 58  ARG A N   1 
ATOM   438  C CA  . ARG A 1 58  ? -11.648 8.726   -8.189  1.00 24.57  ? 58  ARG A CA  1 
ATOM   439  C C   . ARG A 1 58  ? -10.838 7.436   -8.059  1.00 20.09  ? 58  ARG A C   1 
ATOM   440  O O   . ARG A 1 58  ? -10.675 6.629   -8.982  1.00 16.92  ? 58  ARG A O   1 
ATOM   441  C CB  . ARG A 1 58  ? -10.782 9.946   -8.478  1.00 26.22  ? 58  ARG A CB  1 
ATOM   442  C CG  . ARG A 1 58  ? -11.702 11.118  -8.768  1.00 29.76  ? 58  ARG A CG  1 
ATOM   443  C CD  . ARG A 1 58  ? -11.011 12.473  -8.719  1.00 31.81  ? 58  ARG A CD  1 
ATOM   444  N NE  . ARG A 1 58  ? -10.446 12.717  -7.398  1.00 34.07  ? 58  ARG A NE  1 
ATOM   445  C CZ  . ARG A 1 58  ? -9.505  13.622  -7.166  1.00 29.33  ? 58  ARG A CZ  1 
ATOM   446  N NH1 . ARG A 1 58  ? -9.021  14.345  -8.171  1.00 29.47  ? 58  ARG A NH1 1 
ATOM   447  N NH2 . ARG A 1 58  ? -9.015  13.757  -5.922  1.00 26.89  ? 58  ARG A NH2 1 
ATOM   448  N N   . ALA A 1 59  ? -10.388 7.173   -6.852  1.00 16.65  ? 59  ALA A N   1 
ATOM   449  C CA  . ALA A 1 59  ? -9.718  5.926   -6.677  1.00 14.59  ? 59  ALA A CA  1 
ATOM   450  C C   . ALA A 1 59  ? -10.775 4.826   -6.818  1.00 23.71  ? 59  ALA A C   1 
ATOM   451  O O   . ALA A 1 59  ? -10.578 3.838   -7.562  1.00 22.79  ? 59  ALA A O   1 
ATOM   452  C CB  . ALA A 1 59  ? -9.237  5.898   -5.255  1.00 15.40  ? 59  ALA A CB  1 
ATOM   453  N N   . VAL A 1 60  ? -11.926 5.028   -6.118  1.00 22.97  ? 60  VAL A N   1 
ATOM   454  C CA  . VAL A 1 60  ? -13.032 4.070   -6.171  1.00 27.22  ? 60  VAL A CA  1 
ATOM   455  C C   . VAL A 1 60  ? -13.466 3.684   -7.578  1.00 21.87  ? 60  VAL A C   1 
ATOM   456  O O   . VAL A 1 60  ? -13.335 2.531   -7.966  1.00 21.53  ? 60  VAL A O   1 
ATOM   457  C CB  . VAL A 1 60  ? -14.239 4.419   -5.291  1.00 31.93  ? 60  VAL A CB  1 
ATOM   458  C CG1 . VAL A 1 60  ? -15.438 3.603   -5.776  1.00 30.93  ? 60  VAL A CG1 1 
ATOM   459  C CG2 . VAL A 1 60  ? -13.926 4.027   -3.839  1.00 30.54  ? 60  VAL A CG2 1 
ATOM   460  N N   . SER A 1 61  ? -13.881 4.657   -8.380  1.00 22.57  ? 61  SER A N   1 
ATOM   461  C CA  . SER A 1 61  ? -14.258 4.371   -9.762  1.00 25.25  ? 61  SER A CA  1 
ATOM   462  C C   . SER A 1 61  ? -13.108 3.782   -10.582 1.00 22.55  ? 61  SER A C   1 
ATOM   463  O O   . SER A 1 61  ? -13.294 2.910   -11.427 1.00 20.02  ? 61  SER A O   1 
ATOM   464  C CB  . SER A 1 61  ? -14.903 5.553   -10.472 1.00 28.89  ? 61  SER A CB  1 
ATOM   465  O OG  . SER A 1 61  ? -14.126 6.693   -10.185 1.00 34.62  ? 61  SER A OG  1 
ATOM   466  N N   . CYS A 1 62  ? -11.895 4.243   -10.336 1.00 21.27  ? 62  CYS A N   1 
ATOM   467  C CA  . CYS A 1 62  ? -10.783 3.697   -11.081 1.00 20.53  ? 62  CYS A CA  1 
ATOM   468  C C   . CYS A 1 62  ? -10.639 2.207   -10.786 1.00 20.04  ? 62  CYS A C   1 
ATOM   469  O O   . CYS A 1 62  ? -10.414 1.408   -11.688 1.00 22.22  ? 62  CYS A O   1 
ATOM   470  C CB  . CYS A 1 62  ? -9.482  4.454   -10.750 1.00 22.52  ? 62  CYS A CB  1 
ATOM   471  S SG  . CYS A 1 62  ? -7.987  3.680   -11.424 1.00 26.93  ? 62  CYS A SG  1 
ATOM   472  N N   . LEU A 1 63  ? -10.756 1.801   -9.524  1.00 20.27  ? 63  LEU A N   1 
ATOM   473  C CA  . LEU A 1 63  ? -10.622 0.396   -9.202  1.00 18.59  ? 63  LEU A CA  1 
ATOM   474  C C   . LEU A 1 63  ? -11.753 -0.408  -9.870  1.00 20.72  ? 63  LEU A C   1 
ATOM   475  O O   . LEU A 1 63  ? -11.593 -1.522  -10.392 1.00 18.25  ? 63  LEU A O   1 
ATOM   476  C CB  . LEU A 1 63  ? -10.517 0.158   -7.667  1.00 19.45  ? 63  LEU A CB  1 
ATOM   477  C CG  . LEU A 1 63  ? -9.208  0.621   -6.980  1.00 17.93  ? 63  LEU A CG  1 
ATOM   478  C CD1 . LEU A 1 63  ? -9.423  0.765   -5.475  1.00 16.27  ? 63  LEU A CD1 1 
ATOM   479  C CD2 . LEU A 1 63  ? -8.037  -0.359  -7.194  1.00 13.61  ? 63  LEU A CD2 1 
ATOM   480  N N   . ARG A 1 64  ? -12.912 0.210   -9.954  1.00 23.40  ? 64  ARG A N   1 
ATOM   481  C CA  . ARG A 1 64  ? -14.035 -0.457  -10.565 1.00 29.54  ? 64  ARG A CA  1 
ATOM   482  C C   . ARG A 1 64  ? -13.847 -0.779  -12.041 1.00 27.64  ? 64  ARG A C   1 
ATOM   483  O O   . ARG A 1 64  ? -14.203 -1.863  -12.486 1.00 25.10  ? 64  ARG A O   1 
ATOM   484  C CB  . ARG A 1 64  ? -15.361 0.221   -10.226 1.00 41.07  ? 64  ARG A CB  1 
ATOM   485  C CG  . ARG A 1 64  ? -15.799 -0.061  -8.785  1.00 51.96  ? 64  ARG A CG  1 
ATOM   486  C CD  . ARG A 1 64  ? -14.747 0.178   -7.680  1.00 60.88  ? 64  ARG A CD  1 
ATOM   487  N NE  . ARG A 1 64  ? -15.149 -0.440  -6.406  1.00 67.37  ? 64  ARG A NE  1 
ATOM   488  C CZ  . ARG A 1 64  ? -14.556 -0.301  -5.220  1.00 68.84  ? 64  ARG A CZ  1 
ATOM   489  N NH1 . ARG A 1 64  ? -13.482 0.474   -5.073  1.00 71.51  ? 64  ARG A NH1 1 
ATOM   490  N NH2 . ARG A 1 64  ? -15.065 -0.940  -4.160  1.00 64.88  ? 64  ARG A NH2 1 
ATOM   491  N N   . ASN A 1 65  ? -13.213 0.125   -12.779 1.00 29.46  ? 65  ASN A N   1 
ATOM   492  C CA  . ASN A 1 65  ? -12.959 -0.068  -14.192 1.00 32.28  ? 65  ASN A CA  1 
ATOM   493  C C   . ASN A 1 65  ? -12.225 -1.343  -14.442 1.00 31.09  ? 65  ASN A C   1 
ATOM   494  O O   . ASN A 1 65  ? -12.350 -1.934  -15.527 1.00 32.99  ? 65  ASN A O   1 
ATOM   495  C CB  . ASN A 1 65  ? -12.086 1.029   -14.814 1.00 34.23  ? 65  ASN A CB  1 
ATOM   496  C CG  . ASN A 1 65  ? -12.863 2.303   -15.063 1.00 39.22  ? 65  ASN A CG  1 
ATOM   497  O OD1 . ASN A 1 65  ? -14.094 2.324   -15.281 1.00 41.67  ? 65  ASN A OD1 1 
ATOM   498  N ND2 . ASN A 1 65  ? -12.119 3.394   -14.994 1.00 42.38  ? 65  ASN A ND2 1 
ATOM   499  N N   . HIS A 1 66  ? -11.450 -1.691  -13.417 1.00 25.95  ? 66  HIS A N   1 
ATOM   500  C CA  . HIS A 1 66  ? -10.612 -2.869  -13.425 1.00 21.28  ? 66  HIS A CA  1 
ATOM   501  C C   . HIS A 1 66  ? -11.278 -4.018  -12.674 1.00 18.66  ? 66  HIS A C   1 
ATOM   502  O O   . HIS A 1 66  ? -10.644 -5.016  -12.384 1.00 18.99  ? 66  HIS A O   1 
ATOM   503  C CB  . HIS A 1 66  ? -9.141  -2.587  -13.045 1.00 21.91  ? 66  HIS A CB  1 
ATOM   504  C CG  . HIS A 1 66  ? -8.471  -1.605  -13.978 1.00 19.79  ? 66  HIS A CG  1 
ATOM   505  N ND1 . HIS A 1 66  ? -8.395  -0.260  -13.697 1.00 25.11  ? 66  HIS A ND1 1 
ATOM   506  C CD2 . HIS A 1 66  ? -7.897  -1.773  -15.200 1.00 20.61  ? 66  HIS A CD2 1 
ATOM   507  C CE1 . HIS A 1 66  ? -7.789  0.360   -14.698 1.00 24.69  ? 66  HIS A CE1 1 
ATOM   508  N NE2 . HIS A 1 66  ? -7.501  -0.529  -15.640 1.00 26.40  ? 66  HIS A NE2 1 
ATOM   509  N N   . GLY A 1 67  ? -12.552 -3.852  -12.320 1.00 19.14  ? 67  GLY A N   1 
ATOM   510  C CA  . GLY A 1 67  ? -13.295 -4.915  -11.673 1.00 20.59  ? 67  GLY A CA  1 
ATOM   511  C C   . GLY A 1 67  ? -12.880 -5.194  -10.246 1.00 25.33  ? 67  GLY A C   1 
ATOM   512  O O   . GLY A 1 67  ? -13.095 -6.317  -9.752  1.00 28.00  ? 67  GLY A O   1 
ATOM   513  N N   . ILE A 1 68  ? -12.267 -4.196  -9.599  1.00 20.63  ? 68  ILE A N   1 
ATOM   514  C CA  . ILE A 1 68  ? -11.824 -4.339  -8.221  1.00 15.51  ? 68  ILE A CA  1 
ATOM   515  C C   . ILE A 1 68  ? -12.645 -3.456  -7.303  1.00 19.87  ? 68  ILE A C   1 
ATOM   516  O O   . ILE A 1 68  ? -13.086 -2.399  -7.708  1.00 22.03  ? 68  ILE A O   1 
ATOM   517  C CB  . ILE A 1 68  ? -10.379 -3.988  -8.084  1.00 13.75  ? 68  ILE A CB  1 
ATOM   518  C CG1 . ILE A 1 68  ? -9.591  -4.938  -8.940  1.00 12.82  ? 68  ILE A CG1 1 
ATOM   519  C CG2 . ILE A 1 68  ? -9.954  -4.222  -6.641  1.00 14.87  ? 68  ILE A CG2 1 
ATOM   520  C CD1 . ILE A 1 68  ? -8.131  -4.503  -9.011  1.00 12.37  ? 68  ILE A CD1 1 
ATOM   521  N N   . ASN A 1 69  ? -12.899 -3.896  -6.079  1.00 21.00  ? 69  ASN A N   1 
ATOM   522  C CA  . ASN A 1 69  ? -13.678 -3.128  -5.118  1.00 21.74  ? 69  ASN A CA  1 
ATOM   523  C C   . ASN A 1 69  ? -12.997 -3.035  -3.786  1.00 27.66  ? 69  ASN A C   1 
ATOM   524  O O   . ASN A 1 69  ? -12.180 -3.869  -3.408  1.00 30.59  ? 69  ASN A O   1 
ATOM   525  C CB  . ASN A 1 69  ? -15.052 -3.735  -4.865  1.00 27.12  ? 69  ASN A CB  1 
ATOM   526  C CG  . ASN A 1 69  ? -15.920 -3.479  -6.070  1.00 38.06  ? 69  ASN A CG  1 
ATOM   527  O OD1 . ASN A 1 69  ? -16.482 -2.384  -6.220  1.00 41.80  ? 69  ASN A OD1 1 
ATOM   528  N ND2 . ASN A 1 69  ? -15.891 -4.424  -7.014  1.00 42.76  ? 69  ASN A ND2 1 
ATOM   529  N N   . THR A 1 70  ? -13.339 -2.024  -3.018  1.00 29.57  ? 70  THR A N   1 
ATOM   530  C CA  . THR A 1 70  ? -12.667 -1.955  -1.736  1.00 29.20  ? 70  THR A CA  1 
ATOM   531  C C   . THR A 1 70  ? -13.600 -1.543  -0.625  1.00 20.61  ? 70  THR A C   1 
ATOM   532  O O   . THR A 1 70  ? -14.593 -0.860  -0.848  1.00 18.44  ? 70  THR A O   1 
ATOM   533  C CB  . THR A 1 70  ? -11.470 -0.984  -1.823  1.00 29.47  ? 70  THR A CB  1 
ATOM   534  O OG1 . THR A 1 70  ? -10.902 -0.823  -0.549  1.00 29.01  ? 70  THR A OG1 1 
ATOM   535  C CG2 . THR A 1 70  ? -11.934 0.367   -2.363  1.00 28.47  ? 70  THR A CG2 1 
ATOM   536  N N   . ALA A 1 71  ? -13.288 -1.912  0.592   1.00 19.03  ? 71  ALA A N   1 
ATOM   537  C CA  . ALA A 1 71  ? -14.177 -1.442  1.668   1.00 25.18  ? 71  ALA A CA  1 
ATOM   538  C C   . ALA A 1 71  ? -13.415 -0.654  2.762   1.00 25.03  ? 71  ALA A C   1 
ATOM   539  O O   . ALA A 1 71  ? -13.914 -0.447  3.882   1.00 25.30  ? 71  ALA A O   1 
ATOM   540  C CB  . ALA A 1 71  ? -15.010 -2.587  2.257   1.00 26.10  ? 71  ALA A CB  1 
ATOM   541  N N   . HIS A 1 72  ? -12.179 -0.240  2.437   1.00 21.90  ? 72  HIS A N   1 
ATOM   542  C CA  . HIS A 1 72  ? -11.259 0.428   3.363   1.00 23.43  ? 72  HIS A CA  1 
ATOM   543  C C   . HIS A 1 72  ? -11.747 1.712   4.022   1.00 22.60  ? 72  HIS A C   1 
ATOM   544  O O   . HIS A 1 72  ? -12.316 2.566   3.349   1.00 19.24  ? 72  HIS A O   1 
ATOM   545  C CB  . HIS A 1 72  ? -9.926  0.754   2.654   1.00 21.00  ? 72  HIS A CB  1 
ATOM   546  C CG  . HIS A 1 72  ? -8.836  1.112   3.615   1.00 22.10  ? 72  HIS A CG  1 
ATOM   547  N ND1 . HIS A 1 72  ? -8.243  0.150   4.405   1.00 22.69  ? 72  HIS A ND1 1 
ATOM   548  C CD2 . HIS A 1 72  ? -8.269  2.312   3.931   1.00 24.74  ? 72  HIS A CD2 1 
ATOM   549  C CE1 . HIS A 1 72  ? -7.346  0.763   5.177   1.00 25.87  ? 72  HIS A CE1 1 
ATOM   550  N NE2 . HIS A 1 72  ? -7.333  2.065   4.914   1.00 26.93  ? 72  HIS A NE2 1 
ATOM   551  N N   . LYS A 1 73  ? -11.489 1.874   5.334   1.00 25.77  ? 73  LYS A N   1 
ATOM   552  C CA  . LYS A 1 73  ? -11.755 3.142   6.049   1.00 25.51  ? 73  LYS A CA  1 
ATOM   553  C C   . LYS A 1 73  ? -10.368 3.638   6.372   1.00 25.21  ? 73  LYS A C   1 
ATOM   554  O O   . LYS A 1 73  ? -9.512  2.820   6.740   1.00 26.31  ? 73  LYS A O   1 
ATOM   555  C CB  . LYS A 1 73  ? -12.423 3.007   7.406   1.00 28.93  ? 73  LYS A CB  1 
ATOM   556  C CG  . LYS A 1 73  ? -13.889 2.632   7.382   1.00 40.80  ? 73  LYS A CG  1 
ATOM   557  C CD  . LYS A 1 73  ? -14.448 2.294   8.765   1.00 48.33  ? 73  LYS A CD  1 
ATOM   558  C CE  . LYS A 1 73  ? -14.382 3.395   9.832   1.00 50.03  ? 73  LYS A CE  1 
ATOM   559  N NZ  . LYS A 1 73  ? -15.365 4.480   9.664   1.00 51.09  ? 73  LYS A NZ  1 
ATOM   560  N N   . ALA A 1 74  ? -10.105 4.934   6.298   1.00 25.18  ? 74  ALA A N   1 
ATOM   561  C CA  . ALA A 1 74  ? -8.731  5.310   6.598   1.00 20.14  ? 74  ALA A CA  1 
ATOM   562  C C   . ALA A 1 74  ? -8.317  5.161   8.066   1.00 18.42  ? 74  ALA A C   1 
ATOM   563  O O   . ALA A 1 74  ? -9.083  5.415   9.006   1.00 23.66  ? 74  ALA A O   1 
ATOM   564  C CB  . ALA A 1 74  ? -8.380  6.633   5.967   1.00 16.45  ? 74  ALA A CB  1 
ATOM   565  N N   . ARG A 1 75  ? -7.112  4.646   8.258   1.00 15.86  ? 75  ARG A N   1 
ATOM   566  C CA  . ARG A 1 75  ? -6.549  4.519   9.577   1.00 18.07  ? 75  ARG A CA  1 
ATOM   567  C C   . ARG A 1 75  ? -5.122  5.002   9.646   1.00 20.86  ? 75  ARG A C   1 
ATOM   568  O O   . ARG A 1 75  ? -4.404  5.018   8.656   1.00 20.66  ? 75  ARG A O   1 
ATOM   569  C CB  . ARG A 1 75  ? -6.622  3.151   10.195  1.00 15.68  ? 75  ARG A CB  1 
ATOM   570  C CG  . ARG A 1 75  ? -5.589  2.220   9.643   1.00 16.78  ? 75  ARG A CG  1 
ATOM   571  C CD  . ARG A 1 75  ? -5.446  1.045   10.609  1.00 21.87  ? 75  ARG A CD  1 
ATOM   572  N NE  . ARG A 1 75  ? -4.496  -0.020  10.210  1.00 24.62  ? 75  ARG A NE  1 
ATOM   573  C CZ  . ARG A 1 75  ? -3.201  -0.125  10.545  1.00 22.27  ? 75  ARG A CZ  1 
ATOM   574  N NH1 . ARG A 1 75  ? -2.577  0.767   11.299  1.00 25.53  ? 75  ARG A NH1 1 
ATOM   575  N NH2 . ARG A 1 75  ? -2.511  -1.195  10.172  1.00 20.03  ? 75  ARG A NH2 1 
ATOM   576  N N   . GLN A 1 76  ? -4.691  5.366   10.840  1.00 21.70  ? 76  GLN A N   1 
ATOM   577  C CA  . GLN A 1 76  ? -3.342  5.878   11.010  1.00 24.78  ? 76  GLN A CA  1 
ATOM   578  C C   . GLN A 1 76  ? -2.371  4.775   11.333  1.00 18.75  ? 76  GLN A C   1 
ATOM   579  O O   . GLN A 1 76  ? -2.713  3.791   12.013  1.00 14.98  ? 76  GLN A O   1 
ATOM   580  C CB  . GLN A 1 76  ? -3.271  6.899   12.174  1.00 34.16  ? 76  GLN A CB  1 
ATOM   581  C CG  . GLN A 1 76  ? -1.907  7.611   12.388  1.00 38.04  ? 76  GLN A CG  1 
ATOM   582  C CD  . GLN A 1 76  ? -1.836  8.333   13.735  1.00 41.46  ? 76  GLN A CD  1 
ATOM   583  O OE1 . GLN A 1 76  ? -2.794  8.986   14.194  1.00 39.20  ? 76  GLN A OE1 1 
ATOM   584  N NE2 . GLN A 1 76  ? -0.740  8.077   14.459  1.00 41.77  ? 76  GLN A NE2 1 
ATOM   585  N N   . VAL A 1 77  ? -1.144  4.985   10.857  1.00 13.59  ? 77  VAL A N   1 
ATOM   586  C CA  . VAL A 1 77  ? -0.080  4.056   11.156  1.00 20.87  ? 77  VAL A CA  1 
ATOM   587  C C   . VAL A 1 77  ? 0.220   4.196   12.639  1.00 24.70  ? 77  VAL A C   1 
ATOM   588  O O   . VAL A 1 77  ? 0.167   5.322   13.115  1.00 30.76  ? 77  VAL A O   1 
ATOM   589  C CB  . VAL A 1 77  ? 1.210   4.400   10.398  1.00 27.63  ? 77  VAL A CB  1 
ATOM   590  C CG1 . VAL A 1 77  ? 2.309   3.396   10.740  1.00 28.40  ? 77  VAL A CG1 1 
ATOM   591  C CG2 . VAL A 1 77  ? 0.989   4.484   8.886   1.00 29.61  ? 77  VAL A CG2 1 
ATOM   592  N N   . THR A 1 78  ? 0.498   3.081   13.339  1.00 26.39  ? 78  THR A N   1 
ATOM   593  C CA  . THR A 1 78  ? 0.782   3.072   14.771  1.00 27.09  ? 78  THR A CA  1 
ATOM   594  C C   . THR A 1 78  ? 2.105   2.430   15.064  1.00 25.81  ? 78  THR A C   1 
ATOM   595  O O   . THR A 1 78  ? 2.694   1.859   14.174  1.00 28.48  ? 78  THR A O   1 
ATOM   596  C CB  . THR A 1 78  ? -0.288  2.351   15.590  1.00 26.29  ? 78  THR A CB  1 
ATOM   597  O OG1 . THR A 1 78  ? -0.353  1.006   15.169  1.00 27.94  ? 78  THR A OG1 1 
ATOM   598  C CG2 . THR A 1 78  ? -1.614  3.006   15.288  1.00 28.94  ? 78  THR A CG2 1 
ATOM   599  N N   . LYS A 1 79  ? 2.559   2.494   16.308  1.00 28.21  ? 79  LYS A N   1 
ATOM   600  C CA  . LYS A 1 79  ? 3.839   1.895   16.665  1.00 34.43  ? 79  LYS A CA  1 
ATOM   601  C C   . LYS A 1 79  ? 3.831   0.376   16.533  1.00 31.10  ? 79  LYS A C   1 
ATOM   602  O O   . LYS A 1 79  ? 4.797   -0.236  16.092  1.00 26.92  ? 79  LYS A O   1 
ATOM   603  C CB  . LYS A 1 79  ? 4.413   2.340   18.020  1.00 43.19  ? 79  LYS A CB  1 
ATOM   604  C CG  . LYS A 1 79  ? 4.529   3.855   18.207  1.00 48.04  ? 79  LYS A CG  1 
ATOM   605  C CD  . LYS A 1 79  ? 5.211   4.298   19.499  1.00 52.34  ? 79  LYS A CD  1 
ATOM   606  C CE  . LYS A 1 79  ? 4.921   5.769   19.808  1.00 56.95  ? 79  LYS A CE  1 
ATOM   607  N NZ  . LYS A 1 79  ? 5.624   6.344   20.974  1.00 57.77  ? 79  LYS A NZ  1 
ATOM   608  N N   . GLU A 1 80  ? 2.714   -0.257  16.859  1.00 32.10  ? 80  GLU A N   1 
ATOM   609  C CA  . GLU A 1 80  ? 2.648   -1.706  16.767  1.00 34.80  ? 80  GLU A CA  1 
ATOM   610  C C   . GLU A 1 80  ? 2.733   -2.242  15.339  1.00 27.54  ? 80  GLU A C   1 
ATOM   611  O O   . GLU A 1 80  ? 3.050   -3.396  15.100  1.00 28.00  ? 80  GLU A O   1 
ATOM   612  C CB  . GLU A 1 80  ? 1.419   -2.231  17.507  1.00 41.73  ? 80  GLU A CB  1 
ATOM   613  C CG  . GLU A 1 80  ? 1.124   -1.343  18.732  1.00 50.46  ? 80  GLU A CG  1 
ATOM   614  C CD  . GLU A 1 80  ? 0.584   -0.011  18.301  1.00 58.93  ? 80  GLU A CD  1 
ATOM   615  O OE1 . GLU A 1 80  ? 0.514   0.307   17.126  1.00 62.53  ? 80  GLU A OE1 1 
ATOM   616  O OE2 . GLU A 1 80  ? 0.226   0.762   19.298  1.00 63.62  ? 80  GLU A OE2 1 
ATOM   617  N N   . ASP A 1 81  ? 2.455   -1.405  14.357  1.00 23.01  ? 81  ASP A N   1 
ATOM   618  C CA  . ASP A 1 81  ? 2.559   -1.817  12.978  1.00 17.07  ? 81  ASP A CA  1 
ATOM   619  C C   . ASP A 1 81  ? 4.000   -2.183  12.636  1.00 21.16  ? 81  ASP A C   1 
ATOM   620  O O   . ASP A 1 81  ? 4.243   -3.041  11.784  1.00 20.32  ? 81  ASP A O   1 
ATOM   621  C CB  . ASP A 1 81  ? 2.104   -0.638  12.119  1.00 10.09  ? 81  ASP A CB  1 
ATOM   622  C CG  . ASP A 1 81  ? 0.632   -0.609  12.101  1.00 16.34  ? 81  ASP A CG  1 
ATOM   623  O OD1 . ASP A 1 81  ? -0.008  -1.652  12.219  1.00 19.51  ? 81  ASP A OD1 1 
ATOM   624  O OD2 . ASP A 1 81  ? 0.139   0.602   11.940  1.00 15.33  ? 81  ASP A OD2 1 
ATOM   625  N N   . PHE A 1 82  ? 4.951   -1.517  13.317  1.00 16.94  ? 82  PHE A N   1 
ATOM   626  C CA  . PHE A 1 82  ? 6.342   -1.797  13.055  1.00 22.60  ? 82  PHE A CA  1 
ATOM   627  C C   . PHE A 1 82  ? 6.765   -3.126  13.657  1.00 28.90  ? 82  PHE A C   1 
ATOM   628  O O   . PHE A 1 82  ? 7.794   -3.703  13.275  1.00 29.38  ? 82  PHE A O   1 
ATOM   629  C CB  . PHE A 1 82  ? 7.323   -0.697  13.493  1.00 24.35  ? 82  PHE A CB  1 
ATOM   630  C CG  . PHE A 1 82  ? 7.021   0.676   12.968  1.00 23.09  ? 82  PHE A CG  1 
ATOM   631  C CD1 . PHE A 1 82  ? 6.364   1.627   13.752  1.00 28.00  ? 82  PHE A CD1 1 
ATOM   632  C CD2 . PHE A 1 82  ? 7.391   1.018   11.671  1.00 22.63  ? 82  PHE A CD2 1 
ATOM   633  C CE1 . PHE A 1 82  ? 6.075   2.893   13.235  1.00 30.94  ? 82  PHE A CE1 1 
ATOM   634  C CE2 . PHE A 1 82  ? 7.098   2.272   11.133  1.00 26.12  ? 82  PHE A CE2 1 
ATOM   635  C CZ  . PHE A 1 82  ? 6.432   3.209   11.921  1.00 28.55  ? 82  PHE A CZ  1 
ATOM   636  N N   . VAL A 1 83  ? 6.002   -3.597  14.637  1.00 27.98  ? 83  VAL A N   1 
ATOM   637  C CA  . VAL A 1 83  ? 6.365   -4.867  15.234  1.00 31.62  ? 83  VAL A CA  1 
ATOM   638  C C   . VAL A 1 83  ? 5.553   -5.992  14.613  1.00 30.99  ? 83  VAL A C   1 
ATOM   639  O O   . VAL A 1 83  ? 5.973   -7.136  14.585  1.00 34.95  ? 83  VAL A O   1 
ATOM   640  C CB  . VAL A 1 83  ? 6.364   -4.893  16.776  1.00 36.02  ? 83  VAL A CB  1 
ATOM   641  C CG1 . VAL A 1 83  ? 7.298   -3.823  17.334  1.00 36.20  ? 83  VAL A CG1 1 
ATOM   642  C CG2 . VAL A 1 83  ? 4.976   -4.606  17.331  1.00 37.18  ? 83  VAL A CG2 1 
ATOM   643  N N   . THR A 1 84  ? 4.408   -5.664  14.043  1.00 27.46  ? 84  THR A N   1 
ATOM   644  C CA  . THR A 1 84  ? 3.571   -6.694  13.493  1.00 28.12  ? 84  THR A CA  1 
ATOM   645  C C   . THR A 1 84  ? 3.670   -6.963  12.005  1.00 26.94  ? 84  THR A C   1 
ATOM   646  O O   . THR A 1 84  ? 3.327   -8.051  11.584  1.00 26.94  ? 84  THR A O   1 
ATOM   647  C CB  . THR A 1 84  ? 2.104   -6.538  13.916  1.00 32.25  ? 84  THR A CB  1 
ATOM   648  O OG1 . THR A 1 84  ? 1.525   -5.486  13.205  1.00 33.90  ? 84  THR A OG1 1 
ATOM   649  C CG2 . THR A 1 84  ? 2.033   -6.206  15.400  1.00 33.95  ? 84  THR A CG2 1 
ATOM   650  N N   . PHE A 1 85  ? 4.028   -5.976  11.191  1.00 24.34  ? 85  PHE A N   1 
ATOM   651  C CA  . PHE A 1 85  ? 4.090   -6.216  9.765   1.00 18.42  ? 85  PHE A CA  1 
ATOM   652  C C   . PHE A 1 85  ? 5.469   -6.625  9.270   1.00 19.92  ? 85  PHE A C   1 
ATOM   653  O O   . PHE A 1 85  ? 6.459   -6.080  9.732   1.00 20.04  ? 85  PHE A O   1 
ATOM   654  C CB  . PHE A 1 85  ? 3.558   -5.067  8.891   1.00 11.90  ? 85  PHE A CB  1 
ATOM   655  C CG  . PHE A 1 85  ? 2.058   -4.911  8.962   1.00 16.56  ? 85  PHE A CG  1 
ATOM   656  C CD1 . PHE A 1 85  ? 1.467   -4.157  9.979   1.00 17.25  ? 85  PHE A CD1 1 
ATOM   657  C CD2 . PHE A 1 85  ? 1.235   -5.504  8.004   1.00 15.16  ? 85  PHE A CD2 1 
ATOM   658  C CE1 . PHE A 1 85  ? 0.084   -3.992  10.005  1.00 19.28  ? 85  PHE A CE1 1 
ATOM   659  C CE2 . PHE A 1 85  ? -0.153  -5.352  8.008   1.00 18.74  ? 85  PHE A CE2 1 
ATOM   660  C CZ  . PHE A 1 85  ? -0.722  -4.600  9.035   1.00 20.86  ? 85  PHE A CZ  1 
ATOM   661  N N   . ASP A 1 86  ? 5.507   -7.542  8.298   1.00 16.23  ? 86  ASP A N   1 
ATOM   662  C CA  . ASP A 1 86  ? 6.786   -7.916  7.719   1.00 18.98  ? 86  ASP A CA  1 
ATOM   663  C C   . ASP A 1 86  ? 7.291   -6.787  6.858   1.00 20.67  ? 86  ASP A C   1 
ATOM   664  O O   . ASP A 1 86  ? 8.493   -6.630  6.737   1.00 21.00  ? 86  ASP A O   1 
ATOM   665  C CB  . ASP A 1 86  ? 6.754   -9.149  6.784   1.00 17.52  ? 86  ASP A CB  1 
ATOM   666  C CG  . ASP A 1 86  ? 6.378   -10.360 7.573   1.00 20.45  ? 86  ASP A CG  1 
ATOM   667  O OD1 . ASP A 1 86  ? 6.650   -10.460 8.739   1.00 21.04  ? 86  ASP A OD1 1 
ATOM   668  O OD2 . ASP A 1 86  ? 5.691   -11.248 6.903   1.00 25.28  ? 86  ASP A OD2 1 
ATOM   669  N N   . TYR A 1 87  ? 6.365   -6.105  6.174   1.00 23.27  ? 87  TYR A N   1 
ATOM   670  C CA  . TYR A 1 87  ? 6.718   -5.036  5.257   1.00 18.73  ? 87  TYR A CA  1 
ATOM   671  C C   . TYR A 1 87  ? 5.800   -3.870  5.335   1.00 16.69  ? 87  TYR A C   1 
ATOM   672  O O   . TYR A 1 87  ? 4.602   -4.087  5.268   1.00 14.50  ? 87  TYR A O   1 
ATOM   673  C CB  . TYR A 1 87  ? 6.552   -5.458  3.781   1.00 24.07  ? 87  TYR A CB  1 
ATOM   674  C CG  . TYR A 1 87  ? 7.335   -6.693  3.459   1.00 22.89  ? 87  TYR A CG  1 
ATOM   675  C CD1 . TYR A 1 87  ? 6.744   -7.953  3.574   1.00 24.30  ? 87  TYR A CD1 1 
ATOM   676  C CD2 . TYR A 1 87  ? 8.688   -6.583  3.153   1.00 23.46  ? 87  TYR A CD2 1 
ATOM   677  C CE1 . TYR A 1 87  ? 7.469   -9.121  3.355   1.00 23.76  ? 87  TYR A CE1 1 
ATOM   678  C CE2 . TYR A 1 87  ? 9.433   -7.737  2.919   1.00 29.75  ? 87  TYR A CE2 1 
ATOM   679  C CZ  . TYR A 1 87  ? 8.811   -8.982  3.015   1.00 29.03  ? 87  TYR A CZ  1 
ATOM   680  O OH  . TYR A 1 87  ? 9.535   -10.089 2.770   1.00 35.42  ? 87  TYR A OH  1 
ATOM   681  N N   . ILE A 1 88  ? 6.406   -2.675  5.250   1.00 19.78  ? 88  ILE A N   1 
ATOM   682  C CA  . ILE A 1 88  ? 5.704   -1.395  5.154   1.00 17.88  ? 88  ILE A CA  1 
ATOM   683  C C   . ILE A 1 88  ? 6.126   -0.795  3.811   1.00 12.28  ? 88  ILE A C   1 
ATOM   684  O O   . ILE A 1 88  ? 7.306   -0.573  3.557   1.00 14.77  ? 88  ILE A O   1 
ATOM   685  C CB  . ILE A 1 88  ? 5.885   -0.478  6.407   1.00 14.49  ? 88  ILE A CB  1 
ATOM   686  C CG1 . ILE A 1 88  ? 5.419   -1.285  7.605   1.00 15.13  ? 88  ILE A CG1 1 
ATOM   687  C CG2 . ILE A 1 88  ? 4.936   0.702   6.383   1.00 13.20  ? 88  ILE A CG2 1 
ATOM   688  C CD1 . ILE A 1 88  ? 5.782   -0.683  8.944   1.00 16.26  ? 88  ILE A CD1 1 
ATOM   689  N N   . LEU A 1 89  ? 5.189   -0.553  2.915   1.00 5.50   ? 89  LEU A N   1 
ATOM   690  C CA  . LEU A 1 89  ? 5.624   -0.064  1.653   1.00 8.71   ? 89  LEU A CA  1 
ATOM   691  C C   . LEU A 1 89  ? 4.985   1.253   1.439   1.00 9.97   ? 89  LEU A C   1 
ATOM   692  O O   . LEU A 1 89  ? 3.773   1.252   1.466   1.00 10.31  ? 89  LEU A O   1 
ATOM   693  C CB  . LEU A 1 89  ? 5.180   -1.050  0.533   1.00 16.21  ? 89  LEU A CB  1 
ATOM   694  C CG  . LEU A 1 89  ? 5.922   -2.397  0.487   1.00 16.93  ? 89  LEU A CG  1 
ATOM   695  C CD1 . LEU A 1 89  ? 5.267   -3.290  -0.550  1.00 14.90  ? 89  LEU A CD1 1 
ATOM   696  C CD2 . LEU A 1 89  ? 7.395   -2.227  0.121   1.00 14.08  ? 89  LEU A CD2 1 
ATOM   697  N N   . CYS A 1 90  ? 5.758   2.310   1.134   1.00 10.73  ? 90  CYS A N   1 
ATOM   698  C CA  . CYS A 1 90  ? 5.201   3.645   0.920   1.00 7.55   ? 90  CYS A CA  1 
ATOM   699  C C   . CYS A 1 90  ? 5.296   4.213   -0.440  1.00 9.35   ? 90  CYS A C   1 
ATOM   700  O O   . CYS A 1 90  ? 5.993   3.708   -1.292  1.00 12.34  ? 90  CYS A O   1 
ATOM   701  C CB  . CYS A 1 90  ? 5.670   4.725   1.900   1.00 17.05  ? 90  CYS A CB  1 
ATOM   702  S SG  . CYS A 1 90  ? 7.425   4.572   2.228   1.00 23.75  ? 90  CYS A SG  1 
ATOM   703  N N   . MET A 1 91  ? 4.618   5.335   -0.592  1.00 10.53  ? 91  MET A N   1 
ATOM   704  C CA  . MET A 1 91  ? 4.542   5.928   -1.879  1.00 12.69  ? 91  MET A CA  1 
ATOM   705  C C   . MET A 1 91  ? 5.665   6.831   -2.218  1.00 21.22  ? 91  MET A C   1 
ATOM   706  O O   . MET A 1 91  ? 6.148   6.733   -3.336  1.00 28.17  ? 91  MET A O   1 
ATOM   707  C CB  . MET A 1 91  ? 3.191   6.618   -2.104  1.00 16.14  ? 91  MET A CB  1 
ATOM   708  C CG  . MET A 1 91  ? 2.050   5.701   -1.685  1.00 22.57  ? 91  MET A CG  1 
ATOM   709  S SD  . MET A 1 91  ? 1.880   4.189   -2.668  1.00 21.76  ? 91  MET A SD  1 
ATOM   710  C CE  . MET A 1 91  ? 1.343   3.034   -1.372  1.00 13.87  ? 91  MET A CE  1 
ATOM   711  N N   . ASP A 1 92  ? 6.044   7.721   -1.302  1.00 19.84  ? 92  ASP A N   1 
ATOM   712  C CA  . ASP A 1 92  ? 7.122   8.631   -1.628  1.00 20.88  ? 92  ASP A CA  1 
ATOM   713  C C   . ASP A 1 92  ? 8.194   8.801   -0.554  1.00 19.82  ? 92  ASP A C   1 
ATOM   714  O O   . ASP A 1 92  ? 8.066   8.376   0.597   1.00 19.51  ? 92  ASP A O   1 
ATOM   715  C CB  . ASP A 1 92  ? 6.524   9.951   -2.079  1.00 21.97  ? 92  ASP A CB  1 
ATOM   716  C CG  . ASP A 1 92  ? 5.912   10.615  -0.893  1.00 22.73  ? 92  ASP A CG  1 
ATOM   717  O OD1 . ASP A 1 92  ? 6.308   10.433  0.257   1.00 25.80  ? 92  ASP A OD1 1 
ATOM   718  O OD2 . ASP A 1 92  ? 4.822   11.244  -1.212  1.00 19.74  ? 92  ASP A OD2 1 
ATOM   719  N N   . GLU A 1 93  ? 9.287   9.444   -0.934  1.00 22.79  ? 93  GLU A N   1 
ATOM   720  C CA  . GLU A 1 93  ? 10.384  9.616   -0.009  1.00 26.28  ? 93  GLU A CA  1 
ATOM   721  C C   . GLU A 1 93  ? 9.951   10.371  1.243   1.00 25.36  ? 93  GLU A C   1 
ATOM   722  O O   . GLU A 1 93  ? 10.430  10.095  2.345   1.00 29.40  ? 93  GLU A O   1 
ATOM   723  C CB  . GLU A 1 93  ? 11.593  10.206  -0.723  1.00 35.83  ? 93  GLU A CB  1 
ATOM   724  C CG  . GLU A 1 93  ? 11.245  11.640  -1.149  1.00 50.10  ? 93  GLU A CG  1 
ATOM   725  C CD  . GLU A 1 93  ? 12.030  12.129  -2.334  1.00 58.17  ? 93  GLU A CD  1 
ATOM   726  O OE1 . GLU A 1 93  ? 12.760  11.383  -2.981  1.00 60.20  ? 93  GLU A OE1 1 
ATOM   727  O OE2 . GLU A 1 93  ? 11.815  13.405  -2.594  1.00 58.50  ? 93  GLU A OE2 1 
ATOM   728  N N   . SER A 1 94  ? 8.972   11.267  1.121   1.00 20.18  ? 94  SER A N   1 
ATOM   729  C CA  . SER A 1 94  ? 8.493   11.890  2.333   1.00 22.13  ? 94  SER A CA  1 
ATOM   730  C C   . SER A 1 94  ? 7.850   10.812  3.198   1.00 24.36  ? 94  SER A C   1 
ATOM   731  O O   . SER A 1 94  ? 8.064   10.779  4.413   1.00 24.43  ? 94  SER A O   1 
ATOM   732  C CB  . SER A 1 94  ? 7.411   12.936  2.124   1.00 24.81  ? 94  SER A CB  1 
ATOM   733  O OG  . SER A 1 94  ? 7.919   13.925  1.268   1.00 32.52  ? 94  SER A OG  1 
ATOM   734  N N   . ASN A 1 95  ? 7.022   9.955   2.596   1.00 20.44  ? 95  ASN A N   1 
ATOM   735  C CA  . ASN A 1 95  ? 6.406   8.961   3.451   1.00 20.52  ? 95  ASN A CA  1 
ATOM   736  C C   . ASN A 1 95  ? 7.505   8.206   4.123   1.00 24.20  ? 95  ASN A C   1 
ATOM   737  O O   . ASN A 1 95  ? 7.405   7.815   5.292   1.00 32.34  ? 95  ASN A O   1 
ATOM   738  C CB  . ASN A 1 95  ? 5.612   7.900   2.689   1.00 20.59  ? 95  ASN A CB  1 
ATOM   739  C CG  . ASN A 1 95  ? 4.484   8.466   1.886   1.00 24.43  ? 95  ASN A CG  1 
ATOM   740  O OD1 . ASN A 1 95  ? 3.983   7.805   0.963   1.00 25.57  ? 95  ASN A OD1 1 
ATOM   741  N ND2 . ASN A 1 95  ? 3.980   9.607   2.335   1.00 25.45  ? 95  ASN A ND2 1 
ATOM   742  N N   . LEU A 1 96  ? 8.569   8.022   3.350   1.00 22.09  ? 96  LEU A N   1 
ATOM   743  C CA  . LEU A 1 96  ? 9.662   7.234   3.854   1.00 25.78  ? 96  LEU A CA  1 
ATOM   744  C C   . LEU A 1 96  ? 10.436  7.906   4.991   1.00 27.72  ? 96  LEU A C   1 
ATOM   745  O O   . LEU A 1 96  ? 10.790  7.289   5.991   1.00 20.94  ? 96  LEU A O   1 
ATOM   746  C CB  . LEU A 1 96  ? 10.550  6.731   2.707   1.00 29.52  ? 96  LEU A CB  1 
ATOM   747  C CG  . LEU A 1 96  ? 11.562  5.666   3.151   1.00 33.83  ? 96  LEU A CG  1 
ATOM   748  C CD1 . LEU A 1 96  ? 10.894  4.304   3.334   1.00 33.88  ? 96  LEU A CD1 1 
ATOM   749  C CD2 . LEU A 1 96  ? 12.719  5.543   2.156   1.00 35.16  ? 96  LEU A CD2 1 
ATOM   750  N N   . ARG A 1 97  ? 10.711  9.191   4.871   1.00 33.42  ? 97  ARG A N   1 
ATOM   751  C CA  . ARG A 1 97  ? 11.432  9.827   5.945   1.00 37.03  ? 97  ARG A CA  1 
ATOM   752  C C   . ARG A 1 97  ? 10.617  9.678   7.216   1.00 34.70  ? 97  ARG A C   1 
ATOM   753  O O   . ARG A 1 97  ? 11.144  9.215   8.217   1.00 32.80  ? 97  ARG A O   1 
ATOM   754  C CB  . ARG A 1 97  ? 11.574  11.323  5.679   1.00 48.37  ? 97  ARG A CB  1 
ATOM   755  C CG  . ARG A 1 97  ? 12.149  11.663  4.311   1.00 59.58  ? 97  ARG A CG  1 
ATOM   756  C CD  . ARG A 1 97  ? 11.944  13.120  3.902   1.00 68.35  ? 97  ARG A CD  1 
ATOM   757  N NE  . ARG A 1 97  ? 12.319  13.333  2.502   1.00 77.80  ? 97  ARG A NE  1 
ATOM   758  C CZ  . ARG A 1 97  ? 11.991  14.394  1.744   1.00 85.40  ? 97  ARG A CZ  1 
ATOM   759  N NH1 . ARG A 1 97  ? 11.249  15.406  2.202   1.00 87.49  ? 97  ARG A NH1 1 
ATOM   760  N NH2 . ARG A 1 97  ? 12.393  14.436  0.467   1.00 86.40  ? 97  ARG A NH2 1 
ATOM   761  N N   . ASP A 1 98  ? 9.325   10.044  7.153   1.00 34.41  ? 98  ASP A N   1 
ATOM   762  C CA  . ASP A 1 98  ? 8.421   9.995   8.302   1.00 36.89  ? 98  ASP A CA  1 
ATOM   763  C C   . ASP A 1 98  ? 8.316   8.640   9.020   1.00 36.26  ? 98  ASP A C   1 
ATOM   764  O O   . ASP A 1 98  ? 8.337   8.566   10.263  1.00 36.69  ? 98  ASP A O   1 
ATOM   765  C CB  . ASP A 1 98  ? 7.023   10.589  8.012   1.00 38.94  ? 98  ASP A CB  1 
ATOM   766  C CG  . ASP A 1 98  ? 7.025   12.010  7.497   1.00 36.93  ? 98  ASP A CG  1 
ATOM   767  O OD1 . ASP A 1 98  ? 7.901   12.821  7.743   1.00 37.29  ? 98  ASP A OD1 1 
ATOM   768  O OD2 . ASP A 1 98  ? 6.014   12.260  6.694   1.00 35.33  ? 98  ASP A OD2 1 
ATOM   769  N N   . LEU A 1 99  ? 8.239   7.545   8.265   1.00 32.56  ? 99  LEU A N   1 
ATOM   770  C CA  . LEU A 1 99  ? 8.145   6.245   8.914   1.00 30.20  ? 99  LEU A CA  1 
ATOM   771  C C   . LEU A 1 99  ? 9.427   5.863   9.642   1.00 27.52  ? 99  LEU A C   1 
ATOM   772  O O   . LEU A 1 99  ? 9.372   5.318   10.735  1.00 27.40  ? 99  LEU A O   1 
ATOM   773  C CB  . LEU A 1 99  ? 7.742   5.127   7.920   1.00 29.49  ? 99  LEU A CB  1 
ATOM   774  C CG  . LEU A 1 99  ? 6.382   5.348   7.279   1.00 29.63  ? 99  LEU A CG  1 
ATOM   775  C CD1 . LEU A 1 99  ? 6.205   4.468   6.036   1.00 29.88  ? 99  LEU A CD1 1 
ATOM   776  C CD2 . LEU A 1 99  ? 5.318   5.024   8.312   1.00 27.22  ? 99  LEU A CD2 1 
ATOM   777  N N   . ASN A 1 100 ? 10.580  6.124   9.024   1.00 27.34  ? 100 ASN A N   1 
ATOM   778  C CA  . ASN A 1 100 ? 11.868  5.769   9.618   1.00 32.28  ? 100 ASN A CA  1 
ATOM   779  C C   . ASN A 1 100 ? 12.056  6.434   10.979  1.00 37.25  ? 100 ASN A C   1 
ATOM   780  O O   . ASN A 1 100 ? 12.544  5.834   11.949  1.00 38.00  ? 100 ASN A O   1 
ATOM   781  C CB  . ASN A 1 100 ? 13.079  5.967   8.668   1.00 29.27  ? 100 ASN A CB  1 
ATOM   782  C CG  . ASN A 1 100 ? 13.257  4.884   7.594   1.00 37.30  ? 100 ASN A CG  1 
ATOM   783  O OD1 . ASN A 1 100 ? 13.278  3.669   7.906   1.00 39.67  ? 100 ASN A OD1 1 
ATOM   784  N ND2 . ASN A 1 100 ? 13.371  5.286   6.313   1.00 37.50  ? 100 ASN A ND2 1 
ATOM   785  N N   . ARG A 1 101 ? 11.572  7.669   11.027  1.00 36.40  ? 101 ARG A N   1 
ATOM   786  C CA  . ARG A 1 101 ? 11.615  8.507   12.195  1.00 38.02  ? 101 ARG A CA  1 
ATOM   787  C C   . ARG A 1 101 ? 10.808  7.831   13.274  1.00 38.50  ? 101 ARG A C   1 
ATOM   788  O O   . ARG A 1 101 ? 11.301  7.530   14.366  1.00 39.61  ? 101 ARG A O   1 
ATOM   789  C CB  . ARG A 1 101 ? 11.006  9.862   11.819  1.00 42.98  ? 101 ARG A CB  1 
ATOM   790  C CG  . ARG A 1 101 ? 11.047  10.957  12.890  1.00 48.74  ? 101 ARG A CG  1 
ATOM   791  C CD  . ARG A 1 101 ? 10.770  12.396  12.420  1.00 51.87  ? 101 ARG A CD  1 
ATOM   792  N NE  . ARG A 1 101 ? 9.410   12.702  11.954  1.00 56.24  ? 101 ARG A NE  1 
ATOM   793  C CZ  . ARG A 1 101 ? 9.054   13.043  10.706  1.00 56.14  ? 101 ARG A CZ  1 
ATOM   794  N NH1 . ARG A 1 101 ? 9.937   13.172  9.711   1.00 55.23  ? 101 ARG A NH1 1 
ATOM   795  N NH2 . ARG A 1 101 ? 7.768   13.296  10.455  1.00 55.39  ? 101 ARG A NH2 1 
ATOM   796  N N   . LYS A 1 102 ? 9.572   7.517   12.914  1.00 37.66  ? 102 LYS A N   1 
ATOM   797  C CA  . LYS A 1 102 ? 8.710   6.887   13.884  1.00 44.36  ? 102 LYS A CA  1 
ATOM   798  C C   . LYS A 1 102 ? 9.193   5.532   14.323  1.00 42.56  ? 102 LYS A C   1 
ATOM   799  O O   . LYS A 1 102 ? 8.999   5.167   15.475  1.00 40.54  ? 102 LYS A O   1 
ATOM   800  C CB  . LYS A 1 102 ? 7.247   6.803   13.467  1.00 53.27  ? 102 LYS A CB  1 
ATOM   801  C CG  . LYS A 1 102 ? 6.489   8.114   13.601  1.00 60.76  ? 102 LYS A CG  1 
ATOM   802  C CD  . LYS A 1 102 ? 4.998   7.968   13.316  1.00 67.24  ? 102 LYS A CD  1 
ATOM   803  C CE  . LYS A 1 102 ? 4.632   7.758   11.848  1.00 71.95  ? 102 LYS A CE  1 
ATOM   804  N NZ  . LYS A 1 102 ? 4.758   8.971   11.015  1.00 74.04  ? 102 LYS A NZ  1 
ATOM   805  N N   . SER A 1 103 ? 9.800   4.801   13.393  1.00 45.22  ? 103 SER A N   1 
ATOM   806  C CA  . SER A 1 103 ? 10.246  3.456   13.674  1.00 46.86  ? 103 SER A CA  1 
ATOM   807  C C   . SER A 1 103 ? 11.287  3.494   14.748  1.00 51.23  ? 103 SER A C   1 
ATOM   808  O O   . SER A 1 103 ? 11.362  2.594   15.574  1.00 54.01  ? 103 SER A O   1 
ATOM   809  C CB  . SER A 1 103 ? 10.814  2.718   12.478  1.00 44.88  ? 103 SER A CB  1 
ATOM   810  O OG  . SER A 1 103 ? 12.143  3.131   12.260  1.00 46.69  ? 103 SER A OG  1 
ATOM   811  N N   . ASN A 1 104 ? 12.073  4.552   14.740  1.00 54.51  ? 104 ASN A N   1 
ATOM   812  C CA  . ASN A 1 104 ? 13.092  4.647   15.752  1.00 59.76  ? 104 ASN A CA  1 
ATOM   813  C C   . ASN A 1 104 ? 12.442  4.566   17.110  1.00 62.45  ? 104 ASN A C   1 
ATOM   814  O O   . ASN A 1 104 ? 12.964  3.949   18.034  1.00 62.37  ? 104 ASN A O   1 
ATOM   815  C CB  . ASN A 1 104 ? 13.858  5.962   15.623  1.00 61.88  ? 104 ASN A CB  1 
ATOM   816  C CG  . ASN A 1 104 ? 14.573  6.029   14.299  1.00 65.05  ? 104 ASN A CG  1 
ATOM   817  O OD1 . ASN A 1 104 ? 14.599  7.092   13.667  1.00 66.86  ? 104 ASN A OD1 1 
ATOM   818  N ND2 . ASN A 1 104 ? 15.160  4.905   13.885  1.00 65.42  ? 104 ASN A ND2 1 
ATOM   819  N N   . GLN A 1 105 ? 11.257  5.154   17.186  1.00 66.82  ? 105 GLN A N   1 
ATOM   820  C CA  . GLN A 1 105 ? 10.525  5.179   18.433  1.00 73.87  ? 105 GLN A CA  1 
ATOM   821  C C   . GLN A 1 105 ? 10.176  3.802   18.947  1.00 72.30  ? 105 GLN A C   1 
ATOM   822  O O   . GLN A 1 105 ? 9.562   3.641   19.999  1.00 71.32  ? 105 GLN A O   1 
ATOM   823  C CB  . GLN A 1 105 ? 9.373   6.207   18.517  1.00 82.22  ? 105 GLN A CB  1 
ATOM   824  C CG  . GLN A 1 105 ? 9.868   7.676   18.510  1.00 88.64  ? 105 GLN A CG  1 
ATOM   825  C CD  . GLN A 1 105 ? 8.857   8.708   19.005  1.00 92.65  ? 105 GLN A CD  1 
ATOM   826  O OE1 . GLN A 1 105 ? 7.637   8.582   18.798  1.00 94.40  ? 105 GLN A OE1 1 
ATOM   827  N NE2 . GLN A 1 105 ? 9.357   9.716   19.720  1.00 93.67  ? 105 GLN A NE2 1 
ATOM   828  N N   . VAL A 1 106 ? 10.587  2.812   18.173  1.00 71.78  ? 106 VAL A N   1 
ATOM   829  C CA  . VAL A 1 106 ? 10.347  1.441   18.532  1.00 72.60  ? 106 VAL A CA  1 
ATOM   830  C C   . VAL A 1 106 ? 11.703  0.774   18.739  1.00 74.14  ? 106 VAL A C   1 
ATOM   831  O O   . VAL A 1 106 ? 12.663  1.131   18.049  1.00 73.42  ? 106 VAL A O   1 
ATOM   832  C CB  . VAL A 1 106 ? 9.458   0.761   17.493  1.00 74.00  ? 106 VAL A CB  1 
ATOM   833  C CG1 . VAL A 1 106 ? 8.776   -0.474  18.073  1.00 73.88  ? 106 VAL A CG1 1 
ATOM   834  C CG2 . VAL A 1 106 ? 8.415   1.736   16.953  1.00 74.00  ? 106 VAL A CG2 1 
ATOM   835  N N   . LYS A 1 107 ? 11.774  -0.145  19.716  1.00 76.67  ? 107 LYS A N   1 
ATOM   836  C CA  . LYS A 1 107 ? 12.958  -0.888  20.156  1.00 78.62  ? 107 LYS A CA  1 
ATOM   837  C C   . LYS A 1 107 ? 13.206  -2.162  19.354  1.00 73.41  ? 107 LYS A C   1 
ATOM   838  O O   . LYS A 1 107 ? 14.319  -2.537  18.955  1.00 71.13  ? 107 LYS A O   1 
ATOM   839  C CB  . LYS A 1 107 ? 12.712  -1.267  21.615  1.00 87.07  ? 107 LYS A CB  1 
ATOM   840  C CG  . LYS A 1 107 ? 13.717  -2.228  22.252  1.00 94.75  ? 107 LYS A CG  1 
ATOM   841  C CD  . LYS A 1 107 ? 13.315  -2.656  23.670  1.00 99.04  ? 107 LYS A CD  1 
ATOM   842  C CE  . LYS A 1 107 ? 14.297  -3.576  24.403  1.00 100.00 ? 107 LYS A CE  1 
ATOM   843  N NZ  . LYS A 1 107 ? 14.407  -4.944  23.859  1.00 100.00 ? 107 LYS A NZ  1 
ATOM   844  N N   . ASN A 1 108 ? 12.094  -2.848  19.178  1.00 70.42  ? 108 ASN A N   1 
ATOM   845  C CA  . ASN A 1 108 ? 12.007  -4.096  18.471  1.00 67.82  ? 108 ASN A CA  1 
ATOM   846  C C   . ASN A 1 108 ? 11.208  -3.868  17.199  1.00 65.25  ? 108 ASN A C   1 
ATOM   847  O O   . ASN A 1 108 ? 10.033  -4.201  17.125  1.00 67.72  ? 108 ASN A O   1 
ATOM   848  C CB  . ASN A 1 108 ? 11.264  -5.052  19.416  1.00 67.09  ? 108 ASN A CB  1 
ATOM   849  C CG  . ASN A 1 108 ? 10.108  -4.319  20.067  1.00 67.74  ? 108 ASN A CG  1 
ATOM   850  O OD1 . ASN A 1 108 ? 9.999   -3.086  19.951  1.00 67.27  ? 108 ASN A OD1 1 
ATOM   851  N ND2 . ASN A 1 108 ? 9.248   -5.056  20.767  1.00 68.86  ? 108 ASN A ND2 1 
ATOM   852  N N   . CYS A 1 109 ? 11.853  -3.272  16.203  1.00 60.16  ? 109 CYS A N   1 
ATOM   853  C CA  . CYS A 1 109 ? 11.224  -2.993  14.928  1.00 53.55  ? 109 CYS A CA  1 
ATOM   854  C C   . CYS A 1 109 ? 11.560  -4.147  13.989  1.00 49.33  ? 109 CYS A C   1 
ATOM   855  O O   . CYS A 1 109 ? 12.711  -4.339  13.608  1.00 50.33  ? 109 CYS A O   1 
ATOM   856  C CB  . CYS A 1 109 ? 11.696  -1.628  14.376  1.00 52.59  ? 109 CYS A CB  1 
ATOM   857  S SG  . CYS A 1 109 ? 10.736  -0.987  12.982  1.00 53.30  ? 109 CYS A SG  1 
ATOM   858  N N   . ARG A 1 110 ? 10.572  -4.976  13.651  1.00 43.98  ? 110 ARG A N   1 
ATOM   859  C CA  . ARG A 1 110 ? 10.847  -6.112  12.805  1.00 39.55  ? 110 ARG A CA  1 
ATOM   860  C C   . ARG A 1 110 ? 10.464  -5.873  11.348  1.00 36.93  ? 110 ARG A C   1 
ATOM   861  O O   . ARG A 1 110 ? 10.749  -6.700  10.480  1.00 37.52  ? 110 ARG A O   1 
ATOM   862  C CB  . ARG A 1 110 ? 10.372  -7.432  13.416  1.00 45.43  ? 110 ARG A CB  1 
ATOM   863  C CG  . ARG A 1 110 ? 8.890   -7.712  13.246  1.00 52.76  ? 110 ARG A CG  1 
ATOM   864  C CD  . ARG A 1 110 ? 8.599   -7.975  11.785  1.00 61.67  ? 110 ARG A CD  1 
ATOM   865  N NE  . ARG A 1 110 ? 7.203   -8.247  11.495  1.00 70.04  ? 110 ARG A NE  1 
ATOM   866  C CZ  . ARG A 1 110 ? 6.791   -9.480  11.246  1.00 77.15  ? 110 ARG A CZ  1 
ATOM   867  N NH1 . ARG A 1 110 ? 7.662   -10.496 11.247  1.00 81.02  ? 110 ARG A NH1 1 
ATOM   868  N NH2 . ARG A 1 110 ? 5.497   -9.688  10.966  1.00 79.27  ? 110 ARG A NH2 1 
ATOM   869  N N   . ALA A 1 111 ? 9.829   -4.723  11.078  1.00 30.69  ? 111 ALA A N   1 
ATOM   870  C CA  . ALA A 1 111 ? 9.385   -4.380  9.739   1.00 23.91  ? 111 ALA A CA  1 
ATOM   871  C C   . ALA A 1 111 ? 10.430  -3.824  8.783   1.00 20.97  ? 111 ALA A C   1 
ATOM   872  O O   . ALA A 1 111 ? 11.217  -2.952  9.088   1.00 24.73  ? 111 ALA A O   1 
ATOM   873  C CB  . ALA A 1 111 ? 8.148   -3.495  9.781   1.00 16.55  ? 111 ALA A CB  1 
ATOM   874  N N   . LYS A 1 112 ? 10.400  -4.304  7.564   1.00 18.03  ? 112 LYS A N   1 
ATOM   875  C CA  . LYS A 1 112 ? 11.279  -3.787  6.553   1.00 16.01  ? 112 LYS A CA  1 
ATOM   876  C C   . LYS A 1 112 ? 10.446  -2.677  5.947   1.00 20.59  ? 112 LYS A C   1 
ATOM   877  O O   . LYS A 1 112 ? 9.264   -2.889  5.692   1.00 23.56  ? 112 LYS A O   1 
ATOM   878  C CB  . LYS A 1 112 ? 11.595  -4.829  5.493   1.00 14.58  ? 112 LYS A CB  1 
ATOM   879  C CG  . LYS A 1 112 ? 12.490  -4.162  4.475   1.00 18.49  ? 112 LYS A CG  1 
ATOM   880  C CD  . LYS A 1 112 ? 13.008  -5.074  3.384   1.00 25.44  ? 112 LYS A CD  1 
ATOM   881  C CE  . LYS A 1 112 ? 14.201  -4.486  2.649   1.00 30.93  ? 112 LYS A CE  1 
ATOM   882  N NZ  . LYS A 1 112 ? 14.720  -5.399  1.612   1.00 32.83  ? 112 LYS A NZ  1 
ATOM   883  N N   . ILE A 1 113 ? 10.972  -1.451  5.854   1.00 20.80  ? 113 ILE A N   1 
ATOM   884  C CA  . ILE A 1 113 ? 10.222  -0.333  5.339   1.00 19.28  ? 113 ILE A CA  1 
ATOM   885  C C   . ILE A 1 113 ? 10.837  0.111   4.020   1.00 23.44  ? 113 ILE A C   1 
ATOM   886  O O   . ILE A 1 113 ? 12.032  0.390   3.942   1.00 27.35  ? 113 ILE A O   1 
ATOM   887  C CB  . ILE A 1 113 ? 10.216  0.815   6.364   1.00 21.00  ? 113 ILE A CB  1 
ATOM   888  C CG1 . ILE A 1 113 ? 9.697   0.325   7.715   1.00 19.57  ? 113 ILE A CG1 1 
ATOM   889  C CG2 . ILE A 1 113 ? 9.328   1.955   5.862   1.00 21.63  ? 113 ILE A CG2 1 
ATOM   890  C CD1 . ILE A 1 113 ? 10.037  1.240   8.883   1.00 22.01  ? 113 ILE A CD1 1 
ATOM   891  N N   . GLU A 1 114 ? 10.033  0.131   2.959   1.00 19.84  ? 114 GLU A N   1 
ATOM   892  C CA  . GLU A 1 114 ? 10.558  0.522   1.672   1.00 19.16  ? 114 GLU A CA  1 
ATOM   893  C C   . GLU A 1 114 ? 9.549   1.128   0.745   1.00 14.96  ? 114 GLU A C   1 
ATOM   894  O O   . GLU A 1 114 ? 8.350   1.013   0.959   1.00 13.21  ? 114 GLU A O   1 
ATOM   895  C CB  . GLU A 1 114 ? 11.387  -0.585  0.975   1.00 20.57  ? 114 GLU A CB  1 
ATOM   896  C CG  . GLU A 1 114 ? 10.666  -1.907  1.094   1.00 23.64  ? 114 GLU A CG  1 
ATOM   897  C CD  . GLU A 1 114 ? 11.505  -3.032  0.614   1.00 30.41  ? 114 GLU A CD  1 
ATOM   898  O OE1 . GLU A 1 114 ? 12.579  -2.885  0.062   1.00 31.70  ? 114 GLU A OE1 1 
ATOM   899  O OE2 . GLU A 1 114 ? 10.925  -4.178  0.864   1.00 32.45  ? 114 GLU A OE2 1 
ATOM   900  N N   . LEU A 1 115 ? 10.100  1.827   -0.255  1.00 14.62  ? 115 LEU A N   1 
ATOM   901  C CA  . LEU A 1 115 ? 9.291   2.397   -1.299  1.00 15.62  ? 115 LEU A CA  1 
ATOM   902  C C   . LEU A 1 115 ? 8.764   1.295   -2.204  1.00 15.33  ? 115 LEU A C   1 
ATOM   903  O O   . LEU A 1 115 ? 9.481   0.454   -2.758  1.00 12.82  ? 115 LEU A O   1 
ATOM   904  C CB  . LEU A 1 115 ? 10.077  3.325   -2.239  1.00 20.67  ? 115 LEU A CB  1 
ATOM   905  C CG  . LEU A 1 115 ? 10.580  4.664   -1.689  1.00 19.85  ? 115 LEU A CG  1 
ATOM   906  C CD1 . LEU A 1 115 ? 11.320  5.285   -2.856  1.00 21.87  ? 115 LEU A CD1 1 
ATOM   907  C CD2 . LEU A 1 115 ? 9.416   5.592   -1.350  1.00 18.23  ? 115 LEU A CD2 1 
ATOM   908  N N   . LEU A 1 116 ? 7.476   1.371   -2.407  1.00 13.66  ? 116 LEU A N   1 
ATOM   909  C CA  . LEU A 1 116 ? 6.823   0.424   -3.264  1.00 16.49  ? 116 LEU A CA  1 
ATOM   910  C C   . LEU A 1 116 ? 7.510   0.463   -4.643  1.00 22.94  ? 116 LEU A C   1 
ATOM   911  O O   . LEU A 1 116 ? 7.910   -0.587  -5.128  1.00 28.46  ? 116 LEU A O   1 
ATOM   912  C CB  . LEU A 1 116 ? 5.290   0.708   -3.283  1.00 10.63  ? 116 LEU A CB  1 
ATOM   913  C CG  . LEU A 1 116 ? 4.434   -0.071  -4.293  1.00 12.86  ? 116 LEU A CG  1 
ATOM   914  C CD1 . LEU A 1 116 ? 4.583   -1.574  -4.062  1.00 12.90  ? 116 LEU A CD1 1 
ATOM   915  C CD2 . LEU A 1 116 ? 2.972   0.337   -4.117  1.00 13.44  ? 116 LEU A CD2 1 
ATOM   916  N N   . GLY A 1 117 ? 7.714   1.668   -5.212  1.00 19.40  ? 117 GLY A N   1 
ATOM   917  C CA  . GLY A 1 117 ? 8.333   1.942   -6.513  1.00 16.58  ? 117 GLY A CA  1 
ATOM   918  C C   . GLY A 1 117 ? 9.720   1.336   -6.615  1.00 11.91  ? 117 GLY A C   1 
ATOM   919  O O   . GLY A 1 117 ? 10.189  0.994   -7.686  1.00 15.27  ? 117 GLY A O   1 
ATOM   920  N N   . SER A 1 118 ? 10.347  1.059   -5.492  1.00 10.77  ? 118 SER A N   1 
ATOM   921  C CA  . SER A 1 118 ? 11.634  0.398   -5.627  1.00 18.17  ? 118 SER A CA  1 
ATOM   922  C C   . SER A 1 118 ? 11.504  -1.013  -6.231  1.00 16.83  ? 118 SER A C   1 
ATOM   923  O O   . SER A 1 118 ? 12.479  -1.746  -6.383  1.00 16.54  ? 118 SER A O   1 
ATOM   924  C CB  . SER A 1 118 ? 12.401  0.317   -4.311  1.00 19.86  ? 118 SER A CB  1 
ATOM   925  O OG  . SER A 1 118 ? 11.774  -0.665  -3.504  1.00 23.72  ? 118 SER A OG  1 
ATOM   926  N N   . TYR A 1 119 ? 10.290  -1.447  -6.461  1.00 16.13  ? 119 TYR A N   1 
ATOM   927  C CA  . TYR A 1 119 ? 9.985   -2.763  -7.036  1.00 17.74  ? 119 TYR A CA  1 
ATOM   928  C C   . TYR A 1 119 ? 9.619   -2.676  -8.525  1.00 19.96  ? 119 TYR A C   1 
ATOM   929  O O   . TYR A 1 119 ? 9.568   -3.658  -9.258  1.00 21.36  ? 119 TYR A O   1 
ATOM   930  C CB  . TYR A 1 119 ? 8.820   -3.417  -6.271  1.00 15.64  ? 119 TYR A CB  1 
ATOM   931  C CG  . TYR A 1 119 ? 9.286   -3.999  -4.960  1.00 13.83  ? 119 TYR A CG  1 
ATOM   932  C CD1 . TYR A 1 119 ? 9.154   -3.284  -3.772  1.00 17.04  ? 119 TYR A CD1 1 
ATOM   933  C CD2 . TYR A 1 119 ? 10.026  -5.178  -4.937  1.00 15.04  ? 119 TYR A CD2 1 
ATOM   934  C CE1 . TYR A 1 119 ? 9.674   -3.783  -2.580  1.00 17.36  ? 119 TYR A CE1 1 
ATOM   935  C CE2 . TYR A 1 119 ? 10.495  -5.730  -3.746  1.00 19.15  ? 119 TYR A CE2 1 
ATOM   936  C CZ  . TYR A 1 119 ? 10.314  -5.022  -2.558  1.00 17.61  ? 119 TYR A CZ  1 
ATOM   937  O OH  . TYR A 1 119 ? 10.831  -5.511  -1.378  1.00 13.49  ? 119 TYR A OH  1 
ATOM   938  N N   . ASP A 1 120 ? 9.370   -1.453  -8.970  1.00 20.25  ? 120 ASP A N   1 
ATOM   939  C CA  . ASP A 1 120 ? 8.958   -1.196  -10.312 1.00 20.46  ? 120 ASP A CA  1 
ATOM   940  C C   . ASP A 1 120 ? 10.001  -1.607  -11.305 1.00 26.95  ? 120 ASP A C   1 
ATOM   941  O O   . ASP A 1 120 ? 11.108  -1.065  -11.274 1.00 30.66  ? 120 ASP A O   1 
ATOM   942  C CB  . ASP A 1 120 ? 8.670   0.286   -10.525 1.00 15.84  ? 120 ASP A CB  1 
ATOM   943  C CG  . ASP A 1 120 ? 8.073   0.500   -11.871 1.00 19.42  ? 120 ASP A CG  1 
ATOM   944  O OD1 . ASP A 1 120 ? 7.729   -0.404  -12.593 1.00 23.86  ? 120 ASP A OD1 1 
ATOM   945  O OD2 . ASP A 1 120 ? 7.968   1.746   -12.206 1.00 22.52  ? 120 ASP A OD2 1 
ATOM   946  N N   . PRO A 1 121 ? 9.604   -2.505  -12.221 1.00 30.57  ? 121 PRO A N   1 
ATOM   947  C CA  . PRO A 1 121 ? 10.488  -2.944  -13.296 1.00 28.63  ? 121 PRO A CA  1 
ATOM   948  C C   . PRO A 1 121 ? 10.736  -1.764  -14.233 1.00 27.09  ? 121 PRO A C   1 
ATOM   949  O O   . PRO A 1 121 ? 11.800  -1.680  -14.801 1.00 33.54  ? 121 PRO A O   1 
ATOM   950  C CB  . PRO A 1 121 ? 9.830   -4.139  -13.995 1.00 25.54  ? 121 PRO A CB  1 
ATOM   951  C CG  . PRO A 1 121 ? 8.457   -4.292  -13.379 1.00 26.92  ? 121 PRO A CG  1 
ATOM   952  C CD  . PRO A 1 121 ? 8.337   -3.295  -12.228 1.00 29.96  ? 121 PRO A CD  1 
ATOM   953  N N   . GLN A 1 122 ? 9.835   -0.777  -14.289 1.00 22.69  ? 122 GLN A N   1 
ATOM   954  C CA  . GLN A 1 122 ? 10.040  0.420   -15.097 1.00 22.94  ? 122 GLN A CA  1 
ATOM   955  C C   . GLN A 1 122 ? 10.817  1.506   -14.365 1.00 27.58  ? 122 GLN A C   1 
ATOM   956  O O   . GLN A 1 122 ? 11.036  2.637   -14.870 1.00 20.99  ? 122 GLN A O   1 
ATOM   957  C CB  . GLN A 1 122 ? 8.784   1.034   -15.702 1.00 23.22  ? 122 GLN A CB  1 
ATOM   958  C CG  . GLN A 1 122 ? 8.168   0.096   -16.733 1.00 27.78  ? 122 GLN A CG  1 
ATOM   959  C CD  . GLN A 1 122 ? 6.962   0.727   -17.347 1.00 30.75  ? 122 GLN A CD  1 
ATOM   960  O OE1 . GLN A 1 122 ? 6.301   0.071   -18.128 1.00 35.55  ? 122 GLN A OE1 1 
ATOM   961  N NE2 . GLN A 1 122 ? 6.633   1.956   -16.950 1.00 32.33  ? 122 GLN A NE2 1 
ATOM   962  N N   . LYS A 1 123 ? 11.123  1.170   -13.115 1.00 30.10  ? 123 LYS A N   1 
ATOM   963  C CA  . LYS A 1 123 ? 11.941  2.076   -12.350 1.00 33.03  ? 123 LYS A CA  1 
ATOM   964  C C   . LYS A 1 123 ? 11.340  3.419   -11.981 1.00 33.09  ? 123 LYS A C   1 
ATOM   965  O O   . LYS A 1 123 ? 12.083  4.348   -11.666 1.00 35.08  ? 123 LYS A O   1 
ATOM   966  C CB  . LYS A 1 123 ? 13.218  2.354   -13.110 1.00 39.03  ? 123 LYS A CB  1 
ATOM   967  C CG  . LYS A 1 123 ? 13.934  1.144   -13.709 1.00 47.09  ? 123 LYS A CG  1 
ATOM   968  C CD  . LYS A 1 123 ? 14.349  0.049   -12.740 1.00 52.45  ? 123 LYS A CD  1 
ATOM   969  C CE  . LYS A 1 123 ? 15.530  -0.800  -13.232 1.00 56.45  ? 123 LYS A CE  1 
ATOM   970  N NZ  . LYS A 1 123 ? 15.364  -1.490  -14.524 1.00 55.20  ? 123 LYS A NZ  1 
ATOM   971  N N   . GLN A 1 124 ? 10.037  3.615   -12.045 1.00 32.86  ? 124 GLN A N   1 
ATOM   972  C CA  . GLN A 1 124 ? 9.564   4.918   -11.589 1.00 34.88  ? 124 GLN A CA  1 
ATOM   973  C C   . GLN A 1 124 ? 9.553   4.884   -10.061 1.00 30.68  ? 124 GLN A C   1 
ATOM   974  O O   . GLN A 1 124 ? 8.633   4.329   -9.465  1.00 34.48  ? 124 GLN A O   1 
ATOM   975  C CB  . GLN A 1 124 ? 8.166   5.195   -12.130 1.00 41.31  ? 124 GLN A CB  1 
ATOM   976  C CG  . GLN A 1 124 ? 8.145   5.043   -13.648 1.00 50.90  ? 124 GLN A CG  1 
ATOM   977  C CD  . GLN A 1 124 ? 6.773   5.361   -14.176 1.00 62.45  ? 124 GLN A CD  1 
ATOM   978  O OE1 . GLN A 1 124 ? 6.354   4.812   -15.206 1.00 68.70  ? 124 GLN A OE1 1 
ATOM   979  N NE2 . GLN A 1 124 ? 6.074   6.258   -13.476 1.00 65.64  ? 124 GLN A NE2 1 
ATOM   980  N N   . LEU A 1 125 ? 10.577  5.438   -9.415  1.00 20.53  ? 125 LEU A N   1 
ATOM   981  C CA  . LEU A 1 125 ? 10.634  5.268   -7.994  1.00 20.40  ? 125 LEU A CA  1 
ATOM   982  C C   . LEU A 1 125 ? 9.429   5.723   -7.279  1.00 20.07  ? 125 LEU A C   1 
ATOM   983  O O   . LEU A 1 125 ? 9.002   5.100   -6.299  1.00 21.87  ? 125 LEU A O   1 
ATOM   984  C CB  . LEU A 1 125 ? 11.768  6.007   -7.298  1.00 25.70  ? 125 LEU A CB  1 
ATOM   985  C CG  . LEU A 1 125 ? 12.912  5.150   -6.805  1.00 29.46  ? 125 LEU A CG  1 
ATOM   986  C CD1 . LEU A 1 125 ? 13.944  6.124   -6.243  1.00 30.07  ? 125 LEU A CD1 1 
ATOM   987  C CD2 . LEU A 1 125 ? 12.391  4.283   -5.659  1.00 31.93  ? 125 LEU A CD2 1 
ATOM   988  N N   . ILE A 1 126 ? 9.005   6.872   -7.746  1.00 17.85  ? 126 ILE A N   1 
ATOM   989  C CA  . ILE A 1 126 ? 7.934   7.607   -7.153  1.00 16.53  ? 126 ILE A CA  1 
ATOM   990  C C   . ILE A 1 126 ? 6.537   7.457   -7.646  1.00 13.64  ? 126 ILE A C   1 
ATOM   991  O O   . ILE A 1 126 ? 6.347   7.581   -8.818  1.00 18.05  ? 126 ILE A O   1 
ATOM   992  C CB  . ILE A 1 126 ? 8.173   8.717   -6.117  1.00 16.44  ? 126 ILE A CB  1 
ATOM   993  C CG1 . ILE A 1 126 ? 7.061   9.720   -6.260  1.00 13.20  ? 126 ILE A CG1 1 
ATOM   994  C CG2 . ILE A 1 126 ? 9.557   9.358   -6.104  1.00 15.92  ? 126 ILE A CG2 1 
ATOM   995  C CD1 . ILE A 1 126 ? 6.675   10.333  -4.927  1.00 20.59  ? 126 ILE A CD1 1 
ATOM   996  N N   . ILE A 1 127 ? 5.592   7.294   -6.738  1.00 12.14  ? 127 ILE A N   1 
ATOM   997  C CA  . ILE A 1 127 ? 4.201   7.235   -7.090  1.00 15.25  ? 127 ILE A CA  1 
ATOM   998  C C   . ILE A 1 127 ? 3.602   8.559   -6.674  1.00 17.65  ? 127 ILE A C   1 
ATOM   999  O O   . ILE A 1 127 ? 3.413   8.837   -5.487  1.00 21.15  ? 127 ILE A O   1 
ATOM   1000 C CB  . ILE A 1 127 ? 3.491   6.053   -6.399  1.00 19.60  ? 127 ILE A CB  1 
ATOM   1001 C CG1 . ILE A 1 127 ? 4.152   4.730   -6.812  1.00 19.83  ? 127 ILE A CG1 1 
ATOM   1002 C CG2 . ILE A 1 127 ? 2.017   6.030   -6.800  1.00 18.06  ? 127 ILE A CG2 1 
ATOM   1003 C CD1 . ILE A 1 127 ? 3.689   3.528   -5.993  1.00 19.61  ? 127 ILE A CD1 1 
ATOM   1004 N N   . GLU A 1 128 ? 3.249   9.338   -7.670  1.00 17.57  ? 128 GLU A N   1 
ATOM   1005 C CA  . GLU A 1 128 ? 2.755   10.671  -7.468  1.00 21.82  ? 128 GLU A CA  1 
ATOM   1006 C C   . GLU A 1 128 ? 1.363   10.742  -6.879  1.00 29.25  ? 128 GLU A C   1 
ATOM   1007 O O   . GLU A 1 128 ? 0.521   9.884   -7.109  1.00 28.10  ? 128 GLU A O   1 
ATOM   1008 C CB  . GLU A 1 128 ? 2.875   11.447  -8.786  1.00 19.17  ? 128 GLU A CB  1 
ATOM   1009 C CG  . GLU A 1 128 ? 4.269   11.256  -9.418  1.00 17.25  ? 128 GLU A CG  1 
ATOM   1010 C CD  . GLU A 1 128 ? 5.286   12.138  -8.768  1.00 21.96  ? 128 GLU A CD  1 
ATOM   1011 O OE1 . GLU A 1 128 ? 4.996   13.201  -8.259  1.00 28.69  ? 128 GLU A OE1 1 
ATOM   1012 O OE2 . GLU A 1 128 ? 6.501   11.691  -8.829  1.00 21.60  ? 128 GLU A OE2 1 
ATOM   1013 N N   . ASP A 1 129 ? 1.155   11.803  -6.100  1.00 32.13  ? 129 ASP A N   1 
ATOM   1014 C CA  . ASP A 1 129 ? -0.112  12.092  -5.465  1.00 32.81  ? 129 ASP A CA  1 
ATOM   1015 C C   . ASP A 1 129 ? -1.043  12.537  -6.566  1.00 30.05  ? 129 ASP A C   1 
ATOM   1016 O O   . ASP A 1 129 ? -0.788  13.505  -7.289  1.00 31.66  ? 129 ASP A O   1 
ATOM   1017 C CB  . ASP A 1 129 ? 0.035   13.213  -4.417  1.00 34.40  ? 129 ASP A CB  1 
ATOM   1018 C CG  . ASP A 1 129 ? -1.265  13.537  -3.734  1.00 42.63  ? 129 ASP A CG  1 
ATOM   1019 O OD1 . ASP A 1 129 ? -1.315  14.268  -2.769  1.00 45.26  ? 129 ASP A OD1 1 
ATOM   1020 O OD2 . ASP A 1 129 ? -2.322  12.945  -4.259  1.00 43.59  ? 129 ASP A OD2 1 
ATOM   1021 N N   . PRO A 1 130 ? -2.143  11.835  -6.710  1.00 26.37  ? 130 PRO A N   1 
ATOM   1022 C CA  . PRO A 1 130 ? -3.036  12.160  -7.809  1.00 22.94  ? 130 PRO A CA  1 
ATOM   1023 C C   . PRO A 1 130 ? -4.185  13.049  -7.382  1.00 22.21  ? 130 PRO A C   1 
ATOM   1024 O O   . PRO A 1 130 ? -5.020  13.407  -8.192  1.00 23.98  ? 130 PRO A O   1 
ATOM   1025 C CB  . PRO A 1 130 ? -3.631  10.811  -8.181  1.00 20.72  ? 130 PRO A CB  1 
ATOM   1026 C CG  . PRO A 1 130 ? -3.556  9.953   -6.923  1.00 20.68  ? 130 PRO A CG  1 
ATOM   1027 C CD  . PRO A 1 130 ? -2.524  10.580  -6.009  1.00 24.12  ? 130 PRO A CD  1 
ATOM   1028 N N   . TYR A 1 131 ? -4.266  13.338  -6.098  1.00 22.31  ? 131 TYR A N   1 
ATOM   1029 C CA  . TYR A 1 131 ? -5.368  14.119  -5.575  1.00 31.37  ? 131 TYR A CA  1 
ATOM   1030 C C   . TYR A 1 131 ? -5.794  15.303  -6.451  1.00 34.45  ? 131 TYR A C   1 
ATOM   1031 O O   . TYR A 1 131 ? -6.970  15.451  -6.810  1.00 32.16  ? 131 TYR A O   1 
ATOM   1032 C CB  . TYR A 1 131 ? -5.137  14.461  -4.080  1.00 37.69  ? 131 TYR A CB  1 
ATOM   1033 C CG  . TYR A 1 131 ? -6.270  15.209  -3.410  1.00 42.46  ? 131 TYR A CG  1 
ATOM   1034 C CD1 . TYR A 1 131 ? -7.344  14.566  -2.796  1.00 42.35  ? 131 TYR A CD1 1 
ATOM   1035 C CD2 . TYR A 1 131 ? -6.265  16.601  -3.420  1.00 47.67  ? 131 TYR A CD2 1 
ATOM   1036 C CE1 . TYR A 1 131 ? -8.397  15.296  -2.245  1.00 44.44  ? 131 TYR A CE1 1 
ATOM   1037 C CE2 . TYR A 1 131 ? -7.306  17.352  -2.874  1.00 48.11  ? 131 TYR A CE2 1 
ATOM   1038 C CZ  . TYR A 1 131 ? -8.367  16.691  -2.265  1.00 45.68  ? 131 TYR A CZ  1 
ATOM   1039 O OH  . TYR A 1 131 ? -9.363  17.450  -1.721  1.00 47.77  ? 131 TYR A OH  1 
ATOM   1040 N N   . TYR A 1 132 ? -4.834  16.139  -6.853  1.00 35.41  ? 132 TYR A N   1 
ATOM   1041 C CA  . TYR A 1 132 ? -5.169  17.303  -7.665  1.00 34.15  ? 132 TYR A CA  1 
ATOM   1042 C C   . TYR A 1 132 ? -5.197  17.032  -9.131  1.00 31.13  ? 132 TYR A C   1 
ATOM   1043 O O   . TYR A 1 132 ? -5.379  17.958  -9.915  1.00 32.74  ? 132 TYR A O   1 
ATOM   1044 C CB  . TYR A 1 132 ? -4.398  18.611  -7.388  1.00 32.51  ? 132 TYR A CB  1 
ATOM   1045 C CG  . TYR A 1 132 ? -4.505  19.089  -5.956  1.00 27.61  ? 132 TYR A CG  1 
ATOM   1046 C CD1 . TYR A 1 132 ? -3.453  18.895  -5.070  1.00 23.42  ? 132 TYR A CD1 1 
ATOM   1047 C CD2 . TYR A 1 132 ? -5.653  19.744  -5.512  1.00 26.73  ? 132 TYR A CD2 1 
ATOM   1048 C CE1 . TYR A 1 132 ? -3.567  19.300  -3.742  1.00 29.81  ? 132 TYR A CE1 1 
ATOM   1049 C CE2 . TYR A 1 132 ? -5.773  20.161  -4.187  1.00 30.21  ? 132 TYR A CE2 1 
ATOM   1050 C CZ  . TYR A 1 132 ? -4.719  19.947  -3.299  1.00 32.72  ? 132 TYR A CZ  1 
ATOM   1051 O OH  . TYR A 1 132 ? -4.786  20.400  -2.000  1.00 36.64  ? 132 TYR A OH  1 
ATOM   1052 N N   . GLY A 1 133 ? -4.972  15.777  -9.476  1.00 29.84  ? 133 GLY A N   1 
ATOM   1053 C CA  . GLY A 1 133 ? -4.984  15.372  -10.863 1.00 27.47  ? 133 GLY A CA  1 
ATOM   1054 C C   . GLY A 1 133 ? -6.414  15.057  -11.237 1.00 29.29  ? 133 GLY A C   1 
ATOM   1055 O O   . GLY A 1 133 ? -7.376  15.431  -10.543 1.00 25.38  ? 133 GLY A O   1 
ATOM   1056 N N   . ASN A 1 134 ? -6.544  14.387  -12.371 1.00 31.64  ? 134 ASN A N   1 
ATOM   1057 C CA  . ASN A 1 134 ? -7.836  13.949  -12.837 1.00 34.95  ? 134 ASN A CA  1 
ATOM   1058 C C   . ASN A 1 134 ? -7.912  12.425  -12.851 1.00 35.00  ? 134 ASN A C   1 
ATOM   1059 O O   . ASN A 1 134 ? -7.142  11.726  -12.188 1.00 34.71  ? 134 ASN A O   1 
ATOM   1060 C CB  . ASN A 1 134 ? -8.138  14.603  -14.186 1.00 38.66  ? 134 ASN A CB  1 
ATOM   1061 C CG  . ASN A 1 134 ? -6.914  14.581  -15.078 1.00 42.25  ? 134 ASN A CG  1 
ATOM   1062 O OD1 . ASN A 1 134 ? -5.984  13.769  -14.862 1.00 44.16  ? 134 ASN A OD1 1 
ATOM   1063 N ND2 . ASN A 1 134 ? -6.907  15.498  -16.054 1.00 41.57  ? 134 ASN A ND2 1 
ATOM   1064 N N   . ASP A 1 135 ? -8.830  11.917  -13.644 1.00 37.13  ? 135 ASP A N   1 
ATOM   1065 C CA  . ASP A 1 135 ? -9.049  10.497  -13.798 1.00 42.75  ? 135 ASP A CA  1 
ATOM   1066 C C   . ASP A 1 135 ? -7.963  9.734   -14.562 1.00 44.26  ? 135 ASP A C   1 
ATOM   1067 O O   . ASP A 1 135 ? -7.735  8.550   -14.351 1.00 46.18  ? 135 ASP A O   1 
ATOM   1068 C CB  . ASP A 1 135 ? -10.486 10.198  -14.251 1.00 48.04  ? 135 ASP A CB  1 
ATOM   1069 C CG  . ASP A 1 135 ? -11.477 10.667  -13.208 1.00 55.01  ? 135 ASP A CG  1 
ATOM   1070 O OD1 . ASP A 1 135 ? -12.453 10.012  -12.897 1.00 56.95  ? 135 ASP A OD1 1 
ATOM   1071 O OD2 . ASP A 1 135 ? -11.207 11.848  -12.677 1.00 57.84  ? 135 ASP A OD2 1 
ATOM   1072 N N   . ALA A 1 136 ? -7.213  10.391  -15.426 1.00 40.35  ? 136 ALA A N   1 
ATOM   1073 C CA  . ALA A 1 136 ? -6.182  9.632   -16.088 1.00 34.37  ? 136 ALA A CA  1 
ATOM   1074 C C   . ALA A 1 136 ? -4.967  9.451   -15.203 1.00 31.28  ? 136 ALA A C   1 
ATOM   1075 O O   . ALA A 1 136 ? -4.172  8.543   -15.377 1.00 35.07  ? 136 ALA A O   1 
ATOM   1076 C CB  . ALA A 1 136 ? -5.841  10.213  -17.446 1.00 36.07  ? 136 ALA A CB  1 
ATOM   1077 N N   . ASP A 1 137 ? -4.820  10.289  -14.206 1.00 31.64  ? 137 ASP A N   1 
ATOM   1078 C CA  . ASP A 1 137 ? -3.665  10.146  -13.335 1.00 31.52  ? 137 ASP A CA  1 
ATOM   1079 C C   . ASP A 1 137 ? -3.904  9.014   -12.363 1.00 24.82  ? 137 ASP A C   1 
ATOM   1080 O O   . ASP A 1 137 ? -2.971  8.434   -11.847 1.00 20.97  ? 137 ASP A O   1 
ATOM   1081 C CB  . ASP A 1 137 ? -3.283  11.435  -12.562 1.00 32.81  ? 137 ASP A CB  1 
ATOM   1082 C CG  . ASP A 1 137 ? -2.848  12.613  -13.405 1.00 35.19  ? 137 ASP A CG  1 
ATOM   1083 O OD1 . ASP A 1 137 ? -1.853  12.596  -14.095 1.00 36.61  ? 137 ASP A OD1 1 
ATOM   1084 O OD2 . ASP A 1 137 ? -3.653  13.651  -13.326 1.00 35.05  ? 137 ASP A OD2 1 
ATOM   1085 N N   . PHE A 1 138 ? -5.162  8.769   -12.045 1.00 21.91  ? 138 PHE A N   1 
ATOM   1086 C CA  . PHE A 1 138 ? -5.448  7.682   -11.141 1.00 21.77  ? 138 PHE A CA  1 
ATOM   1087 C C   . PHE A 1 138 ? -5.169  6.378   -11.894 1.00 24.02  ? 138 PHE A C   1 
ATOM   1088 O O   . PHE A 1 138 ? -4.537  5.424   -11.433 1.00 28.98  ? 138 PHE A O   1 
ATOM   1089 C CB  . PHE A 1 138 ? -6.882  7.797   -10.571 1.00 21.37  ? 138 PHE A CB  1 
ATOM   1090 C CG  . PHE A 1 138 ? -7.084  8.820   -9.465  1.00 18.69  ? 138 PHE A CG  1 
ATOM   1091 C CD1 . PHE A 1 138 ? -7.368  10.162  -9.726  1.00 19.69  ? 138 PHE A CD1 1 
ATOM   1092 C CD2 . PHE A 1 138 ? -6.971  8.435   -8.130  1.00 18.06  ? 138 PHE A CD2 1 
ATOM   1093 C CE1 . PHE A 1 138 ? -7.564  11.096  -8.708  1.00 14.86  ? 138 PHE A CE1 1 
ATOM   1094 C CE2 . PHE A 1 138 ? -7.165  9.330   -7.075  1.00 17.34  ? 138 PHE A CE2 1 
ATOM   1095 C CZ  . PHE A 1 138 ? -7.422  10.666  -7.390  1.00 18.53  ? 138 PHE A CZ  1 
ATOM   1096 N N   . GLU A 1 139 ? -5.571  6.368   -13.141 1.00 21.59  ? 139 GLU A N   1 
ATOM   1097 C CA  . GLU A 1 139 ? -5.291  5.229   -13.983 1.00 24.09  ? 139 GLU A CA  1 
ATOM   1098 C C   . GLU A 1 139 ? -3.762  5.044   -14.059 1.00 25.71  ? 139 GLU A C   1 
ATOM   1099 O O   . GLU A 1 139 ? -3.190  3.944   -14.012 1.00 22.41  ? 139 GLU A O   1 
ATOM   1100 C CB  . GLU A 1 139 ? -5.871  5.517   -15.382 1.00 20.04  ? 139 GLU A CB  1 
ATOM   1101 C CG  . GLU A 1 139 ? -5.348  4.477   -16.358 1.00 21.49  ? 139 GLU A CG  1 
ATOM   1102 C CD  . GLU A 1 139 ? -5.831  3.099   -16.002 1.00 24.58  ? 139 GLU A CD  1 
ATOM   1103 O OE1 . GLU A 1 139 ? -5.273  2.111   -16.397 1.00 26.99  ? 139 GLU A OE1 1 
ATOM   1104 O OE2 . GLU A 1 139 ? -6.974  3.051   -15.366 1.00 24.76  ? 139 GLU A OE2 1 
ATOM   1105 N N   . THR A 1 140 ? -3.033  6.154   -14.139 1.00 23.09  ? 140 THR A N   1 
ATOM   1106 C CA  . THR A 1 140 ? -1.609  5.953   -14.192 1.00 23.92  ? 140 THR A CA  1 
ATOM   1107 C C   . THR A 1 140 ? -1.134  5.359   -12.865 1.00 24.75  ? 140 THR A C   1 
ATOM   1108 O O   . THR A 1 140 ? -0.276  4.477   -12.819 1.00 27.94  ? 140 THR A O   1 
ATOM   1109 C CB  . THR A 1 140 ? -0.794  7.229   -14.549 1.00 26.01  ? 140 THR A CB  1 
ATOM   1110 O OG1 . THR A 1 140 ? -0.874  8.143   -13.469 1.00 33.75  ? 140 THR A OG1 1 
ATOM   1111 C CG2 . THR A 1 140 ? -1.204  7.952   -15.826 1.00 19.97  ? 140 THR A CG2 1 
ATOM   1112 N N   . VAL A 1 141 ? -1.668  5.830   -11.748 1.00 19.37  ? 141 VAL A N   1 
ATOM   1113 C CA  . VAL A 1 141 ? -1.222  5.286   -10.470 1.00 19.48  ? 141 VAL A CA  1 
ATOM   1114 C C   . VAL A 1 141 ? -1.550  3.784   -10.381 1.00 18.27  ? 141 VAL A C   1 
ATOM   1115 O O   . VAL A 1 141 ? -0.726  2.972   -9.952  1.00 18.80  ? 141 VAL A O   1 
ATOM   1116 C CB  . VAL A 1 141 ? -1.890  6.006   -9.291  1.00 16.89  ? 141 VAL A CB  1 
ATOM   1117 C CG1 . VAL A 1 141 ? -1.538  5.347   -7.974  1.00 16.48  ? 141 VAL A CG1 1 
ATOM   1118 C CG2 . VAL A 1 141 ? -1.616  7.487   -9.223  1.00 20.54  ? 141 VAL A CG2 1 
ATOM   1119 N N   . TYR A 1 142 ? -2.793  3.415   -10.737 1.00 18.01  ? 142 TYR A N   1 
ATOM   1120 C CA  . TYR A 1 142 ? -3.186  2.002   -10.694 1.00 16.91  ? 142 TYR A CA  1 
ATOM   1121 C C   . TYR A 1 142 ? -2.156  1.172   -11.458 1.00 10.07  ? 142 TYR A C   1 
ATOM   1122 O O   . TYR A 1 142 ? -1.563  0.242   -10.953 1.00 16.11  ? 142 TYR A O   1 
ATOM   1123 C CB  . TYR A 1 142 ? -4.552  1.889   -11.414 1.00 18.94  ? 142 TYR A CB  1 
ATOM   1124 C CG  . TYR A 1 142 ? -4.897  0.473   -11.794 1.00 21.35  ? 142 TYR A CG  1 
ATOM   1125 C CD1 . TYR A 1 142 ? -5.496  -0.365  -10.853 1.00 18.67  ? 142 TYR A CD1 1 
ATOM   1126 C CD2 . TYR A 1 142 ? -4.599  -0.015  -13.071 1.00 23.15  ? 142 TYR A CD2 1 
ATOM   1127 C CE1 . TYR A 1 142 ? -5.818  -1.675  -11.210 1.00 25.43  ? 142 TYR A CE1 1 
ATOM   1128 C CE2 . TYR A 1 142 ? -4.907  -1.328  -13.433 1.00 26.81  ? 142 TYR A CE2 1 
ATOM   1129 C CZ  . TYR A 1 142 ? -5.522  -2.159  -12.489 1.00 28.34  ? 142 TYR A CZ  1 
ATOM   1130 O OH  . TYR A 1 142 ? -5.797  -3.478  -12.787 1.00 27.17  ? 142 TYR A OH  1 
ATOM   1131 N N   . GLN A 1 143 ? -1.855  1.597   -12.669 1.00 11.71  ? 143 GLN A N   1 
ATOM   1132 C CA  . GLN A 1 143 ? -0.859  0.937   -13.497 1.00 15.13  ? 143 GLN A CA  1 
ATOM   1133 C C   . GLN A 1 143 ? 0.460   0.736   -12.769 1.00 18.27  ? 143 GLN A C   1 
ATOM   1134 O O   . GLN A 1 143 ? 1.051   -0.346  -12.814 1.00 21.95  ? 143 GLN A O   1 
ATOM   1135 C CB  . GLN A 1 143 ? -0.626  1.741   -14.788 1.00 22.38  ? 143 GLN A CB  1 
ATOM   1136 C CG  . GLN A 1 143 ? -1.882  1.839   -15.677 1.00 29.75  ? 143 GLN A CG  1 
ATOM   1137 C CD  . GLN A 1 143 ? -2.365  0.477   -16.181 1.00 38.20  ? 143 GLN A CD  1 
ATOM   1138 O OE1 . GLN A 1 143 ? -1.574  -0.471  -16.398 1.00 41.45  ? 143 GLN A OE1 1 
ATOM   1139 N NE2 . GLN A 1 143 ? -3.680  0.351   -16.364 1.00 38.54  ? 143 GLN A NE2 1 
ATOM   1140 N N   . GLN A 1 144 ? 0.944   1.747   -12.039 1.00 19.54  ? 144 GLN A N   1 
ATOM   1141 C CA  . GLN A 1 144 ? 2.228   1.551   -11.373 1.00 21.08  ? 144 GLN A CA  1 
ATOM   1142 C C   . GLN A 1 144 ? 2.115   0.571   -10.224 1.00 18.45  ? 144 GLN A C   1 
ATOM   1143 O O   . GLN A 1 144 ? 2.998   -0.272  -10.041 1.00 16.53  ? 144 GLN A O   1 
ATOM   1144 C CB  . GLN A 1 144 ? 2.940   2.779   -10.780 1.00 24.64  ? 144 GLN A CB  1 
ATOM   1145 C CG  . GLN A 1 144 ? 3.184   4.055   -11.604 1.00 26.05  ? 144 GLN A CG  1 
ATOM   1146 C CD  . GLN A 1 144 ? 3.968   5.082   -10.758 1.00 29.21  ? 144 GLN A CD  1 
ATOM   1147 O OE1 . GLN A 1 144 ? 5.098   4.862   -10.275 1.00 28.31  ? 144 GLN A OE1 1 
ATOM   1148 N NE2 . GLN A 1 144 ? 3.305   6.169   -10.431 1.00 30.20  ? 144 GLN A NE2 1 
ATOM   1149 N N   . CYS A 1 145 ? 1.065   0.712   -9.416  1.00 17.24  ? 145 CYS A N   1 
ATOM   1150 C CA  . CYS A 1 145 ? 0.917   -0.243  -8.316  1.00 15.34  ? 145 CYS A CA  1 
ATOM   1151 C C   . CYS A 1 145 ? 0.837   -1.658  -8.894  1.00 13.29  ? 145 CYS A C   1 
ATOM   1152 O O   . CYS A 1 145 ? 1.449   -2.600  -8.361  1.00 18.76  ? 145 CYS A O   1 
ATOM   1153 C CB  . CYS A 1 145 ? -0.336  0.033   -7.472  1.00 17.14  ? 145 CYS A CB  1 
ATOM   1154 S SG  . CYS A 1 145 ? -0.337  1.669   -6.661  1.00 22.48  ? 145 CYS A SG  1 
ATOM   1155 N N   . VAL A 1 146 ? 0.112   -1.835  -9.999  1.00 10.48  ? 146 VAL A N   1 
ATOM   1156 C CA  . VAL A 1 146 ? 0.089   -3.213  -10.581 1.00 17.35  ? 146 VAL A CA  1 
ATOM   1157 C C   . VAL A 1 146 ? 1.494   -3.760  -10.841 1.00 17.45  ? 146 VAL A C   1 
ATOM   1158 O O   . VAL A 1 146 ? 1.890   -4.836  -10.419 1.00 18.40  ? 146 VAL A O   1 
ATOM   1159 C CB  . VAL A 1 146 ? -0.711  -3.301  -11.882 1.00 19.58  ? 146 VAL A CB  1 
ATOM   1160 C CG1 . VAL A 1 146 ? -0.552  -4.683  -12.518 1.00 21.01  ? 146 VAL A CG1 1 
ATOM   1161 C CG2 . VAL A 1 146 ? -2.186  -2.989  -11.631 1.00 20.83  ? 146 VAL A CG2 1 
ATOM   1162 N N   . ARG A 1 147 ? 2.309   -2.968  -11.510 1.00 19.86  ? 147 ARG A N   1 
ATOM   1163 C CA  . ARG A 1 147 ? 3.681   -3.384  -11.781 1.00 21.52  ? 147 ARG A CA  1 
ATOM   1164 C C   . ARG A 1 147 ? 4.438   -3.696  -10.509 1.00 19.57  ? 147 ARG A C   1 
ATOM   1165 O O   . ARG A 1 147 ? 5.194   -4.661  -10.389 1.00 16.27  ? 147 ARG A O   1 
ATOM   1166 C CB  . ARG A 1 147 ? 4.441   -2.195  -12.376 1.00 23.46  ? 147 ARG A CB  1 
ATOM   1167 C CG  . ARG A 1 147 ? 4.353   -2.046  -13.883 1.00 27.29  ? 147 ARG A CG  1 
ATOM   1168 C CD  . ARG A 1 147 ? 5.158   -0.852  -14.383 1.00 31.24  ? 147 ARG A CD  1 
ATOM   1169 N NE  . ARG A 1 147 ? 4.209   0.201   -14.706 1.00 38.79  ? 147 ARG A NE  1 
ATOM   1170 C CZ  . ARG A 1 147 ? 4.428   1.506   -14.632 1.00 40.13  ? 147 ARG A CZ  1 
ATOM   1171 N NH1 . ARG A 1 147 ? 5.578   1.999   -14.166 1.00 35.94  ? 147 ARG A NH1 1 
ATOM   1172 N NH2 . ARG A 1 147 ? 3.429   2.327   -14.995 1.00 44.20  ? 147 ARG A NH2 1 
ATOM   1173 N N   . CYS A 1 148 ? 4.327   -2.773  -9.561  1.00 14.77  ? 148 CYS A N   1 
ATOM   1174 C CA  . CYS A 1 148 ? 5.106   -2.947  -8.371  1.00 11.22  ? 148 CYS A CA  1 
ATOM   1175 C C   . CYS A 1 148 ? 4.645   -4.110  -7.573  1.00 10.23  ? 148 CYS A C   1 
ATOM   1176 O O   . CYS A 1 148 ? 5.490   -4.856  -7.093  1.00 12.79  ? 148 CYS A O   1 
ATOM   1177 C CB  . CYS A 1 148 ? 5.203   -1.688  -7.462  1.00 16.44  ? 148 CYS A CB  1 
ATOM   1178 S SG  . CYS A 1 148 ? 5.833   -0.203  -8.300  1.00 19.67  ? 148 CYS A SG  1 
ATOM   1179 N N   . CYS A 1 149 ? 3.331   -4.211  -7.360  1.00 9.27   ? 149 CYS A N   1 
ATOM   1180 C CA  . CYS A 1 149 ? 2.914   -5.271  -6.480  1.00 9.10   ? 149 CYS A CA  1 
ATOM   1181 C C   . CYS A 1 149 ? 3.172   -6.612  -7.121  1.00 17.06  ? 149 CYS A C   1 
ATOM   1182 O O   . CYS A 1 149 ? 3.537   -7.536  -6.404  1.00 20.47  ? 149 CYS A O   1 
ATOM   1183 C CB  . CYS A 1 149 ? 1.457   -5.209  -6.033  1.00 16.18  ? 149 CYS A CB  1 
ATOM   1184 S SG  . CYS A 1 149 ? 0.901   -3.688  -5.259  1.00 25.85  ? 149 CYS A SG  1 
ATOM   1185 N N   . ARG A 1 150 ? 3.005   -6.727  -8.452  1.00 16.98  ? 150 ARG A N   1 
ATOM   1186 C CA  . ARG A 1 150 ? 3.280   -7.988  -9.096  1.00 15.64  ? 150 ARG A CA  1 
ATOM   1187 C C   . ARG A 1 150 ? 4.728   -8.274  -8.858  1.00 17.74  ? 150 ARG A C   1 
ATOM   1188 O O   . ARG A 1 150 ? 5.095   -9.410  -8.621  1.00 22.21  ? 150 ARG A O   1 
ATOM   1189 C CB  . ARG A 1 150 ? 3.174   -8.003  -10.614 1.00 21.69  ? 150 ARG A CB  1 
ATOM   1190 C CG  . ARG A 1 150 ? 1.783   -7.793  -11.181 1.00 32.23  ? 150 ARG A CG  1 
ATOM   1191 C CD  . ARG A 1 150 ? 1.766   -7.839  -12.710 1.00 36.77  ? 150 ARG A CD  1 
ATOM   1192 N NE  . ARG A 1 150 ? 0.402   -7.882  -13.234 1.00 38.00  ? 150 ARG A NE  1 
ATOM   1193 C CZ  . ARG A 1 150 ? -0.312  -8.995  -13.107 1.00 36.56  ? 150 ARG A CZ  1 
ATOM   1194 N NH1 . ARG A 1 150 ? 0.202   -10.054 -12.490 1.00 34.53  ? 150 ARG A NH1 1 
ATOM   1195 N NH2 . ARG A 1 150 ? -1.554  -9.049  -13.582 1.00 36.56  ? 150 ARG A NH2 1 
ATOM   1196 N N   . ALA A 1 151 ? 5.588   -7.267  -8.929  1.00 14.61  ? 151 ALA A N   1 
ATOM   1197 C CA  . ALA A 1 151 ? 6.991   -7.623  -8.739  1.00 16.90  ? 151 ALA A CA  1 
ATOM   1198 C C   . ALA A 1 151 ? 7.336   -7.924  -7.287  1.00 18.99  ? 151 ALA A C   1 
ATOM   1199 O O   . ALA A 1 151 ? 8.101   -8.839  -6.962  1.00 20.57  ? 151 ALA A O   1 
ATOM   1200 C CB  . ALA A 1 151 ? 7.921   -6.611  -9.389  1.00 20.03  ? 151 ALA A CB  1 
ATOM   1201 N N   . PHE A 1 152 ? 6.680   -7.213  -6.364  1.00 20.66  ? 152 PHE A N   1 
ATOM   1202 C CA  . PHE A 1 152 ? 6.907   -7.480  -4.941  1.00 19.83  ? 152 PHE A CA  1 
ATOM   1203 C C   . PHE A 1 152 ? 6.580   -8.915  -4.518  1.00 20.63  ? 152 PHE A C   1 
ATOM   1204 O O   . PHE A 1 152 ? 7.320   -9.595  -3.788  1.00 16.92  ? 152 PHE A O   1 
ATOM   1205 C CB  . PHE A 1 152 ? 6.088   -6.450  -4.099  1.00 17.57  ? 152 PHE A CB  1 
ATOM   1206 C CG  . PHE A 1 152 ? 5.938   -6.825  -2.635  1.00 15.56  ? 152 PHE A CG  1 
ATOM   1207 C CD1 . PHE A 1 152 ? 7.007   -6.720  -1.741  1.00 17.22  ? 152 PHE A CD1 1 
ATOM   1208 C CD2 . PHE A 1 152 ? 4.700   -7.225  -2.132  1.00 16.35  ? 152 PHE A CD2 1 
ATOM   1209 C CE1 . PHE A 1 152 ? 6.863   -7.114  -0.409  1.00 19.64  ? 152 PHE A CE1 1 
ATOM   1210 C CE2 . PHE A 1 152 ? 4.517   -7.593  -0.797  1.00 18.02  ? 152 PHE A CE2 1 
ATOM   1211 C CZ  . PHE A 1 152 ? 5.621   -7.559  0.054   1.00 22.28  ? 152 PHE A CZ  1 
ATOM   1212 N N   . LEU A 1 153 ? 5.419   -9.379  -4.970  1.00 22.02  ? 153 LEU A N   1 
ATOM   1213 C CA  . LEU A 1 153 ? 4.916   -10.689 -4.585  1.00 24.00  ? 153 LEU A CA  1 
ATOM   1214 C C   . LEU A 1 153 ? 5.776   -11.839 -5.023  1.00 25.27  ? 153 LEU A C   1 
ATOM   1215 O O   . LEU A 1 153 ? 5.946   -12.833 -4.310  1.00 18.20  ? 153 LEU A O   1 
ATOM   1216 C CB  . LEU A 1 153 ? 3.543   -10.918 -5.260  1.00 25.40  ? 153 LEU A CB  1 
ATOM   1217 C CG  . LEU A 1 153 ? 2.890   -12.246 -4.885  1.00 23.94  ? 153 LEU A CG  1 
ATOM   1218 C CD1 . LEU A 1 153 ? 2.806   -12.327 -3.355  1.00 25.34  ? 153 LEU A CD1 1 
ATOM   1219 C CD2 . LEU A 1 153 ? 1.482   -12.280 -5.481  1.00 22.18  ? 153 LEU A CD2 1 
ATOM   1220 N N   . GLU A 1 154 ? 6.246   -11.676 -6.257  1.00 30.61  ? 154 GLU A N   1 
ATOM   1221 C CA  . GLU A 1 154 ? 7.010   -12.696 -6.913  1.00 33.90  ? 154 GLU A CA  1 
ATOM   1222 C C   . GLU A 1 154 ? 8.352   -12.917 -6.248  1.00 33.64  ? 154 GLU A C   1 
ATOM   1223 O O   . GLU A 1 154 ? 8.897   -14.007 -6.242  1.00 27.08  ? 154 GLU A O   1 
ATOM   1224 C CB  . GLU A 1 154 ? 7.021   -12.440 -8.416  1.00 35.92  ? 154 GLU A CB  1 
ATOM   1225 C CG  . GLU A 1 154 ? 5.611   -11.996 -8.913  1.00 43.02  ? 154 GLU A CG  1 
ATOM   1226 C CD  . GLU A 1 154 ? 4.376   -12.861 -8.678  1.00 46.38  ? 154 GLU A CD  1 
ATOM   1227 O OE1 . GLU A 1 154 ? 4.386   -14.019 -8.243  1.00 47.54  ? 154 GLU A OE1 1 
ATOM   1228 O OE2 . GLU A 1 154 ? 3.277   -12.227 -9.052  1.00 43.72  ? 154 GLU A OE2 1 
ATOM   1229 N N   . LYS A 1 155 ? 8.887   -11.898 -5.600  1.00 39.31  ? 155 LYS A N   1 
ATOM   1230 C CA  . LYS A 1 155 ? 10.131  -12.163 -4.906  1.00 44.33  ? 155 LYS A CA  1 
ATOM   1231 C C   . LYS A 1 155 ? 9.972   -12.519 -3.428  1.00 44.58  ? 155 LYS A C   1 
ATOM   1232 O O   . LYS A 1 155 ? 10.943  -12.982 -2.849  1.00 47.55  ? 155 LYS A O   1 
ATOM   1233 C CB  . LYS A 1 155 ? 11.254  -11.171 -5.104  1.00 45.82  ? 155 LYS A CB  1 
ATOM   1234 C CG  . LYS A 1 155 ? 11.067  -9.925  -4.274  1.00 46.38  ? 155 LYS A CG  1 
ATOM   1235 C CD  . LYS A 1 155 ? 12.371  -9.165  -4.120  1.00 47.53  ? 155 LYS A CD  1 
ATOM   1236 C CE  . LYS A 1 155 ? 13.495  -10.054 -3.634  1.00 48.03  ? 155 LYS A CE  1 
ATOM   1237 N NZ  . LYS A 1 155 ? 14.699  -9.285  -3.303  1.00 50.20  ? 155 LYS A NZ  1 
ATOM   1238 N N   . VAL A 1 156 ? 8.794   -12.276 -2.818  1.00 42.69  ? 156 VAL A N   1 
ATOM   1239 C CA  . VAL A 1 156 ? 8.516   -12.567 -1.411  1.00 39.92  ? 156 VAL A CA  1 
ATOM   1240 C C   . VAL A 1 156 ? 7.608   -13.778 -1.322  1.00 42.35  ? 156 VAL A C   1 
ATOM   1241 O O   . VAL A 1 156 ? 7.590   -14.477 -0.320  1.00 42.79  ? 156 VAL A O   1 
ATOM   1242 C CB  . VAL A 1 156 ? 7.932   -11.381 -0.612  1.00 38.45  ? 156 VAL A CB  1 
ATOM   1243 C CG1 . VAL A 1 156 ? 8.412   -10.051 -1.174  1.00 36.88  ? 156 VAL A CG1 1 
ATOM   1244 C CG2 . VAL A 1 156 ? 6.409   -11.385 -0.455  1.00 35.07  ? 156 VAL A CG2 1 
ATOM   1245 N N   . ARG A 1 157 ? 6.889   -14.014 -2.415  1.00 47.16  ? 157 ARG A N   1 
ATOM   1246 C CA  . ARG A 1 157 ? 5.945   -15.101 -2.600  1.00 52.03  ? 157 ARG A CA  1 
ATOM   1247 C C   . ARG A 1 157 ? 6.302   -16.305 -1.755  1.00 57.70  ? 157 ARG A C   1 
ATOM   1248 O O   . ARG A 1 157 ? 7.068   -17.127 -2.308  1.00 59.01  ? 157 ARG A O   1 
ATOM   1249 C CB  . ARG A 1 157 ? 6.065   -15.562 -4.048  1.00 51.68  ? 157 ARG A CB  1 
ATOM   1250 C CG  . ARG A 1 157 ? 4.848   -16.308 -4.558  1.00 48.94  ? 157 ARG A CG  1 
ATOM   1251 C CD  . ARG A 1 157 ? 4.869   -16.532 -6.062  1.00 51.25  ? 157 ARG A CD  1 
ATOM   1252 N NE  . ARG A 1 157 ? 3.513   -16.460 -6.595  1.00 58.30  ? 157 ARG A NE  1 
ATOM   1253 C CZ  . ARG A 1 157 ? 2.565   -17.325 -6.229  1.00 64.01  ? 157 ARG A CZ  1 
ATOM   1254 N NH1 . ARG A 1 157 ? 2.833   -18.267 -5.334  1.00 67.71  ? 157 ARG A NH1 1 
ATOM   1255 N NH2 . ARG A 1 157 ? 1.329   -17.248 -6.731  1.00 63.84  ? 157 ARG A NH2 1 
HETATM 1256 V V   . VO4 B 2 .   ? -2.830  9.402   -0.282  1.00 41.59  ? 158 VO4 A V   1 
HETATM 1257 O O1  . VO4 B 2 .   ? -3.375  10.865  -0.991  1.00 39.73  ? 158 VO4 A O1  1 
HETATM 1258 O O2  . VO4 B 2 .   ? -4.358  9.288   0.182   1.00 33.16  ? 158 VO4 A O2  1 
HETATM 1259 O O3  . VO4 B 2 .   ? -1.752  10.220  0.615   1.00 43.88  ? 158 VO4 A O3  1 
HETATM 1260 O O4  . VO4 B 2 .   ? -2.407  8.983   -1.773  1.00 38.81  ? 158 VO4 A O4  1 
# 
loop_
_pdbx_poly_seq_scheme.asym_id 
_pdbx_poly_seq_scheme.entity_id 
_pdbx_poly_seq_scheme.seq_id 
_pdbx_poly_seq_scheme.mon_id 
_pdbx_poly_seq_scheme.ndb_seq_num 
_pdbx_poly_seq_scheme.pdb_seq_num 
_pdbx_poly_seq_scheme.auth_seq_num 
_pdbx_poly_seq_scheme.pdb_mon_id 
_pdbx_poly_seq_scheme.auth_mon_id 
_pdbx_poly_seq_scheme.pdb_strand_id 
_pdbx_poly_seq_scheme.pdb_ins_code 
_pdbx_poly_seq_scheme.hetero 
A 1 1   ALA 1   1   1   ALA ALA A . n 
A 1 2   GLU 2   2   2   GLU GLU A . n 
A 1 3   GLN 3   3   3   GLN GLN A . n 
A 1 4   VAL 4   4   4   VAL VAL A . n 
A 1 5   THR 5   5   5   THR THR A . n 
A 1 6   LYS 6   6   6   LYS LYS A . n 
A 1 7   SER 7   7   7   SER SER A . n 
A 1 8   VAL 8   8   8   VAL VAL A . n 
A 1 9   LEU 9   9   9   LEU LEU A . n 
A 1 10  PHE 10  10  10  PHE PHE A . n 
A 1 11  VAL 11  11  11  VAL VAL A . n 
A 1 12  CYS 12  12  12  CYS CYS A . n 
A 1 13  LEU 13  13  13  LEU LEU A . n 
A 1 14  GLY 14  14  14  GLY GLY A . n 
A 1 15  ASN 15  15  15  ASN ASN A . n 
A 1 16  ILE 16  16  16  ILE ILE A . n 
A 1 17  CYS 17  17  17  CYS CYS A . n 
A 1 18  ARG 18  18  18  ARG ARG A . n 
A 1 19  SER 19  19  19  SER SER A . n 
A 1 20  PRO 20  20  20  PRO PRO A . n 
A 1 21  ILE 21  21  21  ILE ILE A . n 
A 1 22  ALA 22  22  22  ALA ALA A . n 
A 1 23  GLU 23  23  23  GLU GLU A . n 
A 1 24  ALA 24  24  24  ALA ALA A . n 
A 1 25  VAL 25  25  25  VAL VAL A . n 
A 1 26  PHE 26  26  26  PHE PHE A . n 
A 1 27  ARG 27  27  27  ARG ARG A . n 
A 1 28  LYS 28  28  28  LYS LYS A . n 
A 1 29  LEU 29  29  29  LEU LEU A . n 
A 1 30  VAL 30  30  30  VAL VAL A . n 
A 1 31  THR 31  31  31  THR THR A . n 
A 1 32  ASP 32  32  32  ASP ASP A . n 
A 1 33  GLN 33  33  33  GLN GLN A . n 
A 1 34  ASN 34  34  34  ASN ASN A . n 
A 1 35  ILE 35  35  35  ILE ILE A . n 
A 1 36  SER 36  36  36  SER SER A . n 
A 1 37  ASP 37  37  37  ASP ASP A . n 
A 1 38  ASN 38  38  38  ASN ASN A . n 
A 1 39  TRP 39  39  39  TRP TRP A . n 
A 1 40  VAL 40  40  40  VAL VAL A . n 
A 1 41  ILE 41  41  41  ILE ILE A . n 
A 1 42  ASP 42  42  42  ASP ASP A . n 
A 1 43  SER 43  43  43  SER SER A . n 
A 1 44  GLY 44  44  44  GLY GLY A . n 
A 1 45  ALA 45  45  45  ALA ALA A . n 
A 1 46  VAL 46  46  46  VAL VAL A . n 
A 1 47  SER 47  47  47  SER SER A . n 
A 1 48  ASP 48  48  48  ASP ASP A . n 
A 1 49  TRP 49  49  49  TRP TRP A . n 
A 1 50  ASN 50  50  50  ASN ASN A . n 
A 1 51  VAL 51  51  51  VAL VAL A . n 
A 1 52  GLY 52  52  52  GLY GLY A . n 
A 1 53  ARG 53  53  53  ARG ARG A . n 
A 1 54  SER 54  54  54  SER SER A . n 
A 1 55  PRO 55  55  55  PRO PRO A . n 
A 1 56  ASP 56  56  56  ASP ASP A . n 
A 1 57  PRO 57  57  57  PRO PRO A . n 
A 1 58  ARG 58  58  58  ARG ARG A . n 
A 1 59  ALA 59  59  59  ALA ALA A . n 
A 1 60  VAL 60  60  60  VAL VAL A . n 
A 1 61  SER 61  61  61  SER SER A . n 
A 1 62  CYS 62  62  62  CYS CYS A . n 
A 1 63  LEU 63  63  63  LEU LEU A . n 
A 1 64  ARG 64  64  64  ARG ARG A . n 
A 1 65  ASN 65  65  65  ASN ASN A . n 
A 1 66  HIS 66  66  66  HIS HIS A . n 
A 1 67  GLY 67  67  67  GLY GLY A . n 
A 1 68  ILE 68  68  68  ILE ILE A . n 
A 1 69  ASN 69  69  69  ASN ASN A . n 
A 1 70  THR 70  70  70  THR THR A . n 
A 1 71  ALA 71  71  71  ALA ALA A . n 
A 1 72  HIS 72  72  72  HIS HIS A . n 
A 1 73  LYS 73  73  73  LYS LYS A . n 
A 1 74  ALA 74  74  74  ALA ALA A . n 
A 1 75  ARG 75  75  75  ARG ARG A . n 
A 1 76  GLN 76  76  76  GLN GLN A . n 
A 1 77  VAL 77  77  77  VAL VAL A . n 
A 1 78  THR 78  78  78  THR THR A . n 
A 1 79  LYS 79  79  79  LYS LYS A . n 
A 1 80  GLU 80  80  80  GLU GLU A . n 
A 1 81  ASP 81  81  81  ASP ASP A . n 
A 1 82  PHE 82  82  82  PHE PHE A . n 
A 1 83  VAL 83  83  83  VAL VAL A . n 
A 1 84  THR 84  84  84  THR THR A . n 
A 1 85  PHE 85  85  85  PHE PHE A . n 
A 1 86  ASP 86  86  86  ASP ASP A . n 
A 1 87  TYR 87  87  87  TYR TYR A . n 
A 1 88  ILE 88  88  88  ILE ILE A . n 
A 1 89  LEU 89  89  89  LEU LEU A . n 
A 1 90  CYS 90  90  90  CYS CYS A . n 
A 1 91  MET 91  91  91  MET MET A . n 
A 1 92  ASP 92  92  92  ASP ASP A . n 
A 1 93  GLU 93  93  93  GLU GLU A . n 
A 1 94  SER 94  94  94  SER SER A . n 
A 1 95  ASN 95  95  95  ASN ASN A . n 
A 1 96  LEU 96  96  96  LEU LEU A . n 
A 1 97  ARG 97  97  97  ARG ARG A . n 
A 1 98  ASP 98  98  98  ASP ASP A . n 
A 1 99  LEU 99  99  99  LEU LEU A . n 
A 1 100 ASN 100 100 100 ASN ASN A . n 
A 1 101 ARG 101 101 101 ARG ARG A . n 
A 1 102 LYS 102 102 102 LYS LYS A . n 
A 1 103 SER 103 103 103 SER SER A . n 
A 1 104 ASN 104 104 104 ASN ASN A . n 
A 1 105 GLN 105 105 105 GLN GLN A . n 
A 1 106 VAL 106 106 106 VAL VAL A . n 
A 1 107 LYS 107 107 107 LYS LYS A . n 
A 1 108 ASN 108 108 108 ASN ASN A . n 
A 1 109 CYS 109 109 109 CYS CYS A . n 
A 1 110 ARG 110 110 110 ARG ARG A . n 
A 1 111 ALA 111 111 111 ALA ALA A . n 
A 1 112 LYS 112 112 112 LYS LYS A . n 
A 1 113 ILE 113 113 113 ILE ILE A . n 
A 1 114 GLU 114 114 114 GLU GLU A . n 
A 1 115 LEU 115 115 115 LEU LEU A . n 
A 1 116 LEU 116 116 116 LEU LEU A . n 
A 1 117 GLY 117 117 117 GLY GLY A . n 
A 1 118 SER 118 118 118 SER SER A . n 
A 1 119 TYR 119 119 119 TYR TYR A . n 
A 1 120 ASP 120 120 120 ASP ASP A . n 
A 1 121 PRO 121 121 121 PRO PRO A . n 
A 1 122 GLN 122 122 122 GLN GLN A . n 
A 1 123 LYS 123 123 123 LYS LYS A . n 
A 1 124 GLN 124 124 124 GLN GLN A . n 
A 1 125 LEU 125 125 125 LEU LEU A . n 
A 1 126 ILE 126 126 126 ILE ILE A . n 
A 1 127 ILE 127 127 127 ILE ILE A . n 
A 1 128 GLU 128 128 128 GLU GLU A . n 
A 1 129 ASP 129 129 129 ASP ASP A . n 
A 1 130 PRO 130 130 130 PRO PRO A . n 
A 1 131 TYR 131 131 131 TYR TYR A . n 
A 1 132 TYR 132 132 132 TYR TYR A . n 
A 1 133 GLY 133 133 133 GLY GLY A . n 
A 1 134 ASN 134 134 134 ASN ASN A . n 
A 1 135 ASP 135 135 135 ASP ASP A . n 
A 1 136 ALA 136 136 136 ALA ALA A . n 
A 1 137 ASP 137 137 137 ASP ASP A . n 
A 1 138 PHE 138 138 138 PHE PHE A . n 
A 1 139 GLU 139 139 139 GLU GLU A . n 
A 1 140 THR 140 140 140 THR THR A . n 
A 1 141 VAL 141 141 141 VAL VAL A . n 
A 1 142 TYR 142 142 142 TYR TYR A . n 
A 1 143 GLN 143 143 143 GLN GLN A . n 
A 1 144 GLN 144 144 144 GLN GLN A . n 
A 1 145 CYS 145 145 145 CYS CYS A . n 
A 1 146 VAL 146 146 146 VAL VAL A . n 
A 1 147 ARG 147 147 147 ARG ARG A . n 
A 1 148 CYS 148 148 148 CYS CYS A . n 
A 1 149 CYS 149 149 149 CYS CYS A . n 
A 1 150 ARG 150 150 150 ARG ARG A . n 
A 1 151 ALA 151 151 151 ALA ALA A . n 
A 1 152 PHE 152 152 152 PHE PHE A . n 
A 1 153 LEU 153 153 153 LEU LEU A . n 
A 1 154 GLU 154 154 154 GLU GLU A . n 
A 1 155 LYS 155 155 155 LYS LYS A . n 
A 1 156 VAL 156 156 156 VAL VAL A . n 
A 1 157 ARG 157 157 157 ARG ARG A . n 
# 
_pdbx_nonpoly_scheme.asym_id         B 
_pdbx_nonpoly_scheme.entity_id       2 
_pdbx_nonpoly_scheme.mon_id          VO4 
_pdbx_nonpoly_scheme.ndb_seq_num     1 
_pdbx_nonpoly_scheme.pdb_seq_num     158 
_pdbx_nonpoly_scheme.auth_seq_num    158 
_pdbx_nonpoly_scheme.pdb_mon_id      VO4 
_pdbx_nonpoly_scheme.auth_mon_id     VO4 
_pdbx_nonpoly_scheme.pdb_strand_id   A 
_pdbx_nonpoly_scheme.pdb_ins_code    . 
# 
_pdbx_struct_assembly.id                   1 
_pdbx_struct_assembly.details              author_defined_assembly 
_pdbx_struct_assembly.method_details       ? 
_pdbx_struct_assembly.oligomeric_details   monomeric 
_pdbx_struct_assembly.oligomeric_count     1 
# 
_pdbx_struct_assembly_gen.assembly_id       1 
_pdbx_struct_assembly_gen.oper_expression   1 
_pdbx_struct_assembly_gen.asym_id_list      A,B 
# 
_pdbx_struct_oper_list.id                   1 
_pdbx_struct_oper_list.type                 'identity operation' 
_pdbx_struct_oper_list.name                 1_555 
_pdbx_struct_oper_list.symmetry_operation   x,y,z 
_pdbx_struct_oper_list.matrix[1][1]         1.0000000000 
_pdbx_struct_oper_list.matrix[1][2]         0.0000000000 
_pdbx_struct_oper_list.matrix[1][3]         0.0000000000 
_pdbx_struct_oper_list.vector[1]            0.0000000000 
_pdbx_struct_oper_list.matrix[2][1]         0.0000000000 
_pdbx_struct_oper_list.matrix[2][2]         1.0000000000 
_pdbx_struct_oper_list.matrix[2][3]         0.0000000000 
_pdbx_struct_oper_list.vector[2]            0.0000000000 
_pdbx_struct_oper_list.matrix[3][1]         0.0000000000 
_pdbx_struct_oper_list.matrix[3][2]         0.0000000000 
_pdbx_struct_oper_list.matrix[3][3]         1.0000000000 
_pdbx_struct_oper_list.vector[3]            0.0000000000 
# 
loop_
_pdbx_struct_conn_angle.id 
_pdbx_struct_conn_angle.ptnr1_label_atom_id 
_pdbx_struct_conn_angle.ptnr1_label_alt_id 
_pdbx_struct_conn_angle.ptnr1_label_asym_id 
_pdbx_struct_conn_angle.ptnr1_label_comp_id 
_pdbx_struct_conn_angle.ptnr1_label_seq_id 
_pdbx_struct_conn_angle.ptnr1_auth_atom_id 
_pdbx_struct_conn_angle.ptnr1_auth_asym_id 
_pdbx_struct_conn_angle.ptnr1_auth_comp_id 
_pdbx_struct_conn_angle.ptnr1_auth_seq_id 
_pdbx_struct_conn_angle.ptnr1_PDB_ins_code 
_pdbx_struct_conn_angle.ptnr1_symmetry 
_pdbx_struct_conn_angle.ptnr2_label_atom_id 
_pdbx_struct_conn_angle.ptnr2_label_alt_id 
_pdbx_struct_conn_angle.ptnr2_label_asym_id 
_pdbx_struct_conn_angle.ptnr2_label_comp_id 
_pdbx_struct_conn_angle.ptnr2_label_seq_id 
_pdbx_struct_conn_angle.ptnr2_auth_atom_id 
_pdbx_struct_conn_angle.ptnr2_auth_asym_id 
_pdbx_struct_conn_angle.ptnr2_auth_comp_id 
_pdbx_struct_conn_angle.ptnr2_auth_seq_id 
_pdbx_struct_conn_angle.ptnr2_PDB_ins_code 
_pdbx_struct_conn_angle.ptnr2_symmetry 
_pdbx_struct_conn_angle.ptnr3_label_atom_id 
_pdbx_struct_conn_angle.ptnr3_label_alt_id 
_pdbx_struct_conn_angle.ptnr3_label_asym_id 
_pdbx_struct_conn_angle.ptnr3_label_comp_id 
_pdbx_struct_conn_angle.ptnr3_label_seq_id 
_pdbx_struct_conn_angle.ptnr3_auth_atom_id 
_pdbx_struct_conn_angle.ptnr3_auth_asym_id 
_pdbx_struct_conn_angle.ptnr3_auth_comp_id 
_pdbx_struct_conn_angle.ptnr3_auth_seq_id 
_pdbx_struct_conn_angle.ptnr3_PDB_ins_code 
_pdbx_struct_conn_angle.ptnr3_symmetry 
_pdbx_struct_conn_angle.value 
_pdbx_struct_conn_angle.value_esd 
1  SG ? A CYS 12 ? A CYS 12  ? 1_555 V ? B VO4 . ? A VO4 158 ? 1_555 O1 ? B VO4 . ? A VO4 158 ? 1_555 173.7 ? 
2  SG ? A CYS 12 ? A CYS 12  ? 1_555 V ? B VO4 . ? A VO4 158 ? 1_555 O2 ? B VO4 . ? A VO4 158 ? 1_555 102.0 ? 
3  O1 ? B VO4 .  ? A VO4 158 ? 1_555 V ? B VO4 . ? A VO4 158 ? 1_555 O2 ? B VO4 . ? A VO4 158 ? 1_555 82.9  ? 
4  SG ? A CYS 12 ? A CYS 12  ? 1_555 V ? B VO4 . ? A VO4 158 ? 1_555 O3 ? B VO4 . ? A VO4 158 ? 1_555 83.6  ? 
5  O1 ? B VO4 .  ? A VO4 158 ? 1_555 V ? B VO4 . ? A VO4 158 ? 1_555 O3 ? B VO4 . ? A VO4 158 ? 1_555 90.6  ? 
6  O2 ? B VO4 .  ? A VO4 158 ? 1_555 V ? B VO4 . ? A VO4 158 ? 1_555 O3 ? B VO4 . ? A VO4 158 ? 1_555 120.6 ? 
7  SG ? A CYS 12 ? A CYS 12  ? 1_555 V ? B VO4 . ? A VO4 158 ? 1_555 O4 ? B VO4 . ? A VO4 158 ? 1_555 95.2  ? 
8  O1 ? B VO4 .  ? A VO4 158 ? 1_555 V ? B VO4 . ? A VO4 158 ? 1_555 O4 ? B VO4 . ? A VO4 158 ? 1_555 85.5  ? 
9  O2 ? B VO4 .  ? A VO4 158 ? 1_555 V ? B VO4 . ? A VO4 158 ? 1_555 O4 ? B VO4 . ? A VO4 158 ? 1_555 120.1 ? 
10 O3 ? B VO4 .  ? A VO4 158 ? 1_555 V ? B VO4 . ? A VO4 158 ? 1_555 O4 ? B VO4 . ? A VO4 158 ? 1_555 118.0 ? 
# 
loop_
_pdbx_audit_revision_history.ordinal 
_pdbx_audit_revision_history.data_content_type 
_pdbx_audit_revision_history.major_revision 
_pdbx_audit_revision_history.minor_revision 
_pdbx_audit_revision_history.revision_date 
1 'Structure model' 1 0 2005-04-05 
2 'Structure model' 1 1 2008-04-30 
3 'Structure model' 1 2 2011-07-13 
4 'Structure model' 1 3 2023-08-23 
# 
_pdbx_audit_revision_details.ordinal             1 
_pdbx_audit_revision_details.revision_ordinal    1 
_pdbx_audit_revision_details.data_content_type   'Structure model' 
_pdbx_audit_revision_details.provider            repository 
_pdbx_audit_revision_details.type                'Initial release' 
_pdbx_audit_revision_details.description         ? 
_pdbx_audit_revision_details.details             ? 
# 
loop_
_pdbx_audit_revision_group.ordinal 
_pdbx_audit_revision_group.revision_ordinal 
_pdbx_audit_revision_group.data_content_type 
_pdbx_audit_revision_group.group 
1 2 'Structure model' 'Version format compliance' 
2 3 'Structure model' 'Version format compliance' 
3 4 'Structure model' 'Data collection'           
4 4 'Structure model' 'Database references'       
5 4 'Structure model' 'Derived calculations'      
6 4 'Structure model' 'Refinement description'    
# 
loop_
_pdbx_audit_revision_category.ordinal 
_pdbx_audit_revision_category.revision_ordinal 
_pdbx_audit_revision_category.data_content_type 
_pdbx_audit_revision_category.category 
1 4 'Structure model' chem_comp_atom                
2 4 'Structure model' chem_comp_bond                
3 4 'Structure model' database_2                    
4 4 'Structure model' pdbx_initial_refinement_model 
5 4 'Structure model' struct_site                   
# 
loop_
_pdbx_audit_revision_item.ordinal 
_pdbx_audit_revision_item.revision_ordinal 
_pdbx_audit_revision_item.data_content_type 
_pdbx_audit_revision_item.item 
1 4 'Structure model' '_database_2.pdbx_DOI'                
2 4 'Structure model' '_database_2.pdbx_database_accession' 
3 4 'Structure model' '_struct_site.pdbx_auth_asym_id'      
4 4 'Structure model' '_struct_site.pdbx_auth_comp_id'      
5 4 'Structure model' '_struct_site.pdbx_auth_seq_id'       
# 
loop_
_software.name 
_software.classification 
_software.version 
_software.citation_id 
_software.pdbx_ordinal 
DENZO     'data reduction' . ? 1 
SCALEPACK 'data scaling'   . ? 2 
TNT       refinement       . ? 3 
TNT       phasing          . ? 4 
# 
loop_
_pdbx_validate_rmsd_bond.id 
_pdbx_validate_rmsd_bond.PDB_model_num 
_pdbx_validate_rmsd_bond.auth_atom_id_1 
_pdbx_validate_rmsd_bond.auth_asym_id_1 
_pdbx_validate_rmsd_bond.auth_comp_id_1 
_pdbx_validate_rmsd_bond.auth_seq_id_1 
_pdbx_validate_rmsd_bond.PDB_ins_code_1 
_pdbx_validate_rmsd_bond.label_alt_id_1 
_pdbx_validate_rmsd_bond.auth_atom_id_2 
_pdbx_validate_rmsd_bond.auth_asym_id_2 
_pdbx_validate_rmsd_bond.auth_comp_id_2 
_pdbx_validate_rmsd_bond.auth_seq_id_2 
_pdbx_validate_rmsd_bond.PDB_ins_code_2 
_pdbx_validate_rmsd_bond.label_alt_id_2 
_pdbx_validate_rmsd_bond.bond_value 
_pdbx_validate_rmsd_bond.bond_target_value 
_pdbx_validate_rmsd_bond.bond_deviation 
_pdbx_validate_rmsd_bond.bond_standard_deviation 
_pdbx_validate_rmsd_bond.linker_flag 
1 1 CD A GLU 2   ? ? OE2 A GLU 2   ? ? 1.318 1.252 0.066 0.011 N 
2 1 CD A GLU 23  ? ? OE2 A GLU 23  ? ? 1.319 1.252 0.067 0.011 N 
3 1 CD A GLU 93  ? ? OE2 A GLU 93  ? ? 1.320 1.252 0.068 0.011 N 
4 1 CD A GLU 154 ? ? OE2 A GLU 154 ? ? 1.323 1.252 0.071 0.011 N 
# 
loop_
_pdbx_validate_rmsd_angle.id 
_pdbx_validate_rmsd_angle.PDB_model_num 
_pdbx_validate_rmsd_angle.auth_atom_id_1 
_pdbx_validate_rmsd_angle.auth_asym_id_1 
_pdbx_validate_rmsd_angle.auth_comp_id_1 
_pdbx_validate_rmsd_angle.auth_seq_id_1 
_pdbx_validate_rmsd_angle.PDB_ins_code_1 
_pdbx_validate_rmsd_angle.label_alt_id_1 
_pdbx_validate_rmsd_angle.auth_atom_id_2 
_pdbx_validate_rmsd_angle.auth_asym_id_2 
_pdbx_validate_rmsd_angle.auth_comp_id_2 
_pdbx_validate_rmsd_angle.auth_seq_id_2 
_pdbx_validate_rmsd_angle.PDB_ins_code_2 
_pdbx_validate_rmsd_angle.label_alt_id_2 
_pdbx_validate_rmsd_angle.auth_atom_id_3 
_pdbx_validate_rmsd_angle.auth_asym_id_3 
_pdbx_validate_rmsd_angle.auth_comp_id_3 
_pdbx_validate_rmsd_angle.auth_seq_id_3 
_pdbx_validate_rmsd_angle.PDB_ins_code_3 
_pdbx_validate_rmsd_angle.label_alt_id_3 
_pdbx_validate_rmsd_angle.angle_value 
_pdbx_validate_rmsd_angle.angle_target_value 
_pdbx_validate_rmsd_angle.angle_deviation 
_pdbx_validate_rmsd_angle.angle_standard_deviation 
_pdbx_validate_rmsd_angle.linker_flag 
1  1 CA A CYS 12 ? ? CB A CYS 12 ? ? SG  A CYS 12 ? ? 121.74 114.20 7.54  1.10 N 
2  1 CB A ASP 37 ? ? CG A ASP 37 ? ? OD1 A ASP 37 ? ? 126.52 118.30 8.22  0.90 N 
3  1 CB A ASP 37 ? ? CG A ASP 37 ? ? OD2 A ASP 37 ? ? 109.32 118.30 -8.98 0.90 N 
4  1 CB A ASP 42 ? ? CG A ASP 42 ? ? OD2 A ASP 42 ? ? 112.60 118.30 -5.70 0.90 N 
5  1 CB A ASP 48 ? ? CG A ASP 48 ? ? OD1 A ASP 48 ? ? 126.21 118.30 7.91  0.90 N 
6  1 CB A ASP 48 ? ? CG A ASP 48 ? ? OD2 A ASP 48 ? ? 110.69 118.30 -7.61 0.90 N 
7  1 CB A ASP 56 ? ? CG A ASP 56 ? ? OD1 A ASP 56 ? ? 126.19 118.30 7.89  0.90 N 
8  1 CB A ASP 56 ? ? CG A ASP 56 ? ? OD2 A ASP 56 ? ? 112.32 118.30 -5.98 0.90 N 
9  1 CB A ASP 92 ? ? CG A ASP 92 ? ? OD2 A ASP 92 ? ? 111.39 118.30 -6.91 0.90 N 
10 1 CB A ASP 98 ? ? CG A ASP 98 ? ? OD1 A ASP 98 ? ? 123.90 118.30 5.60  0.90 N 
11 1 CB A ASP 98 ? ? CG A ASP 98 ? ? OD2 A ASP 98 ? ? 112.69 118.30 -5.61 0.90 N 
# 
loop_
_pdbx_validate_torsion.id 
_pdbx_validate_torsion.PDB_model_num 
_pdbx_validate_torsion.auth_comp_id 
_pdbx_validate_torsion.auth_asym_id 
_pdbx_validate_torsion.auth_seq_id 
_pdbx_validate_torsion.PDB_ins_code 
_pdbx_validate_torsion.label_alt_id 
_pdbx_validate_torsion.phi 
_pdbx_validate_torsion.psi 
1 1 CYS A 17  ? ? -101.20 -60.42  
2 1 ASN A 108 ? ? -112.50 77.28   
3 1 ASN A 134 ? ? -114.80 -158.57 
# 
_pdbx_validate_chiral.id              1 
_pdbx_validate_chiral.PDB_model_num   1 
_pdbx_validate_chiral.auth_atom_id    CA 
_pdbx_validate_chiral.label_alt_id    ? 
_pdbx_validate_chiral.auth_asym_id    A 
_pdbx_validate_chiral.auth_comp_id    ILE 
_pdbx_validate_chiral.auth_seq_id     126 
_pdbx_validate_chiral.PDB_ins_code    ? 
_pdbx_validate_chiral.details         PLANAR 
_pdbx_validate_chiral.omega           . 
# 
loop_
_chem_comp_atom.comp_id 
_chem_comp_atom.atom_id 
_chem_comp_atom.type_symbol 
_chem_comp_atom.pdbx_aromatic_flag 
_chem_comp_atom.pdbx_stereo_config 
_chem_comp_atom.pdbx_ordinal 
ALA N    N N N 1   
ALA CA   C N S 2   
ALA C    C N N 3   
ALA O    O N N 4   
ALA CB   C N N 5   
ALA OXT  O N N 6   
ALA H    H N N 7   
ALA H2   H N N 8   
ALA HA   H N N 9   
ALA HB1  H N N 10  
ALA HB2  H N N 11  
ALA HB3  H N N 12  
ALA HXT  H N N 13  
ARG N    N N N 14  
ARG CA   C N S 15  
ARG C    C N N 16  
ARG O    O N N 17  
ARG CB   C N N 18  
ARG CG   C N N 19  
ARG CD   C N N 20  
ARG NE   N N N 21  
ARG CZ   C N N 22  
ARG NH1  N N N 23  
ARG NH2  N N N 24  
ARG OXT  O N N 25  
ARG H    H N N 26  
ARG H2   H N N 27  
ARG HA   H N N 28  
ARG HB2  H N N 29  
ARG HB3  H N N 30  
ARG HG2  H N N 31  
ARG HG3  H N N 32  
ARG HD2  H N N 33  
ARG HD3  H N N 34  
ARG HE   H N N 35  
ARG HH11 H N N 36  
ARG HH12 H N N 37  
ARG HH21 H N N 38  
ARG HH22 H N N 39  
ARG HXT  H N N 40  
ASN N    N N N 41  
ASN CA   C N S 42  
ASN C    C N N 43  
ASN O    O N N 44  
ASN CB   C N N 45  
ASN CG   C N N 46  
ASN OD1  O N N 47  
ASN ND2  N N N 48  
ASN OXT  O N N 49  
ASN H    H N N 50  
ASN H2   H N N 51  
ASN HA   H N N 52  
ASN HB2  H N N 53  
ASN HB3  H N N 54  
ASN HD21 H N N 55  
ASN HD22 H N N 56  
ASN HXT  H N N 57  
ASP N    N N N 58  
ASP CA   C N S 59  
ASP C    C N N 60  
ASP O    O N N 61  
ASP CB   C N N 62  
ASP CG   C N N 63  
ASP OD1  O N N 64  
ASP OD2  O N N 65  
ASP OXT  O N N 66  
ASP H    H N N 67  
ASP H2   H N N 68  
ASP HA   H N N 69  
ASP HB2  H N N 70  
ASP HB3  H N N 71  
ASP HD2  H N N 72  
ASP HXT  H N N 73  
CYS N    N N N 74  
CYS CA   C N R 75  
CYS C    C N N 76  
CYS O    O N N 77  
CYS CB   C N N 78  
CYS SG   S N N 79  
CYS OXT  O N N 80  
CYS H    H N N 81  
CYS H2   H N N 82  
CYS HA   H N N 83  
CYS HB2  H N N 84  
CYS HB3  H N N 85  
CYS HG   H N N 86  
CYS HXT  H N N 87  
GLN N    N N N 88  
GLN CA   C N S 89  
GLN C    C N N 90  
GLN O    O N N 91  
GLN CB   C N N 92  
GLN CG   C N N 93  
GLN CD   C N N 94  
GLN OE1  O N N 95  
GLN NE2  N N N 96  
GLN OXT  O N N 97  
GLN H    H N N 98  
GLN H2   H N N 99  
GLN HA   H N N 100 
GLN HB2  H N N 101 
GLN HB3  H N N 102 
GLN HG2  H N N 103 
GLN HG3  H N N 104 
GLN HE21 H N N 105 
GLN HE22 H N N 106 
GLN HXT  H N N 107 
GLU N    N N N 108 
GLU CA   C N S 109 
GLU C    C N N 110 
GLU O    O N N 111 
GLU CB   C N N 112 
GLU CG   C N N 113 
GLU CD   C N N 114 
GLU OE1  O N N 115 
GLU OE2  O N N 116 
GLU OXT  O N N 117 
GLU H    H N N 118 
GLU H2   H N N 119 
GLU HA   H N N 120 
GLU HB2  H N N 121 
GLU HB3  H N N 122 
GLU HG2  H N N 123 
GLU HG3  H N N 124 
GLU HE2  H N N 125 
GLU HXT  H N N 126 
GLY N    N N N 127 
GLY CA   C N N 128 
GLY C    C N N 129 
GLY O    O N N 130 
GLY OXT  O N N 131 
GLY H    H N N 132 
GLY H2   H N N 133 
GLY HA2  H N N 134 
GLY HA3  H N N 135 
GLY HXT  H N N 136 
HIS N    N N N 137 
HIS CA   C N S 138 
HIS C    C N N 139 
HIS O    O N N 140 
HIS CB   C N N 141 
HIS CG   C Y N 142 
HIS ND1  N Y N 143 
HIS CD2  C Y N 144 
HIS CE1  C Y N 145 
HIS NE2  N Y N 146 
HIS OXT  O N N 147 
HIS H    H N N 148 
HIS H2   H N N 149 
HIS HA   H N N 150 
HIS HB2  H N N 151 
HIS HB3  H N N 152 
HIS HD1  H N N 153 
HIS HD2  H N N 154 
HIS HE1  H N N 155 
HIS HE2  H N N 156 
HIS HXT  H N N 157 
ILE N    N N N 158 
ILE CA   C N S 159 
ILE C    C N N 160 
ILE O    O N N 161 
ILE CB   C N S 162 
ILE CG1  C N N 163 
ILE CG2  C N N 164 
ILE CD1  C N N 165 
ILE OXT  O N N 166 
ILE H    H N N 167 
ILE H2   H N N 168 
ILE HA   H N N 169 
ILE HB   H N N 170 
ILE HG12 H N N 171 
ILE HG13 H N N 172 
ILE HG21 H N N 173 
ILE HG22 H N N 174 
ILE HG23 H N N 175 
ILE HD11 H N N 176 
ILE HD12 H N N 177 
ILE HD13 H N N 178 
ILE HXT  H N N 179 
LEU N    N N N 180 
LEU CA   C N S 181 
LEU C    C N N 182 
LEU O    O N N 183 
LEU CB   C N N 184 
LEU CG   C N N 185 
LEU CD1  C N N 186 
LEU CD2  C N N 187 
LEU OXT  O N N 188 
LEU H    H N N 189 
LEU H2   H N N 190 
LEU HA   H N N 191 
LEU HB2  H N N 192 
LEU HB3  H N N 193 
LEU HG   H N N 194 
LEU HD11 H N N 195 
LEU HD12 H N N 196 
LEU HD13 H N N 197 
LEU HD21 H N N 198 
LEU HD22 H N N 199 
LEU HD23 H N N 200 
LEU HXT  H N N 201 
LYS N    N N N 202 
LYS CA   C N S 203 
LYS C    C N N 204 
LYS O    O N N 205 
LYS CB   C N N 206 
LYS CG   C N N 207 
LYS CD   C N N 208 
LYS CE   C N N 209 
LYS NZ   N N N 210 
LYS OXT  O N N 211 
LYS H    H N N 212 
LYS H2   H N N 213 
LYS HA   H N N 214 
LYS HB2  H N N 215 
LYS HB3  H N N 216 
LYS HG2  H N N 217 
LYS HG3  H N N 218 
LYS HD2  H N N 219 
LYS HD3  H N N 220 
LYS HE2  H N N 221 
LYS HE3  H N N 222 
LYS HZ1  H N N 223 
LYS HZ2  H N N 224 
LYS HZ3  H N N 225 
LYS HXT  H N N 226 
MET N    N N N 227 
MET CA   C N S 228 
MET C    C N N 229 
MET O    O N N 230 
MET CB   C N N 231 
MET CG   C N N 232 
MET SD   S N N 233 
MET CE   C N N 234 
MET OXT  O N N 235 
MET H    H N N 236 
MET H2   H N N 237 
MET HA   H N N 238 
MET HB2  H N N 239 
MET HB3  H N N 240 
MET HG2  H N N 241 
MET HG3  H N N 242 
MET HE1  H N N 243 
MET HE2  H N N 244 
MET HE3  H N N 245 
MET HXT  H N N 246 
PHE N    N N N 247 
PHE CA   C N S 248 
PHE C    C N N 249 
PHE O    O N N 250 
PHE CB   C N N 251 
PHE CG   C Y N 252 
PHE CD1  C Y N 253 
PHE CD2  C Y N 254 
PHE CE1  C Y N 255 
PHE CE2  C Y N 256 
PHE CZ   C Y N 257 
PHE OXT  O N N 258 
PHE H    H N N 259 
PHE H2   H N N 260 
PHE HA   H N N 261 
PHE HB2  H N N 262 
PHE HB3  H N N 263 
PHE HD1  H N N 264 
PHE HD2  H N N 265 
PHE HE1  H N N 266 
PHE HE2  H N N 267 
PHE HZ   H N N 268 
PHE HXT  H N N 269 
PRO N    N N N 270 
PRO CA   C N S 271 
PRO C    C N N 272 
PRO O    O N N 273 
PRO CB   C N N 274 
PRO CG   C N N 275 
PRO CD   C N N 276 
PRO OXT  O N N 277 
PRO H    H N N 278 
PRO HA   H N N 279 
PRO HB2  H N N 280 
PRO HB3  H N N 281 
PRO HG2  H N N 282 
PRO HG3  H N N 283 
PRO HD2  H N N 284 
PRO HD3  H N N 285 
PRO HXT  H N N 286 
SER N    N N N 287 
SER CA   C N S 288 
SER C    C N N 289 
SER O    O N N 290 
SER CB   C N N 291 
SER OG   O N N 292 
SER OXT  O N N 293 
SER H    H N N 294 
SER H2   H N N 295 
SER HA   H N N 296 
SER HB2  H N N 297 
SER HB3  H N N 298 
SER HG   H N N 299 
SER HXT  H N N 300 
THR N    N N N 301 
THR CA   C N S 302 
THR C    C N N 303 
THR O    O N N 304 
THR CB   C N R 305 
THR OG1  O N N 306 
THR CG2  C N N 307 
THR OXT  O N N 308 
THR H    H N N 309 
THR H2   H N N 310 
THR HA   H N N 311 
THR HB   H N N 312 
THR HG1  H N N 313 
THR HG21 H N N 314 
THR HG22 H N N 315 
THR HG23 H N N 316 
THR HXT  H N N 317 
TRP N    N N N 318 
TRP CA   C N S 319 
TRP C    C N N 320 
TRP O    O N N 321 
TRP CB   C N N 322 
TRP CG   C Y N 323 
TRP CD1  C Y N 324 
TRP CD2  C Y N 325 
TRP NE1  N Y N 326 
TRP CE2  C Y N 327 
TRP CE3  C Y N 328 
TRP CZ2  C Y N 329 
TRP CZ3  C Y N 330 
TRP CH2  C Y N 331 
TRP OXT  O N N 332 
TRP H    H N N 333 
TRP H2   H N N 334 
TRP HA   H N N 335 
TRP HB2  H N N 336 
TRP HB3  H N N 337 
TRP HD1  H N N 338 
TRP HE1  H N N 339 
TRP HE3  H N N 340 
TRP HZ2  H N N 341 
TRP HZ3  H N N 342 
TRP HH2  H N N 343 
TRP HXT  H N N 344 
TYR N    N N N 345 
TYR CA   C N S 346 
TYR C    C N N 347 
TYR O    O N N 348 
TYR CB   C N N 349 
TYR CG   C Y N 350 
TYR CD1  C Y N 351 
TYR CD2  C Y N 352 
TYR CE1  C Y N 353 
TYR CE2  C Y N 354 
TYR CZ   C Y N 355 
TYR OH   O N N 356 
TYR OXT  O N N 357 
TYR H    H N N 358 
TYR H2   H N N 359 
TYR HA   H N N 360 
TYR HB2  H N N 361 
TYR HB3  H N N 362 
TYR HD1  H N N 363 
TYR HD2  H N N 364 
TYR HE1  H N N 365 
TYR HE2  H N N 366 
TYR HH   H N N 367 
TYR HXT  H N N 368 
VAL N    N N N 369 
VAL CA   C N S 370 
VAL C    C N N 371 
VAL O    O N N 372 
VAL CB   C N N 373 
VAL CG1  C N N 374 
VAL CG2  C N N 375 
VAL OXT  O N N 376 
VAL H    H N N 377 
VAL H2   H N N 378 
VAL HA   H N N 379 
VAL HB   H N N 380 
VAL HG11 H N N 381 
VAL HG12 H N N 382 
VAL HG13 H N N 383 
VAL HG21 H N N 384 
VAL HG22 H N N 385 
VAL HG23 H N N 386 
VAL HXT  H N N 387 
VO4 V    V N N 388 
VO4 O1   O N N 389 
VO4 O2   O N N 390 
VO4 O3   O N N 391 
VO4 O4   O N N 392 
# 
loop_
_chem_comp_bond.comp_id 
_chem_comp_bond.atom_id_1 
_chem_comp_bond.atom_id_2 
_chem_comp_bond.value_order 
_chem_comp_bond.pdbx_aromatic_flag 
_chem_comp_bond.pdbx_stereo_config 
_chem_comp_bond.pdbx_ordinal 
ALA N   CA   sing N N 1   
ALA N   H    sing N N 2   
ALA N   H2   sing N N 3   
ALA CA  C    sing N N 4   
ALA CA  CB   sing N N 5   
ALA CA  HA   sing N N 6   
ALA C   O    doub N N 7   
ALA C   OXT  sing N N 8   
ALA CB  HB1  sing N N 9   
ALA CB  HB2  sing N N 10  
ALA CB  HB3  sing N N 11  
ALA OXT HXT  sing N N 12  
ARG N   CA   sing N N 13  
ARG N   H    sing N N 14  
ARG N   H2   sing N N 15  
ARG CA  C    sing N N 16  
ARG CA  CB   sing N N 17  
ARG CA  HA   sing N N 18  
ARG C   O    doub N N 19  
ARG C   OXT  sing N N 20  
ARG CB  CG   sing N N 21  
ARG CB  HB2  sing N N 22  
ARG CB  HB3  sing N N 23  
ARG CG  CD   sing N N 24  
ARG CG  HG2  sing N N 25  
ARG CG  HG3  sing N N 26  
ARG CD  NE   sing N N 27  
ARG CD  HD2  sing N N 28  
ARG CD  HD3  sing N N 29  
ARG NE  CZ   sing N N 30  
ARG NE  HE   sing N N 31  
ARG CZ  NH1  sing N N 32  
ARG CZ  NH2  doub N N 33  
ARG NH1 HH11 sing N N 34  
ARG NH1 HH12 sing N N 35  
ARG NH2 HH21 sing N N 36  
ARG NH2 HH22 sing N N 37  
ARG OXT HXT  sing N N 38  
ASN N   CA   sing N N 39  
ASN N   H    sing N N 40  
ASN N   H2   sing N N 41  
ASN CA  C    sing N N 42  
ASN CA  CB   sing N N 43  
ASN CA  HA   sing N N 44  
ASN C   O    doub N N 45  
ASN C   OXT  sing N N 46  
ASN CB  CG   sing N N 47  
ASN CB  HB2  sing N N 48  
ASN CB  HB3  sing N N 49  
ASN CG  OD1  doub N N 50  
ASN CG  ND2  sing N N 51  
ASN ND2 HD21 sing N N 52  
ASN ND2 HD22 sing N N 53  
ASN OXT HXT  sing N N 54  
ASP N   CA   sing N N 55  
ASP N   H    sing N N 56  
ASP N   H2   sing N N 57  
ASP CA  C    sing N N 58  
ASP CA  CB   sing N N 59  
ASP CA  HA   sing N N 60  
ASP C   O    doub N N 61  
ASP C   OXT  sing N N 62  
ASP CB  CG   sing N N 63  
ASP CB  HB2  sing N N 64  
ASP CB  HB3  sing N N 65  
ASP CG  OD1  doub N N 66  
ASP CG  OD2  sing N N 67  
ASP OD2 HD2  sing N N 68  
ASP OXT HXT  sing N N 69  
CYS N   CA   sing N N 70  
CYS N   H    sing N N 71  
CYS N   H2   sing N N 72  
CYS CA  C    sing N N 73  
CYS CA  CB   sing N N 74  
CYS CA  HA   sing N N 75  
CYS C   O    doub N N 76  
CYS C   OXT  sing N N 77  
CYS CB  SG   sing N N 78  
CYS CB  HB2  sing N N 79  
CYS CB  HB3  sing N N 80  
CYS SG  HG   sing N N 81  
CYS OXT HXT  sing N N 82  
GLN N   CA   sing N N 83  
GLN N   H    sing N N 84  
GLN N   H2   sing N N 85  
GLN CA  C    sing N N 86  
GLN CA  CB   sing N N 87  
GLN CA  HA   sing N N 88  
GLN C   O    doub N N 89  
GLN C   OXT  sing N N 90  
GLN CB  CG   sing N N 91  
GLN CB  HB2  sing N N 92  
GLN CB  HB3  sing N N 93  
GLN CG  CD   sing N N 94  
GLN CG  HG2  sing N N 95  
GLN CG  HG3  sing N N 96  
GLN CD  OE1  doub N N 97  
GLN CD  NE2  sing N N 98  
GLN NE2 HE21 sing N N 99  
GLN NE2 HE22 sing N N 100 
GLN OXT HXT  sing N N 101 
GLU N   CA   sing N N 102 
GLU N   H    sing N N 103 
GLU N   H2   sing N N 104 
GLU CA  C    sing N N 105 
GLU CA  CB   sing N N 106 
GLU CA  HA   sing N N 107 
GLU C   O    doub N N 108 
GLU C   OXT  sing N N 109 
GLU CB  CG   sing N N 110 
GLU CB  HB2  sing N N 111 
GLU CB  HB3  sing N N 112 
GLU CG  CD   sing N N 113 
GLU CG  HG2  sing N N 114 
GLU CG  HG3  sing N N 115 
GLU CD  OE1  doub N N 116 
GLU CD  OE2  sing N N 117 
GLU OE2 HE2  sing N N 118 
GLU OXT HXT  sing N N 119 
GLY N   CA   sing N N 120 
GLY N   H    sing N N 121 
GLY N   H2   sing N N 122 
GLY CA  C    sing N N 123 
GLY CA  HA2  sing N N 124 
GLY CA  HA3  sing N N 125 
GLY C   O    doub N N 126 
GLY C   OXT  sing N N 127 
GLY OXT HXT  sing N N 128 
HIS N   CA   sing N N 129 
HIS N   H    sing N N 130 
HIS N   H2   sing N N 131 
HIS CA  C    sing N N 132 
HIS CA  CB   sing N N 133 
HIS CA  HA   sing N N 134 
HIS C   O    doub N N 135 
HIS C   OXT  sing N N 136 
HIS CB  CG   sing N N 137 
HIS CB  HB2  sing N N 138 
HIS CB  HB3  sing N N 139 
HIS CG  ND1  sing Y N 140 
HIS CG  CD2  doub Y N 141 
HIS ND1 CE1  doub Y N 142 
HIS ND1 HD1  sing N N 143 
HIS CD2 NE2  sing Y N 144 
HIS CD2 HD2  sing N N 145 
HIS CE1 NE2  sing Y N 146 
HIS CE1 HE1  sing N N 147 
HIS NE2 HE2  sing N N 148 
HIS OXT HXT  sing N N 149 
ILE N   CA   sing N N 150 
ILE N   H    sing N N 151 
ILE N   H2   sing N N 152 
ILE CA  C    sing N N 153 
ILE CA  CB   sing N N 154 
ILE CA  HA   sing N N 155 
ILE C   O    doub N N 156 
ILE C   OXT  sing N N 157 
ILE CB  CG1  sing N N 158 
ILE CB  CG2  sing N N 159 
ILE CB  HB   sing N N 160 
ILE CG1 CD1  sing N N 161 
ILE CG1 HG12 sing N N 162 
ILE CG1 HG13 sing N N 163 
ILE CG2 HG21 sing N N 164 
ILE CG2 HG22 sing N N 165 
ILE CG2 HG23 sing N N 166 
ILE CD1 HD11 sing N N 167 
ILE CD1 HD12 sing N N 168 
ILE CD1 HD13 sing N N 169 
ILE OXT HXT  sing N N 170 
LEU N   CA   sing N N 171 
LEU N   H    sing N N 172 
LEU N   H2   sing N N 173 
LEU CA  C    sing N N 174 
LEU CA  CB   sing N N 175 
LEU CA  HA   sing N N 176 
LEU C   O    doub N N 177 
LEU C   OXT  sing N N 178 
LEU CB  CG   sing N N 179 
LEU CB  HB2  sing N N 180 
LEU CB  HB3  sing N N 181 
LEU CG  CD1  sing N N 182 
LEU CG  CD2  sing N N 183 
LEU CG  HG   sing N N 184 
LEU CD1 HD11 sing N N 185 
LEU CD1 HD12 sing N N 186 
LEU CD1 HD13 sing N N 187 
LEU CD2 HD21 sing N N 188 
LEU CD2 HD22 sing N N 189 
LEU CD2 HD23 sing N N 190 
LEU OXT HXT  sing N N 191 
LYS N   CA   sing N N 192 
LYS N   H    sing N N 193 
LYS N   H2   sing N N 194 
LYS CA  C    sing N N 195 
LYS CA  CB   sing N N 196 
LYS CA  HA   sing N N 197 
LYS C   O    doub N N 198 
LYS C   OXT  sing N N 199 
LYS CB  CG   sing N N 200 
LYS CB  HB2  sing N N 201 
LYS CB  HB3  sing N N 202 
LYS CG  CD   sing N N 203 
LYS CG  HG2  sing N N 204 
LYS CG  HG3  sing N N 205 
LYS CD  CE   sing N N 206 
LYS CD  HD2  sing N N 207 
LYS CD  HD3  sing N N 208 
LYS CE  NZ   sing N N 209 
LYS CE  HE2  sing N N 210 
LYS CE  HE3  sing N N 211 
LYS NZ  HZ1  sing N N 212 
LYS NZ  HZ2  sing N N 213 
LYS NZ  HZ3  sing N N 214 
LYS OXT HXT  sing N N 215 
MET N   CA   sing N N 216 
MET N   H    sing N N 217 
MET N   H2   sing N N 218 
MET CA  C    sing N N 219 
MET CA  CB   sing N N 220 
MET CA  HA   sing N N 221 
MET C   O    doub N N 222 
MET C   OXT  sing N N 223 
MET CB  CG   sing N N 224 
MET CB  HB2  sing N N 225 
MET CB  HB3  sing N N 226 
MET CG  SD   sing N N 227 
MET CG  HG2  sing N N 228 
MET CG  HG3  sing N N 229 
MET SD  CE   sing N N 230 
MET CE  HE1  sing N N 231 
MET CE  HE2  sing N N 232 
MET CE  HE3  sing N N 233 
MET OXT HXT  sing N N 234 
PHE N   CA   sing N N 235 
PHE N   H    sing N N 236 
PHE N   H2   sing N N 237 
PHE CA  C    sing N N 238 
PHE CA  CB   sing N N 239 
PHE CA  HA   sing N N 240 
PHE C   O    doub N N 241 
PHE C   OXT  sing N N 242 
PHE CB  CG   sing N N 243 
PHE CB  HB2  sing N N 244 
PHE CB  HB3  sing N N 245 
PHE CG  CD1  doub Y N 246 
PHE CG  CD2  sing Y N 247 
PHE CD1 CE1  sing Y N 248 
PHE CD1 HD1  sing N N 249 
PHE CD2 CE2  doub Y N 250 
PHE CD2 HD2  sing N N 251 
PHE CE1 CZ   doub Y N 252 
PHE CE1 HE1  sing N N 253 
PHE CE2 CZ   sing Y N 254 
PHE CE2 HE2  sing N N 255 
PHE CZ  HZ   sing N N 256 
PHE OXT HXT  sing N N 257 
PRO N   CA   sing N N 258 
PRO N   CD   sing N N 259 
PRO N   H    sing N N 260 
PRO CA  C    sing N N 261 
PRO CA  CB   sing N N 262 
PRO CA  HA   sing N N 263 
PRO C   O    doub N N 264 
PRO C   OXT  sing N N 265 
PRO CB  CG   sing N N 266 
PRO CB  HB2  sing N N 267 
PRO CB  HB3  sing N N 268 
PRO CG  CD   sing N N 269 
PRO CG  HG2  sing N N 270 
PRO CG  HG3  sing N N 271 
PRO CD  HD2  sing N N 272 
PRO CD  HD3  sing N N 273 
PRO OXT HXT  sing N N 274 
SER N   CA   sing N N 275 
SER N   H    sing N N 276 
SER N   H2   sing N N 277 
SER CA  C    sing N N 278 
SER CA  CB   sing N N 279 
SER CA  HA   sing N N 280 
SER C   O    doub N N 281 
SER C   OXT  sing N N 282 
SER CB  OG   sing N N 283 
SER CB  HB2  sing N N 284 
SER CB  HB3  sing N N 285 
SER OG  HG   sing N N 286 
SER OXT HXT  sing N N 287 
THR N   CA   sing N N 288 
THR N   H    sing N N 289 
THR N   H2   sing N N 290 
THR CA  C    sing N N 291 
THR CA  CB   sing N N 292 
THR CA  HA   sing N N 293 
THR C   O    doub N N 294 
THR C   OXT  sing N N 295 
THR CB  OG1  sing N N 296 
THR CB  CG2  sing N N 297 
THR CB  HB   sing N N 298 
THR OG1 HG1  sing N N 299 
THR CG2 HG21 sing N N 300 
THR CG2 HG22 sing N N 301 
THR CG2 HG23 sing N N 302 
THR OXT HXT  sing N N 303 
TRP N   CA   sing N N 304 
TRP N   H    sing N N 305 
TRP N   H2   sing N N 306 
TRP CA  C    sing N N 307 
TRP CA  CB   sing N N 308 
TRP CA  HA   sing N N 309 
TRP C   O    doub N N 310 
TRP C   OXT  sing N N 311 
TRP CB  CG   sing N N 312 
TRP CB  HB2  sing N N 313 
TRP CB  HB3  sing N N 314 
TRP CG  CD1  doub Y N 315 
TRP CG  CD2  sing Y N 316 
TRP CD1 NE1  sing Y N 317 
TRP CD1 HD1  sing N N 318 
TRP CD2 CE2  doub Y N 319 
TRP CD2 CE3  sing Y N 320 
TRP NE1 CE2  sing Y N 321 
TRP NE1 HE1  sing N N 322 
TRP CE2 CZ2  sing Y N 323 
TRP CE3 CZ3  doub Y N 324 
TRP CE3 HE3  sing N N 325 
TRP CZ2 CH2  doub Y N 326 
TRP CZ2 HZ2  sing N N 327 
TRP CZ3 CH2  sing Y N 328 
TRP CZ3 HZ3  sing N N 329 
TRP CH2 HH2  sing N N 330 
TRP OXT HXT  sing N N 331 
TYR N   CA   sing N N 332 
TYR N   H    sing N N 333 
TYR N   H2   sing N N 334 
TYR CA  C    sing N N 335 
TYR CA  CB   sing N N 336 
TYR CA  HA   sing N N 337 
TYR C   O    doub N N 338 
TYR C   OXT  sing N N 339 
TYR CB  CG   sing N N 340 
TYR CB  HB2  sing N N 341 
TYR CB  HB3  sing N N 342 
TYR CG  CD1  doub Y N 343 
TYR CG  CD2  sing Y N 344 
TYR CD1 CE1  sing Y N 345 
TYR CD1 HD1  sing N N 346 
TYR CD2 CE2  doub Y N 347 
TYR CD2 HD2  sing N N 348 
TYR CE1 CZ   doub Y N 349 
TYR CE1 HE1  sing N N 350 
TYR CE2 CZ   sing Y N 351 
TYR CE2 HE2  sing N N 352 
TYR CZ  OH   sing N N 353 
TYR OH  HH   sing N N 354 
TYR OXT HXT  sing N N 355 
VAL N   CA   sing N N 356 
VAL N   H    sing N N 357 
VAL N   H2   sing N N 358 
VAL CA  C    sing N N 359 
VAL CA  CB   sing N N 360 
VAL CA  HA   sing N N 361 
VAL C   O    doub N N 362 
VAL C   OXT  sing N N 363 
VAL CB  CG1  sing N N 364 
VAL CB  CG2  sing N N 365 
VAL CB  HB   sing N N 366 
VAL CG1 HG11 sing N N 367 
VAL CG1 HG12 sing N N 368 
VAL CG1 HG13 sing N N 369 
VAL CG2 HG21 sing N N 370 
VAL CG2 HG22 sing N N 371 
VAL CG2 HG23 sing N N 372 
VAL OXT HXT  sing N N 373 
VO4 V   O1   doub N N 374 
VO4 V   O2   sing N N 375 
VO4 V   O3   sing N N 376 
VO4 V   O4   sing N N 377 
# 
_pdbx_entity_nonpoly.entity_id   2 
_pdbx_entity_nonpoly.name        'VANADATE ION' 
_pdbx_entity_nonpoly.comp_id     VO4 
# 
_pdbx_initial_refinement_model.id               1 
_pdbx_initial_refinement_model.entity_id_list   ? 
_pdbx_initial_refinement_model.type             'experimental model' 
_pdbx_initial_refinement_model.source_name      PDB 
_pdbx_initial_refinement_model.accession_code   1DG9 
_pdbx_initial_refinement_model.details          'PDB entry 1DG9' 
# 
